data_2MFM
# 
_entry.id   2MFM 
# 
_audit_conform.dict_name       mmcif_pdbx.dic 
_audit_conform.dict_version    5.403 
_audit_conform.dict_location   http://mmcif.pdb.org/dictionaries/ascii/mmcif_pdbx.dic 
# 
loop_
_database_2.database_id 
_database_2.database_code 
_database_2.pdbx_database_accession 
_database_2.pdbx_DOI 
PDB   2MFM         pdb_00002mfm 10.2210/pdb2mfm/pdb 
RCSB  RCSB103570   ?            ?                   
BMRB  19555        ?            10.13018/BMR19555   
WWPDB D_1000103570 ?            ?                   
# 
loop_
_pdbx_audit_revision_history.ordinal 
_pdbx_audit_revision_history.data_content_type 
_pdbx_audit_revision_history.major_revision 
_pdbx_audit_revision_history.minor_revision 
_pdbx_audit_revision_history.revision_date 
_pdbx_audit_revision_history.part_number 
1 'Structure model' 1 0 2013-12-11 ? 
2 'Structure model' 1 1 2013-12-25 ? 
3 'Structure model' 1 2 2025-03-26 ? 
# 
_pdbx_audit_revision_details.ordinal             1 
_pdbx_audit_revision_details.revision_ordinal    1 
_pdbx_audit_revision_details.data_content_type   'Structure model' 
_pdbx_audit_revision_details.provider            repository 
_pdbx_audit_revision_details.type                'Initial release' 
_pdbx_audit_revision_details.description         ? 
_pdbx_audit_revision_details.details             ? 
# 
loop_
_pdbx_audit_revision_group.ordinal 
_pdbx_audit_revision_group.revision_ordinal 
_pdbx_audit_revision_group.data_content_type 
_pdbx_audit_revision_group.group 
1 2 'Structure model' 'Database references'  
2 3 'Structure model' 'Data collection'      
3 3 'Structure model' 'Database references'  
4 3 'Structure model' 'Derived calculations' 
5 3 'Structure model' 'Structure summary'    
# 
loop_
_pdbx_audit_revision_category.ordinal 
_pdbx_audit_revision_category.revision_ordinal 
_pdbx_audit_revision_category.data_content_type 
_pdbx_audit_revision_category.category 
1 3 'Structure model' chem_comp_atom            
2 3 'Structure model' chem_comp_bond            
3 3 'Structure model' database_2                
4 3 'Structure model' pdbx_entry_details        
5 3 'Structure model' pdbx_modification_feature 
6 3 'Structure model' pdbx_nmr_spectrometer     
7 3 'Structure model' struct_conn               
# 
loop_
_pdbx_audit_revision_item.ordinal 
_pdbx_audit_revision_item.revision_ordinal 
_pdbx_audit_revision_item.data_content_type 
_pdbx_audit_revision_item.item 
1 3 'Structure model' '_database_2.pdbx_DOI'                
2 3 'Structure model' '_database_2.pdbx_database_accession' 
3 3 'Structure model' '_pdbx_nmr_spectrometer.model'        
4 3 'Structure model' '_struct_conn.pdbx_leaving_atom_flag' 
# 
_pdbx_database_status.deposit_site                    BMRB 
_pdbx_database_status.entry_id                        2MFM 
_pdbx_database_status.process_site                    RCSB 
_pdbx_database_status.recvd_initial_deposition_date   2013-10-14 
_pdbx_database_status.SG_entry                        ? 
_pdbx_database_status.status_code                     REL 
_pdbx_database_status.status_code_mr                  REL 
_pdbx_database_status.status_code_sf                  ? 
_pdbx_database_status.status_code_cs                  REL 
_pdbx_database_status.methods_development_category    ? 
_pdbx_database_status.pdb_format_compatible           Y 
_pdbx_database_status.status_code_nmr_data            ? 
# 
loop_
_pdbx_database_related.db_id 
_pdbx_database_related.db_name 
_pdbx_database_related.content_type 
_pdbx_database_related.details 
19555 BMRB unspecified . 
2MFO  PDB  unspecified . 
# 
loop_
_audit_author.name 
_audit_author.pdbx_ordinal 
'Bobay, B.G.'   1 
'DiGennaro, P.' 2 
'Bird, D.M.'    3 
# 
_citation.id                        primary 
_citation.title                     'Solution NMR studies of the plant peptide hormone CEP inform function.' 
_citation.journal_abbrev            'Febs Lett.' 
_citation.journal_volume            587 
_citation.page_first                3979 
_citation.page_last                 3985 
_citation.year                      2013 
_citation.journal_id_ASTM           FEBLAL 
_citation.country                   NE 
_citation.journal_id_ISSN           0014-5793 
_citation.journal_id_CSD            0165 
_citation.book_publisher            ? 
_citation.pdbx_database_id_PubMed   24211833 
_citation.pdbx_database_id_DOI      10.1016/j.febslet.2013.10.033 
# 
loop_
_citation_author.citation_id 
_citation_author.name 
_citation_author.ordinal 
_citation_author.identifier_ORCID 
primary 'Bobay, B.G.'      1 ? 
primary 'Digennaro, P.'    2 ? 
primary 'Scholl, E.'       3 ? 
primary 'Imin, N.'         4 ? 
primary 'Djordjevic, M.A.' 5 ? 
primary 'McK Bird, D.'     6 ? 
# 
_entity.id                         1 
_entity.type                       polymer 
_entity.src_method                 syn 
_entity.pdbx_description           CEP11 
_entity.formula_weight             1522.644 
_entity.pdbx_number_of_molecules   1 
_entity.pdbx_ec                    ? 
_entity.pdbx_mutation              ? 
_entity.pdbx_fragment              ? 
_entity.details                    ? 
# 
_entity_poly.entity_id                      1 
_entity_poly.type                           'polypeptide(L)' 
_entity_poly.nstd_linkage                   no 
_entity_poly.nstd_monomer                   yes 
_entity_poly.pdbx_seq_one_letter_code       'AFR(HZP)TAPGHS(HZP)GVGH' 
_entity_poly.pdbx_seq_one_letter_code_can   AFRPTAPGHSPGVGH 
_entity_poly.pdbx_strand_id                 A 
_entity_poly.pdbx_target_identifier         ? 
# 
loop_
_entity_poly_seq.entity_id 
_entity_poly_seq.num 
_entity_poly_seq.mon_id 
_entity_poly_seq.hetero 
1 1  ALA n 
1 2  PHE n 
1 3  ARG n 
1 4  HZP n 
1 5  THR n 
1 6  ALA n 
1 7  PRO n 
1 8  GLY n 
1 9  HIS n 
1 10 SER n 
1 11 HZP n 
1 12 GLY n 
1 13 VAL n 
1 14 GLY n 
1 15 HIS n 
# 
_pdbx_entity_src_syn.entity_id              1 
_pdbx_entity_src_syn.pdbx_src_id            1 
_pdbx_entity_src_syn.pdbx_alt_source_flag   sample 
_pdbx_entity_src_syn.pdbx_beg_seq_num       ? 
_pdbx_entity_src_syn.pdbx_end_seq_num       ? 
_pdbx_entity_src_syn.organism_scientific    'Meloidogyne hapla' 
_pdbx_entity_src_syn.organism_common_name   ? 
_pdbx_entity_src_syn.ncbi_taxonomy_id       6305 
_pdbx_entity_src_syn.details                'Synthetic peptide with modification of hydroxy-proline at positions 4 and 11' 
# 
loop_
_chem_comp.id 
_chem_comp.type 
_chem_comp.mon_nstd_flag 
_chem_comp.name 
_chem_comp.pdbx_synonyms 
_chem_comp.formula 
_chem_comp.formula_weight 
ALA 'L-peptide linking' y ALANINE                    ? 'C3 H7 N O2'     89.093  
ARG 'L-peptide linking' y ARGININE                   ? 'C6 H15 N4 O2 1' 175.209 
GLY 'peptide linking'   y GLYCINE                    ? 'C2 H5 N O2'     75.067  
HIS 'L-peptide linking' y HISTIDINE                  ? 'C6 H10 N3 O2 1' 156.162 
HZP 'L-peptide linking' n '(4S)-4-hydroxy-L-proline' ? 'C5 H9 N O3'     131.130 
PHE 'L-peptide linking' y PHENYLALANINE              ? 'C9 H11 N O2'    165.189 
PRO 'L-peptide linking' y PROLINE                    ? 'C5 H9 N O2'     115.130 
SER 'L-peptide linking' y SERINE                     ? 'C3 H7 N O3'     105.093 
THR 'L-peptide linking' y THREONINE                  ? 'C4 H9 N O3'     119.119 
VAL 'L-peptide linking' y VALINE                     ? 'C5 H11 N O2'    117.146 
# 
loop_
_pdbx_poly_seq_scheme.asym_id 
_pdbx_poly_seq_scheme.entity_id 
_pdbx_poly_seq_scheme.seq_id 
_pdbx_poly_seq_scheme.mon_id 
_pdbx_poly_seq_scheme.ndb_seq_num 
_pdbx_poly_seq_scheme.pdb_seq_num 
_pdbx_poly_seq_scheme.auth_seq_num 
_pdbx_poly_seq_scheme.pdb_mon_id 
_pdbx_poly_seq_scheme.auth_mon_id 
_pdbx_poly_seq_scheme.pdb_strand_id 
_pdbx_poly_seq_scheme.pdb_ins_code 
_pdbx_poly_seq_scheme.hetero 
A 1 1  ALA 1  1  1  ALA ALA A . n 
A 1 2  PHE 2  2  2  PHE PHE A . n 
A 1 3  ARG 3  3  3  ARG ARG A . n 
A 1 4  HZP 4  4  4  HZP HZP A . n 
A 1 5  THR 5  5  5  THR THR A . n 
A 1 6  ALA 6  6  6  ALA ALA A . n 
A 1 7  PRO 7  7  7  PRO PRO A . n 
A 1 8  GLY 8  8  8  GLY GLY A . n 
A 1 9  HIS 9  9  9  HIS HIS A . n 
A 1 10 SER 10 10 10 SER SER A . n 
A 1 11 HZP 11 11 11 HZP HZP A . n 
A 1 12 GLY 12 12 12 GLY GLY A . n 
A 1 13 VAL 13 13 13 VAL VAL A . n 
A 1 14 GLY 14 14 14 GLY GLY A . n 
A 1 15 HIS 15 15 15 HIS HIS A . n 
# 
_exptl.absorpt_coefficient_mu     ? 
_exptl.absorpt_correction_T_max   ? 
_exptl.absorpt_correction_T_min   ? 
_exptl.absorpt_correction_type    ? 
_exptl.absorpt_process_details    ? 
_exptl.crystals_number            ? 
_exptl.details                    ? 
_exptl.entry_id                   2MFM 
_exptl.method                     'SOLUTION NMR' 
_exptl.method_details             ? 
# 
_struct.entry_id                  2MFM 
_struct.title                     
'Solution structure of the C-terminally encoded peptide of the plant parasitic nematode Meloidogyne hapla - CEP11' 
_struct.pdbx_model_details        'lowest energy, model1' 
_struct.pdbx_CASP_flag            ? 
_struct.pdbx_model_type_details   ? 
# 
_struct_keywords.entry_id        2MFM 
_struct_keywords.pdbx_keywords   HORMONE 
_struct_keywords.text            'CEP, Meloidogyne, root-knot nematode, CLE, HORMONE' 
# 
_struct_asym.id                            A 
_struct_asym.pdbx_blank_PDB_chainid_flag   N 
_struct_asym.pdbx_modified                 N 
_struct_asym.entity_id                     1 
_struct_asym.details                       ? 
# 
_struct_ref.id                         1 
_struct_ref.db_name                    PDB 
_struct_ref.db_code                    2MFM 
_struct_ref.pdbx_db_accession          2MFM 
_struct_ref.entity_id                  1 
_struct_ref.pdbx_align_begin           ? 
_struct_ref.pdbx_seq_one_letter_code   ? 
_struct_ref.pdbx_db_isoform            ? 
# 
_struct_ref_seq.align_id                      1 
_struct_ref_seq.ref_id                        1 
_struct_ref_seq.pdbx_PDB_id_code              2MFM 
_struct_ref_seq.pdbx_strand_id                A 
_struct_ref_seq.seq_align_beg                 1 
_struct_ref_seq.pdbx_seq_align_beg_ins_code   ? 
_struct_ref_seq.seq_align_end                 15 
_struct_ref_seq.pdbx_seq_align_end_ins_code   ? 
_struct_ref_seq.pdbx_db_accession             2MFM 
_struct_ref_seq.db_align_beg                  1 
_struct_ref_seq.pdbx_db_align_beg_ins_code    ? 
_struct_ref_seq.db_align_end                  15 
_struct_ref_seq.pdbx_db_align_end_ins_code    ? 
_struct_ref_seq.pdbx_auth_seq_align_beg       1 
_struct_ref_seq.pdbx_auth_seq_align_end       15 
# 
_pdbx_struct_assembly.id                   1 
_pdbx_struct_assembly.details              author_defined_assembly 
_pdbx_struct_assembly.method_details       ? 
_pdbx_struct_assembly.oligomeric_details   monomeric 
_pdbx_struct_assembly.oligomeric_count     1 
# 
_pdbx_struct_assembly_gen.assembly_id       1 
_pdbx_struct_assembly_gen.oper_expression   1 
_pdbx_struct_assembly_gen.asym_id_list      A 
# 
_pdbx_struct_oper_list.id                   1 
_pdbx_struct_oper_list.type                 'identity operation' 
_pdbx_struct_oper_list.name                 1_555 
_pdbx_struct_oper_list.symmetry_operation   x,y,z 
_pdbx_struct_oper_list.matrix[1][1]         1.0000000000 
_pdbx_struct_oper_list.matrix[1][2]         0.0000000000 
_pdbx_struct_oper_list.matrix[1][3]         0.0000000000 
_pdbx_struct_oper_list.vector[1]            0.0000000000 
_pdbx_struct_oper_list.matrix[2][1]         0.0000000000 
_pdbx_struct_oper_list.matrix[2][2]         1.0000000000 
_pdbx_struct_oper_list.matrix[2][3]         0.0000000000 
_pdbx_struct_oper_list.vector[2]            0.0000000000 
_pdbx_struct_oper_list.matrix[3][1]         0.0000000000 
_pdbx_struct_oper_list.matrix[3][2]         0.0000000000 
_pdbx_struct_oper_list.matrix[3][3]         1.0000000000 
_pdbx_struct_oper_list.vector[3]            0.0000000000 
# 
_struct_biol.id        1 
_struct_biol.details   ? 
# 
loop_
_struct_conn.id 
_struct_conn.conn_type_id 
_struct_conn.pdbx_leaving_atom_flag 
_struct_conn.pdbx_PDB_id 
_struct_conn.ptnr1_label_asym_id 
_struct_conn.ptnr1_label_comp_id 
_struct_conn.ptnr1_label_seq_id 
_struct_conn.ptnr1_label_atom_id 
_struct_conn.pdbx_ptnr1_label_alt_id 
_struct_conn.pdbx_ptnr1_PDB_ins_code 
_struct_conn.pdbx_ptnr1_standard_comp_id 
_struct_conn.ptnr1_symmetry 
_struct_conn.ptnr2_label_asym_id 
_struct_conn.ptnr2_label_comp_id 
_struct_conn.ptnr2_label_seq_id 
_struct_conn.ptnr2_label_atom_id 
_struct_conn.pdbx_ptnr2_label_alt_id 
_struct_conn.pdbx_ptnr2_PDB_ins_code 
_struct_conn.ptnr1_auth_asym_id 
_struct_conn.ptnr1_auth_comp_id 
_struct_conn.ptnr1_auth_seq_id 
_struct_conn.ptnr2_auth_asym_id 
_struct_conn.ptnr2_auth_comp_id 
_struct_conn.ptnr2_auth_seq_id 
_struct_conn.ptnr2_symmetry 
_struct_conn.pdbx_ptnr3_label_atom_id 
_struct_conn.pdbx_ptnr3_label_seq_id 
_struct_conn.pdbx_ptnr3_label_comp_id 
_struct_conn.pdbx_ptnr3_label_asym_id 
_struct_conn.pdbx_ptnr3_label_alt_id 
_struct_conn.pdbx_ptnr3_PDB_ins_code 
_struct_conn.details 
_struct_conn.pdbx_dist_value 
_struct_conn.pdbx_value_order 
_struct_conn.pdbx_role 
covale1 covale both ? A ARG 3  C ? ? ? 1_555 A HZP 4  N ? ? A ARG 3  A HZP 4  1_555 ? ? ? ? ? ? ? 1.352 ? ? 
covale2 covale both ? A HZP 4  C ? ? ? 1_555 A THR 5  N ? ? A HZP 4  A THR 5  1_555 ? ? ? ? ? ? ? 1.321 ? ? 
covale3 covale both ? A SER 10 C ? ? ? 1_555 A HZP 11 N ? ? A SER 10 A HZP 11 1_555 ? ? ? ? ? ? ? 1.360 ? ? 
covale4 covale both ? A HZP 11 C ? ? ? 1_555 A GLY 12 N ? ? A HZP 11 A GLY 12 1_555 ? ? ? ? ? ? ? 1.328 ? ? 
# 
_struct_conn_type.id          covale 
_struct_conn_type.criteria    ? 
_struct_conn_type.reference   ? 
# 
loop_
_pdbx_modification_feature.ordinal 
_pdbx_modification_feature.label_comp_id 
_pdbx_modification_feature.label_asym_id 
_pdbx_modification_feature.label_seq_id 
_pdbx_modification_feature.label_alt_id 
_pdbx_modification_feature.modified_residue_label_comp_id 
_pdbx_modification_feature.modified_residue_label_asym_id 
_pdbx_modification_feature.modified_residue_label_seq_id 
_pdbx_modification_feature.modified_residue_label_alt_id 
_pdbx_modification_feature.auth_comp_id 
_pdbx_modification_feature.auth_asym_id 
_pdbx_modification_feature.auth_seq_id 
_pdbx_modification_feature.PDB_ins_code 
_pdbx_modification_feature.symmetry 
_pdbx_modification_feature.modified_residue_auth_comp_id 
_pdbx_modification_feature.modified_residue_auth_asym_id 
_pdbx_modification_feature.modified_residue_auth_seq_id 
_pdbx_modification_feature.modified_residue_PDB_ins_code 
_pdbx_modification_feature.modified_residue_symmetry 
_pdbx_modification_feature.comp_id_linking_atom 
_pdbx_modification_feature.modified_residue_id_linking_atom 
_pdbx_modification_feature.modified_residue_id 
_pdbx_modification_feature.ref_pcm_id 
_pdbx_modification_feature.ref_comp_id 
_pdbx_modification_feature.type 
_pdbx_modification_feature.category 
1 HZP A 4  ? . . . . HZP A 4  ? 1_555 . . . . . . . PRO 1 HZP Hydroxylation 'Named protein modification' 
2 HZP A 11 ? . . . . HZP A 11 ? 1_555 . . . . . . . PRO 1 HZP Hydroxylation 'Named protein modification' 
# 
_pdbx_entry_details.entry_id                   2MFM 
_pdbx_entry_details.compound_details           ? 
_pdbx_entry_details.source_details             ? 
_pdbx_entry_details.nonpolymer_details         ? 
_pdbx_entry_details.sequence_details           ? 
_pdbx_entry_details.has_ligand_of_interest     ? 
_pdbx_entry_details.has_protein_modification   Y 
# 
loop_
_pdbx_validate_torsion.id 
_pdbx_validate_torsion.PDB_model_num 
_pdbx_validate_torsion.auth_comp_id 
_pdbx_validate_torsion.auth_asym_id 
_pdbx_validate_torsion.auth_seq_id 
_pdbx_validate_torsion.PDB_ins_code 
_pdbx_validate_torsion.label_alt_id 
_pdbx_validate_torsion.phi 
_pdbx_validate_torsion.psi 
1  1  PRO A 7  ? ? -55.99  93.85   
2  3  PHE A 2  ? ? 60.11   65.17   
3  3  PRO A 7  ? ? -57.64  97.62   
4  4  PRO A 7  ? ? -56.25  99.73   
5  4  HZP A 11 ? ? -51.17  -78.92  
6  5  ALA A 6  ? ? 55.98   74.57   
7  5  PRO A 7  ? ? -51.56  94.38   
8  6  HZP A 4  ? ? -74.93  46.43   
9  6  ALA A 6  ? ? 57.25   73.69   
10 6  HIS A 9  ? ? -87.53  -81.59  
11 7  ALA A 6  ? ? 57.75   73.62   
12 7  HIS A 9  ? ? -82.01  -70.87  
13 8  ALA A 6  ? ? 52.29   73.59   
14 8  HIS A 9  ? ? 71.67   -61.70  
15 8  VAL A 13 ? ? -67.95  83.10   
16 9  HZP A 4  ? ? -68.33  51.00   
17 9  ALA A 6  ? ? 66.23   94.91   
18 9  HIS A 9  ? ? -174.23 -47.35  
19 9  SER A 10 ? ? -167.04 -47.83  
20 9  HZP A 11 ? ? -22.82  -69.51  
21 10 HZP A 4  ? ? -75.16  46.12   
22 10 HIS A 9  ? ? -97.02  -105.56 
# 
loop_
_pdbx_struct_mod_residue.id 
_pdbx_struct_mod_residue.label_asym_id 
_pdbx_struct_mod_residue.label_comp_id 
_pdbx_struct_mod_residue.label_seq_id 
_pdbx_struct_mod_residue.auth_asym_id 
_pdbx_struct_mod_residue.auth_comp_id 
_pdbx_struct_mod_residue.auth_seq_id 
_pdbx_struct_mod_residue.PDB_ins_code 
_pdbx_struct_mod_residue.parent_comp_id 
_pdbx_struct_mod_residue.details 
1 A HZP 4  A HZP 4  ? PRO '(4S)-4-HYDROXY-L-PROLINE' 
2 A HZP 11 A HZP 11 ? PRO '(4S)-4-HYDROXY-L-PROLINE' 
# 
_pdbx_nmr_ensemble.average_constraint_violations_per_residue     ? 
_pdbx_nmr_ensemble.average_constraints_per_residue               ? 
_pdbx_nmr_ensemble.average_distance_constraint_violation         ? 
_pdbx_nmr_ensemble.average_torsion_angle_constraint_violation    ? 
_pdbx_nmr_ensemble.conformer_selection_criteria                  'structures with the lowest energy' 
_pdbx_nmr_ensemble.conformers_calculated_total_number            10 
_pdbx_nmr_ensemble.conformers_submitted_total_number             10 
_pdbx_nmr_ensemble.distance_constraint_violation_method          ? 
_pdbx_nmr_ensemble.entry_id                                      2MFM 
_pdbx_nmr_ensemble.maximum_distance_constraint_violation         ? 
_pdbx_nmr_ensemble.maximum_lower_distance_constraint_violation   ? 
_pdbx_nmr_ensemble.maximum_torsion_angle_constraint_violation    ? 
_pdbx_nmr_ensemble.maximum_upper_distance_constraint_violation   ? 
_pdbx_nmr_ensemble.torsion_angle_constraint_violation_method     ? 
# 
_pdbx_nmr_representative.conformer_id         1 
_pdbx_nmr_representative.entry_id             2MFM 
_pdbx_nmr_representative.selection_criteria   'lowest energy' 
# 
_pdbx_nmr_sample_details.contents         '4 mg/mL protein, 10 uM DSS, 90% H2O/10% D2O' 
_pdbx_nmr_sample_details.solution_id      1 
_pdbx_nmr_sample_details.solvent_system   '90% H2O/10% D2O' 
# 
loop_
_pdbx_nmr_exptl_sample.component 
_pdbx_nmr_exptl_sample.concentration 
_pdbx_nmr_exptl_sample.concentration_range 
_pdbx_nmr_exptl_sample.concentration_units 
_pdbx_nmr_exptl_sample.isotopic_labeling 
_pdbx_nmr_exptl_sample.solution_id 
entity-1 4  ? mg/mL ? 1 
DSS-2    10 ? uM    ? 1 
# 
_pdbx_nmr_exptl_sample_conditions.conditions_id       1 
_pdbx_nmr_exptl_sample_conditions.ionic_strength      0 
_pdbx_nmr_exptl_sample_conditions.pH                  7.0 
_pdbx_nmr_exptl_sample_conditions.pressure            ambient 
_pdbx_nmr_exptl_sample_conditions.pressure_units      ? 
_pdbx_nmr_exptl_sample_conditions.temperature         298 
_pdbx_nmr_exptl_sample_conditions.temperature_units   K 
# 
loop_
_pdbx_nmr_exptl.conditions_id 
_pdbx_nmr_exptl.experiment_id 
_pdbx_nmr_exptl.solution_id 
_pdbx_nmr_exptl.type 
1 1 1 '2D 1H-15N HSQC' 
1 2 1 '2D 1H-13C HSQC' 
1 3 1 '2D 1H-1H TOCSY' 
1 4 1 '2D 1H-1H NOESY' 
# 
_pdbx_nmr_details.entry_id   2MFM 
_pdbx_nmr_details.text       'NOESY collected at 50 and 300 ms ; TOCSY collected at 30 and 80 ms' 
# 
_pdbx_nmr_refine.entry_id           2MFM 
_pdbx_nmr_refine.method             'simulated annealing' 
_pdbx_nmr_refine.details            ? 
_pdbx_nmr_refine.software_ordinal   1 
# 
loop_
_pdbx_nmr_software.authors 
_pdbx_nmr_software.classification 
_pdbx_nmr_software.name 
_pdbx_nmr_software.version 
_pdbx_nmr_software.ordinal 
'Delaglio, Grzesiek, Vuister, Zhu, Pfeifer and Bax' processing                  NMRPipe ? 1 
'Johnson, One Moon Scientific'                      'chemical shift assignment' NMRView ? 2 
'Johnson, One Moon Scientific'                      'peak picking'              NMRView ? 3 
'Johnson, One Moon Scientific'                      'data analysis'             NMRView ? 4 
;Linge, O'Donoghue and Nilges
;
'structure solution'        ARIA    ? 5 
;Linge, O'Donoghue and Nilges
;
refinement                  ARIA    ? 6 
# 
loop_
_chem_comp_atom.comp_id 
_chem_comp_atom.atom_id 
_chem_comp_atom.type_symbol 
_chem_comp_atom.pdbx_aromatic_flag 
_chem_comp_atom.pdbx_stereo_config 
_chem_comp_atom.pdbx_ordinal 
ALA N    N N N 1   
ALA CA   C N S 2   
ALA C    C N N 3   
ALA O    O N N 4   
ALA CB   C N N 5   
ALA OXT  O N N 6   
ALA H    H N N 7   
ALA H2   H N N 8   
ALA HA   H N N 9   
ALA HB1  H N N 10  
ALA HB2  H N N 11  
ALA HB3  H N N 12  
ALA HXT  H N N 13  
ARG N    N N N 14  
ARG CA   C N S 15  
ARG C    C N N 16  
ARG O    O N N 17  
ARG CB   C N N 18  
ARG CG   C N N 19  
ARG CD   C N N 20  
ARG NE   N N N 21  
ARG CZ   C N N 22  
ARG NH1  N N N 23  
ARG NH2  N N N 24  
ARG OXT  O N N 25  
ARG H    H N N 26  
ARG H2   H N N 27  
ARG HA   H N N 28  
ARG HB2  H N N 29  
ARG HB3  H N N 30  
ARG HG2  H N N 31  
ARG HG3  H N N 32  
ARG HD2  H N N 33  
ARG HD3  H N N 34  
ARG HE   H N N 35  
ARG HH11 H N N 36  
ARG HH12 H N N 37  
ARG HH21 H N N 38  
ARG HH22 H N N 39  
ARG HXT  H N N 40  
GLY N    N N N 41  
GLY CA   C N N 42  
GLY C    C N N 43  
GLY O    O N N 44  
GLY OXT  O N N 45  
GLY H    H N N 46  
GLY H2   H N N 47  
GLY HA2  H N N 48  
GLY HA3  H N N 49  
GLY HXT  H N N 50  
HIS N    N N N 51  
HIS CA   C N S 52  
HIS C    C N N 53  
HIS O    O N N 54  
HIS CB   C N N 55  
HIS CG   C Y N 56  
HIS ND1  N Y N 57  
HIS CD2  C Y N 58  
HIS CE1  C Y N 59  
HIS NE2  N Y N 60  
HIS OXT  O N N 61  
HIS H    H N N 62  
HIS H2   H N N 63  
HIS HA   H N N 64  
HIS HB2  H N N 65  
HIS HB3  H N N 66  
HIS HD1  H N N 67  
HIS HD2  H N N 68  
HIS HE1  H N N 69  
HIS HE2  H N N 70  
HIS HXT  H N N 71  
HZP OXT  O N N 72  
HZP N    N N N 73  
HZP CA   C N S 74  
HZP C    C N N 75  
HZP O    O N N 76  
HZP CB   C N N 77  
HZP CG   C N S 78  
HZP CD   C N N 79  
HZP OD1  O N N 80  
HZP H    H N N 81  
HZP HA   H N N 82  
HZP HXT  H N N 83  
HZP HB   H N N 84  
HZP HBA  H N N 85  
HZP HG   H N N 86  
HZP HD   H N N 87  
HZP HDA  H N N 88  
HZP HOD1 H N N 89  
PHE N    N N N 90  
PHE CA   C N S 91  
PHE C    C N N 92  
PHE O    O N N 93  
PHE CB   C N N 94  
PHE CG   C Y N 95  
PHE CD1  C Y N 96  
PHE CD2  C Y N 97  
PHE CE1  C Y N 98  
PHE CE2  C Y N 99  
PHE CZ   C Y N 100 
PHE OXT  O N N 101 
PHE H    H N N 102 
PHE H2   H N N 103 
PHE HA   H N N 104 
PHE HB2  H N N 105 
PHE HB3  H N N 106 
PHE HD1  H N N 107 
PHE HD2  H N N 108 
PHE HE1  H N N 109 
PHE HE2  H N N 110 
PHE HZ   H N N 111 
PHE HXT  H N N 112 
PRO N    N N N 113 
PRO CA   C N S 114 
PRO C    C N N 115 
PRO O    O N N 116 
PRO CB   C N N 117 
PRO CG   C N N 118 
PRO CD   C N N 119 
PRO OXT  O N N 120 
PRO H    H N N 121 
PRO HA   H N N 122 
PRO HB2  H N N 123 
PRO HB3  H N N 124 
PRO HG2  H N N 125 
PRO HG3  H N N 126 
PRO HD2  H N N 127 
PRO HD3  H N N 128 
PRO HXT  H N N 129 
SER N    N N N 130 
SER CA   C N S 131 
SER C    C N N 132 
SER O    O N N 133 
SER CB   C N N 134 
SER OG   O N N 135 
SER OXT  O N N 136 
SER H    H N N 137 
SER H2   H N N 138 
SER HA   H N N 139 
SER HB2  H N N 140 
SER HB3  H N N 141 
SER HG   H N N 142 
SER HXT  H N N 143 
THR N    N N N 144 
THR CA   C N S 145 
THR C    C N N 146 
THR O    O N N 147 
THR CB   C N R 148 
THR OG1  O N N 149 
THR CG2  C N N 150 
THR OXT  O N N 151 
THR H    H N N 152 
THR H2   H N N 153 
THR HA   H N N 154 
THR HB   H N N 155 
THR HG1  H N N 156 
THR HG21 H N N 157 
THR HG22 H N N 158 
THR HG23 H N N 159 
THR HXT  H N N 160 
VAL N    N N N 161 
VAL CA   C N S 162 
VAL C    C N N 163 
VAL O    O N N 164 
VAL CB   C N N 165 
VAL CG1  C N N 166 
VAL CG2  C N N 167 
VAL OXT  O N N 168 
VAL H    H N N 169 
VAL H2   H N N 170 
VAL HA   H N N 171 
VAL HB   H N N 172 
VAL HG11 H N N 173 
VAL HG12 H N N 174 
VAL HG13 H N N 175 
VAL HG21 H N N 176 
VAL HG22 H N N 177 
VAL HG23 H N N 178 
VAL HXT  H N N 179 
# 
loop_
_chem_comp_bond.comp_id 
_chem_comp_bond.atom_id_1 
_chem_comp_bond.atom_id_2 
_chem_comp_bond.value_order 
_chem_comp_bond.pdbx_aromatic_flag 
_chem_comp_bond.pdbx_stereo_config 
_chem_comp_bond.pdbx_ordinal 
ALA N   CA   sing N N 1   
ALA N   H    sing N N 2   
ALA N   H2   sing N N 3   
ALA CA  C    sing N N 4   
ALA CA  CB   sing N N 5   
ALA CA  HA   sing N N 6   
ALA C   O    doub N N 7   
ALA C   OXT  sing N N 8   
ALA CB  HB1  sing N N 9   
ALA CB  HB2  sing N N 10  
ALA CB  HB3  sing N N 11  
ALA OXT HXT  sing N N 12  
ARG N   CA   sing N N 13  
ARG N   H    sing N N 14  
ARG N   H2   sing N N 15  
ARG CA  C    sing N N 16  
ARG CA  CB   sing N N 17  
ARG CA  HA   sing N N 18  
ARG C   O    doub N N 19  
ARG C   OXT  sing N N 20  
ARG CB  CG   sing N N 21  
ARG CB  HB2  sing N N 22  
ARG CB  HB3  sing N N 23  
ARG CG  CD   sing N N 24  
ARG CG  HG2  sing N N 25  
ARG CG  HG3  sing N N 26  
ARG CD  NE   sing N N 27  
ARG CD  HD2  sing N N 28  
ARG CD  HD3  sing N N 29  
ARG NE  CZ   sing N N 30  
ARG NE  HE   sing N N 31  
ARG CZ  NH1  sing N N 32  
ARG CZ  NH2  doub N N 33  
ARG NH1 HH11 sing N N 34  
ARG NH1 HH12 sing N N 35  
ARG NH2 HH21 sing N N 36  
ARG NH2 HH22 sing N N 37  
ARG OXT HXT  sing N N 38  
GLY N   CA   sing N N 39  
GLY N   H    sing N N 40  
GLY N   H2   sing N N 41  
GLY CA  C    sing N N 42  
GLY CA  HA2  sing N N 43  
GLY CA  HA3  sing N N 44  
GLY C   O    doub N N 45  
GLY C   OXT  sing N N 46  
GLY OXT HXT  sing N N 47  
HIS N   CA   sing N N 48  
HIS N   H    sing N N 49  
HIS N   H2   sing N N 50  
HIS CA  C    sing N N 51  
HIS CA  CB   sing N N 52  
HIS CA  HA   sing N N 53  
HIS C   O    doub N N 54  
HIS C   OXT  sing N N 55  
HIS CB  CG   sing N N 56  
HIS CB  HB2  sing N N 57  
HIS CB  HB3  sing N N 58  
HIS CG  ND1  sing Y N 59  
HIS CG  CD2  doub Y N 60  
HIS ND1 CE1  doub Y N 61  
HIS ND1 HD1  sing N N 62  
HIS CD2 NE2  sing Y N 63  
HIS CD2 HD2  sing N N 64  
HIS CE1 NE2  sing Y N 65  
HIS CE1 HE1  sing N N 66  
HIS NE2 HE2  sing N N 67  
HIS OXT HXT  sing N N 68  
HZP OXT C    sing N N 69  
HZP CA  N    sing N N 70  
HZP N   CD   sing N N 71  
HZP N   H    sing N N 72  
HZP C   CA   sing N N 73  
HZP CB  CA   sing N N 74  
HZP CA  HA   sing N N 75  
HZP C   O    doub N N 76  
HZP OXT HXT  sing N N 77  
HZP CB  CG   sing N N 78  
HZP CB  HB   sing N N 79  
HZP CB  HBA  sing N N 80  
HZP OD1 CG   sing N N 81  
HZP CG  CD   sing N N 82  
HZP CG  HG   sing N N 83  
HZP CD  HD   sing N N 84  
HZP CD  HDA  sing N N 85  
HZP OD1 HOD1 sing N N 86  
PHE N   CA   sing N N 87  
PHE N   H    sing N N 88  
PHE N   H2   sing N N 89  
PHE CA  C    sing N N 90  
PHE CA  CB   sing N N 91  
PHE CA  HA   sing N N 92  
PHE C   O    doub N N 93  
PHE C   OXT  sing N N 94  
PHE CB  CG   sing N N 95  
PHE CB  HB2  sing N N 96  
PHE CB  HB3  sing N N 97  
PHE CG  CD1  doub Y N 98  
PHE CG  CD2  sing Y N 99  
PHE CD1 CE1  sing Y N 100 
PHE CD1 HD1  sing N N 101 
PHE CD2 CE2  doub Y N 102 
PHE CD2 HD2  sing N N 103 
PHE CE1 CZ   doub Y N 104 
PHE CE1 HE1  sing N N 105 
PHE CE2 CZ   sing Y N 106 
PHE CE2 HE2  sing N N 107 
PHE CZ  HZ   sing N N 108 
PHE OXT HXT  sing N N 109 
PRO N   CA   sing N N 110 
PRO N   CD   sing N N 111 
PRO N   H    sing N N 112 
PRO CA  C    sing N N 113 
PRO CA  CB   sing N N 114 
PRO CA  HA   sing N N 115 
PRO C   O    doub N N 116 
PRO C   OXT  sing N N 117 
PRO CB  CG   sing N N 118 
PRO CB  HB2  sing N N 119 
PRO CB  HB3  sing N N 120 
PRO CG  CD   sing N N 121 
PRO CG  HG2  sing N N 122 
PRO CG  HG3  sing N N 123 
PRO CD  HD2  sing N N 124 
PRO CD  HD3  sing N N 125 
PRO OXT HXT  sing N N 126 
SER N   CA   sing N N 127 
SER N   H    sing N N 128 
SER N   H2   sing N N 129 
SER CA  C    sing N N 130 
SER CA  CB   sing N N 131 
SER CA  HA   sing N N 132 
SER C   O    doub N N 133 
SER C   OXT  sing N N 134 
SER CB  OG   sing N N 135 
SER CB  HB2  sing N N 136 
SER CB  HB3  sing N N 137 
SER OG  HG   sing N N 138 
SER OXT HXT  sing N N 139 
THR N   CA   sing N N 140 
THR N   H    sing N N 141 
THR N   H2   sing N N 142 
THR CA  C    sing N N 143 
THR CA  CB   sing N N 144 
THR CA  HA   sing N N 145 
THR C   O    doub N N 146 
THR C   OXT  sing N N 147 
THR CB  OG1  sing N N 148 
THR CB  CG2  sing N N 149 
THR CB  HB   sing N N 150 
THR OG1 HG1  sing N N 151 
THR CG2 HG21 sing N N 152 
THR CG2 HG22 sing N N 153 
THR CG2 HG23 sing N N 154 
THR OXT HXT  sing N N 155 
VAL N   CA   sing N N 156 
VAL N   H    sing N N 157 
VAL N   H2   sing N N 158 
VAL CA  C    sing N N 159 
VAL CA  CB   sing N N 160 
VAL CA  HA   sing N N 161 
VAL C   O    doub N N 162 
VAL C   OXT  sing N N 163 
VAL CB  CG1  sing N N 164 
VAL CB  CG2  sing N N 165 
VAL CB  HB   sing N N 166 
VAL CG1 HG11 sing N N 167 
VAL CG1 HG12 sing N N 168 
VAL CG1 HG13 sing N N 169 
VAL CG2 HG21 sing N N 170 
VAL CG2 HG22 sing N N 171 
VAL CG2 HG23 sing N N 172 
VAL OXT HXT  sing N N 173 
# 
_pdbx_nmr_spectrometer.field_strength    700 
_pdbx_nmr_spectrometer.manufacturer      Bruker 
_pdbx_nmr_spectrometer.model             AVANCE 
_pdbx_nmr_spectrometer.spectrometer_id   1 
_pdbx_nmr_spectrometer.type              'Bruker Avance' 
# 
_atom_sites.entry_id                    2MFM 
_atom_sites.fract_transf_matrix[1][1]   1.000000 
_atom_sites.fract_transf_matrix[1][2]   0.000000 
_atom_sites.fract_transf_matrix[1][3]   0.000000 
_atom_sites.fract_transf_matrix[2][1]   0.000000 
_atom_sites.fract_transf_matrix[2][2]   1.000000 
_atom_sites.fract_transf_matrix[2][3]   0.000000 
_atom_sites.fract_transf_matrix[3][1]   0.000000 
_atom_sites.fract_transf_matrix[3][2]   0.000000 
_atom_sites.fract_transf_matrix[3][3]   1.000000 
_atom_sites.fract_transf_vector[1]      0.00000 
_atom_sites.fract_transf_vector[2]      0.00000 
_atom_sites.fract_transf_vector[3]      0.00000 
# 
loop_
_atom_type.symbol 
C 
H 
N 
O 
# 
loop_
_atom_site.group_PDB 
_atom_site.id 
_atom_site.type_symbol 
_atom_site.label_atom_id 
_atom_site.label_alt_id 
_atom_site.label_comp_id 
_atom_site.label_asym_id 
_atom_site.label_entity_id 
_atom_site.label_seq_id 
_atom_site.pdbx_PDB_ins_code 
_atom_site.Cartn_x 
_atom_site.Cartn_y 
_atom_site.Cartn_z 
_atom_site.occupancy 
_atom_site.B_iso_or_equiv 
_atom_site.pdbx_formal_charge 
_atom_site.auth_seq_id 
_atom_site.auth_comp_id 
_atom_site.auth_asym_id 
_atom_site.auth_atom_id 
_atom_site.pdbx_PDB_model_num 
ATOM   1    N N    . ALA A 1 1  ? 7.902  -4.002 -4.434  1.00 4.02 ? 1  ALA A N    1  
ATOM   2    C CA   . ALA A 1 1  ? 6.589  -3.867 -3.768  1.00 3.27 ? 1  ALA A CA   1  
ATOM   3    C C    . ALA A 1 1  ? 5.746  -2.814 -4.470  1.00 2.38 ? 1  ALA A C    1  
ATOM   4    O O    . ALA A 1 1  ? 6.262  -1.786 -4.911  1.00 2.67 ? 1  ALA A O    1  
ATOM   5    C CB   . ALA A 1 1  ? 6.766  -3.508 -2.299  1.00 3.84 ? 1  ALA A CB   1  
ATOM   6    H H1   . ALA A 1 1  ? 8.398  -3.090 -4.432  1.00 4.36 ? 1  ALA A H1   1  
ATOM   7    H H2   . ALA A 1 1  ? 7.772  -4.311 -5.418  1.00 4.56 ? 1  ALA A H2   1  
ATOM   8    H H3   . ALA A 1 1  ? 8.487  -4.704 -3.938  1.00 4.11 ? 1  ALA A H3   1  
ATOM   9    H HA   . ALA A 1 1  ? 6.079  -4.819 -3.823  1.00 3.54 ? 1  ALA A HA   1  
ATOM   10   H HB1  . ALA A 1 1  ? 5.798  -3.463 -1.820  1.00 3.89 ? 1  ALA A HB1  1  
ATOM   11   H HB2  . ALA A 1 1  ? 7.250  -2.546 -2.219  1.00 4.24 ? 1  ALA A HB2  1  
ATOM   12   H HB3  . ALA A 1 1  ? 7.372  -4.257 -1.812  1.00 4.31 ? 1  ALA A HB3  1  
ATOM   13   N N    . PHE A 1 2  ? 4.453  -3.077 -4.575  1.00 1.89 ? 2  PHE A N    1  
ATOM   14   C CA   . PHE A 1 2  ? 3.526  -2.153 -5.208  1.00 1.21 ? 2  PHE A CA   1  
ATOM   15   C C    . PHE A 1 2  ? 2.791  -1.348 -4.145  1.00 1.11 ? 2  PHE A C    1  
ATOM   16   O O    . PHE A 1 2  ? 1.721  -1.736 -3.677  1.00 1.07 ? 2  PHE A O    1  
ATOM   17   C CB   . PHE A 1 2  ? 2.537  -2.914 -6.090  1.00 1.44 ? 2  PHE A CB   1  
ATOM   18   C CG   . PHE A 1 2  ? 3.187  -3.636 -7.235  1.00 1.96 ? 2  PHE A CG   1  
ATOM   19   C CD1  . PHE A 1 2  ? 3.424  -2.987 -8.435  1.00 2.45 ? 2  PHE A CD1  1  
ATOM   20   C CD2  . PHE A 1 2  ? 3.559  -4.963 -7.109  1.00 2.37 ? 2  PHE A CD2  1  
ATOM   21   C CE1  . PHE A 1 2  ? 4.019  -3.650 -9.488  1.00 3.14 ? 2  PHE A CE1  1  
ATOM   22   C CE2  . PHE A 1 2  ? 4.157  -5.632 -8.161  1.00 2.92 ? 2  PHE A CE2  1  
ATOM   23   C CZ   . PHE A 1 2  ? 4.393  -4.970 -9.350  1.00 3.26 ? 2  PHE A CZ   1  
ATOM   24   H H    . PHE A 1 2  ? 4.106  -3.918 -4.203  1.00 2.46 ? 2  PHE A H    1  
ATOM   25   H HA   . PHE A 1 2  ? 4.101  -1.477 -5.824  1.00 1.39 ? 2  PHE A HA   1  
ATOM   26   H HB2  . PHE A 1 2  ? 2.015  -3.643 -5.489  1.00 1.76 ? 2  PHE A HB2  1  
ATOM   27   H HB3  . PHE A 1 2  ? 1.822  -2.215 -6.500  1.00 1.70 ? 2  PHE A HB3  1  
ATOM   28   H HD1  . PHE A 1 2  ? 3.136  -1.951 -8.544  1.00 2.50 ? 2  PHE A HD1  1  
ATOM   29   H HD2  . PHE A 1 2  ? 3.379  -5.479 -6.177  1.00 2.50 ? 2  PHE A HD2  1  
ATOM   30   H HE1  . PHE A 1 2  ? 4.199  -3.132 -10.417 1.00 3.72 ? 2  PHE A HE1  1  
ATOM   31   H HE2  . PHE A 1 2  ? 4.442  -6.667 -8.051  1.00 3.27 ? 2  PHE A HE2  1  
ATOM   32   H HZ   . PHE A 1 2  ? 4.862  -5.489 -10.174 1.00 3.81 ? 2  PHE A HZ   1  
ATOM   33   N N    . ARG A 1 3  ? 3.383  -0.225 -3.772  1.00 1.22 ? 3  ARG A N    1  
ATOM   34   C CA   . ARG A 1 3  ? 2.864  0.613  -2.699  1.00 1.28 ? 3  ARG A CA   1  
ATOM   35   C C    . ARG A 1 3  ? 1.536  1.288  -3.068  1.00 1.06 ? 3  ARG A C    1  
ATOM   36   O O    . ARG A 1 3  ? 0.567  1.181  -2.318  1.00 1.01 ? 3  ARG A O    1  
ATOM   37   C CB   . ARG A 1 3  ? 3.904  1.661  -2.303  1.00 1.68 ? 3  ARG A CB   1  
ATOM   38   C CG   . ARG A 1 3  ? 5.209  1.064  -1.806  1.00 2.02 ? 3  ARG A CG   1  
ATOM   39   C CD   . ARG A 1 3  ? 6.272  2.134  -1.645  1.00 2.47 ? 3  ARG A CD   1  
ATOM   40   N NE   . ARG A 1 3  ? 6.581  2.787  -2.915  1.00 3.13 ? 3  ARG A NE   1  
ATOM   41   C CZ   . ARG A 1 3  ? 6.789  4.097  -3.050  1.00 3.82 ? 3  ARG A CZ   1  
ATOM   42   N NH1  . ARG A 1 3  ? 6.718  4.902  -1.992  1.00 3.89 ? 3  ARG A NH1  1  
ATOM   43   N NH2  . ARG A 1 3  ? 7.066  4.599  -4.244  1.00 4.74 ? 3  ARG A NH2  1  
ATOM   44   H H    . ARG A 1 3  ? 4.198  0.057  -4.240  1.00 1.34 ? 3  ARG A H    1  
ATOM   45   H HA   . ARG A 1 3  ? 2.690  -0.030 -1.848  1.00 1.33 ? 3  ARG A HA   1  
ATOM   46   H HB2  . ARG A 1 3  ? 4.120  2.281  -3.158  1.00 1.75 ? 3  ARG A HB2  1  
ATOM   47   H HB3  . ARG A 1 3  ? 3.493  2.277  -1.517  1.00 1.76 ? 3  ARG A HB3  1  
ATOM   48   H HG2  . ARG A 1 3  ? 5.037  0.593  -0.849  1.00 2.05 ? 3  ARG A HG2  1  
ATOM   49   H HG3  . ARG A 1 3  ? 5.552  0.328  -2.518  1.00 2.00 ? 3  ARG A HG3  1  
ATOM   50   H HD2  . ARG A 1 3  ? 5.915  2.873  -0.948  1.00 2.56 ? 3  ARG A HD2  1  
ATOM   51   H HD3  . ARG A 1 3  ? 7.171  1.676  -1.257  1.00 2.86 ? 3  ARG A HD3  1  
ATOM   52   H HE   . ARG A 1 3  ? 6.637  2.213  -3.713  1.00 3.36 ? 3  ARG A HE   1  
ATOM   53   H HH11 . ARG A 1 3  ? 6.509  4.528  -1.086  1.00 3.61 ? 3  ARG A HH11 1  
ATOM   54   H HH12 . ARG A 1 3  ? 6.870  5.892  -2.096  1.00 4.47 ? 3  ARG A HH12 1  
ATOM   55   H HH21 . ARG A 1 3  ? 7.122  3.995  -5.044  1.00 5.04 ? 3  ARG A HH21 1  
ATOM   56   H HH22 . ARG A 1 3  ? 7.219  5.584  -4.356  1.00 5.29 ? 3  ARG A HH22 1  
HETATM 57   N N    . HZP A 1 4  ? 1.448  1.991  -4.219  1.00 1.10 ? 4  HZP A N    1  
HETATM 58   C CA   . HZP A 1 4  ? 0.214  2.694  -4.601  1.00 1.24 ? 4  HZP A CA   1  
HETATM 59   C C    . HZP A 1 4  ? -0.833 1.766  -5.209  1.00 1.10 ? 4  HZP A C    1  
HETATM 60   O O    . HZP A 1 4  ? -1.869 2.218  -5.703  1.00 1.54 ? 4  HZP A O    1  
HETATM 61   C CB   . HZP A 1 4  ? 0.705  3.677  -5.657  1.00 1.56 ? 4  HZP A CB   1  
HETATM 62   C CG   . HZP A 1 4  ? 1.831  2.957  -6.324  1.00 1.41 ? 4  HZP A CG   1  
HETATM 63   C CD   . HZP A 1 4  ? 2.516  2.185  -5.231  1.00 1.23 ? 4  HZP A CD   1  
HETATM 64   O OD1  . HZP A 1 4  ? 1.334  2.060  -7.325  1.00 1.27 ? 4  HZP A OD1  1  
HETATM 65   H HA   . HZP A 1 4  ? -0.215 3.233  -3.768  1.00 1.38 ? 4  HZP A HA   1  
HETATM 66   H HB   . HZP A 1 4  ? -0.094 3.898  -6.356  1.00 1.70 ? 4  HZP A HB   1  
HETATM 67   H HBA  . HZP A 1 4  ? 1.066  4.578  -5.192  1.00 1.81 ? 4  HZP A HBA  1  
HETATM 68   H HG   . HZP A 1 4  ? 2.512  3.661  -6.784  1.00 1.66 ? 4  HZP A HG   1  
HETATM 69   H HD   . HZP A 1 4  ? 3.334  2.763  -4.827  1.00 1.48 ? 4  HZP A HD   1  
HETATM 70   H HDA  . HZP A 1 4  ? 2.871  1.237  -5.609  1.00 1.08 ? 4  HZP A HDA  1  
HETATM 71   H HOD1 . HZP A 1 4  ? 1.937  2.061  -8.078  1.00 1.29 ? 4  HZP A HOD1 1  
ATOM   72   N N    . THR A 1 5  ? -0.565 0.473  -5.176  1.00 0.66 ? 5  THR A N    1  
ATOM   73   C CA   . THR A 1 5  ? -1.439 -0.497 -5.805  1.00 0.83 ? 5  THR A CA   1  
ATOM   74   C C    . THR A 1 5  ? -2.351 -1.120 -4.760  1.00 0.76 ? 5  THR A C    1  
ATOM   75   O O    . THR A 1 5  ? -2.001 -2.124 -4.135  1.00 0.75 ? 5  THR A O    1  
ATOM   76   C CB   . THR A 1 5  ? -0.614 -1.579 -6.516  1.00 1.01 ? 5  THR A CB   1  
ATOM   77   O OG1  . THR A 1 5  ? 0.396  -0.945 -7.312  1.00 1.87 ? 5  THR A OG1  1  
ATOM   78   C CG2  . THR A 1 5  ? -1.492 -2.445 -7.403  1.00 1.28 ? 5  THR A CG2  1  
ATOM   79   H H    . THR A 1 5  ? 0.232  0.157  -4.690  1.00 0.45 ? 5  THR A H    1  
ATOM   80   H HA   . THR A 1 5  ? -2.042 0.018  -6.540  1.00 1.19 ? 5  THR A HA   1  
ATOM   81   H HB   . THR A 1 5  ? -0.143 -2.203 -5.770  1.00 1.57 ? 5  THR A HB   1  
ATOM   82   H HG1  . THR A 1 5  ? 0.468  -0.016 -7.055  1.00 2.23 ? 5  THR A HG1  1  
ATOM   83   H HG21 . THR A 1 5  ? -2.255 -2.920 -6.803  1.00 1.52 ? 5  THR A HG21 1  
ATOM   84   H HG22 . THR A 1 5  ? -0.887 -3.203 -7.880  1.00 1.80 ? 5  THR A HG22 1  
ATOM   85   H HG23 . THR A 1 5  ? -1.959 -1.831 -8.158  1.00 1.80 ? 5  THR A HG23 1  
ATOM   86   N N    . ALA A 1 6  ? -3.516 -0.502 -4.577  1.00 0.97 ? 6  ALA A N    1  
ATOM   87   C CA   . ALA A 1 6  ? -4.428 -0.857 -3.497  1.00 1.16 ? 6  ALA A CA   1  
ATOM   88   C C    . ALA A 1 6  ? -3.704 -0.745 -2.160  1.00 1.23 ? 6  ALA A C    1  
ATOM   89   O O    . ALA A 1 6  ? -3.427 -1.751 -1.514  1.00 1.28 ? 6  ALA A O    1  
ATOM   90   C CB   . ALA A 1 6  ? -4.995 -2.259 -3.693  1.00 1.15 ? 6  ALA A CB   1  
ATOM   91   H H    . ALA A 1 6  ? -3.770 0.220  -5.191  1.00 1.14 ? 6  ALA A H    1  
ATOM   92   H HA   . ALA A 1 6  ? -5.248 -0.155 -3.512  1.00 1.41 ? 6  ALA A HA   1  
ATOM   93   H HB1  . ALA A 1 6  ? -5.506 -2.310 -4.643  1.00 1.43 ? 6  ALA A HB1  1  
ATOM   94   H HB2  . ALA A 1 6  ? -5.691 -2.480 -2.898  1.00 1.43 ? 6  ALA A HB2  1  
ATOM   95   H HB3  . ALA A 1 6  ? -4.191 -2.980 -3.679  1.00 1.49 ? 6  ALA A HB3  1  
ATOM   96   N N    . PRO A 1 7  ? -3.379 0.495  -1.741  1.00 1.41 ? 7  PRO A N    1  
ATOM   97   C CA   . PRO A 1 7  ? -2.558 0.754  -0.550  1.00 1.60 ? 7  PRO A CA   1  
ATOM   98   C C    . PRO A 1 7  ? -3.118 0.120  0.721   1.00 1.74 ? 7  PRO A C    1  
ATOM   99   O O    . PRO A 1 7  ? -3.960 0.704  1.404   1.00 2.42 ? 7  PRO A O    1  
ATOM   100  C CB   . PRO A 1 7  ? -2.551 2.284  -0.432  1.00 1.84 ? 7  PRO A CB   1  
ATOM   101  C CG   . PRO A 1 7  ? -3.671 2.754  -1.292  1.00 1.77 ? 7  PRO A CG   1  
ATOM   102  C CD   . PRO A 1 7  ? -3.789 1.747  -2.394  1.00 1.54 ? 7  PRO A CD   1  
ATOM   103  H HA   . PRO A 1 7  ? -1.548 0.407  -0.697  1.00 1.56 ? 7  PRO A HA   1  
ATOM   104  H HB2  . PRO A 1 7  ? -2.706 2.567  0.599   1.00 2.13 ? 7  PRO A HB2  1  
ATOM   105  H HB3  . PRO A 1 7  ? -1.603 2.668  -0.775  1.00 1.93 ? 7  PRO A HB3  1  
ATOM   106  H HG2  . PRO A 1 7  ? -4.582 2.793  -0.718  1.00 2.10 ? 7  PRO A HG2  1  
ATOM   107  H HG3  . PRO A 1 7  ? -3.439 3.728  -1.698  1.00 1.81 ? 7  PRO A HG3  1  
ATOM   108  H HD2  . PRO A 1 7  ? -4.808 1.688  -2.743  1.00 1.84 ? 7  PRO A HD2  1  
ATOM   109  H HD3  . PRO A 1 7  ? -3.122 1.994  -3.207  1.00 1.40 ? 7  PRO A HD3  1  
ATOM   110  N N    . GLY A 1 8  ? -2.643 -1.080 1.029   1.00 1.21 ? 8  GLY A N    1  
ATOM   111  C CA   . GLY A 1 8  ? -3.086 -1.767 2.222   1.00 1.29 ? 8  GLY A CA   1  
ATOM   112  C C    . GLY A 1 8  ? -2.120 -1.617 3.379   1.00 1.06 ? 8  GLY A C    1  
ATOM   113  O O    . GLY A 1 8  ? -1.539 -0.547 3.581   1.00 1.73 ? 8  GLY A O    1  
ATOM   114  H H    . GLY A 1 8  ? -2.005 -1.517 0.421   1.00 0.98 ? 8  GLY A H    1  
ATOM   115  H HA2  . GLY A 1 8  ? -4.044 -1.368 2.516   1.00 1.77 ? 8  GLY A HA2  1  
ATOM   116  H HA3  . GLY A 1 8  ? -3.200 -2.817 1.995   1.00 1.47 ? 8  GLY A HA3  1  
ATOM   117  N N    . HIS A 1 9  ? -1.927 -2.703 4.120   1.00 1.09 ? 9  HIS A N    1  
ATOM   118  C CA   . HIS A 1 9  ? -1.132 -2.681 5.345   1.00 1.69 ? 9  HIS A CA   1  
ATOM   119  C C    . HIS A 1 9  ? 0.354  -2.491 5.048   1.00 1.81 ? 9  HIS A C    1  
ATOM   120  O O    . HIS A 1 9  ? 1.034  -1.723 5.727   1.00 2.36 ? 9  HIS A O    1  
ATOM   121  C CB   . HIS A 1 9  ? -1.360 -3.975 6.135   1.00 2.23 ? 9  HIS A CB   1  
ATOM   122  C CG   . HIS A 1 9  ? -0.680 -4.008 7.472   1.00 2.86 ? 9  HIS A CG   1  
ATOM   123  N ND1  . HIS A 1 9  ? -1.184 -3.377 8.589   1.00 3.59 ? 9  HIS A ND1  1  
ATOM   124  C CD2  . HIS A 1 9  ? 0.467  -4.608 7.867   1.00 3.41 ? 9  HIS A CD2  1  
ATOM   125  C CE1  . HIS A 1 9  ? -0.376 -3.587 9.609   1.00 4.30 ? 9  HIS A CE1  1  
ATOM   126  N NE2  . HIS A 1 9  ? 0.632  -4.330 9.198   1.00 4.18 ? 9  HIS A NE2  1  
ATOM   127  H H    . HIS A 1 9  ? -2.334 -3.549 3.833   1.00 1.37 ? 9  HIS A H    1  
ATOM   128  H HA   . HIS A 1 9  ? -1.471 -1.847 5.941   1.00 2.18 ? 9  HIS A HA   1  
ATOM   129  H HB2  . HIS A 1 9  ? -2.418 -4.104 6.302   1.00 2.30 ? 9  HIS A HB2  1  
ATOM   130  H HB3  . HIS A 1 9  ? -0.991 -4.809 5.556   1.00 2.72 ? 9  HIS A HB3  1  
ATOM   131  H HD1  . HIS A 1 9  ? -2.018 -2.857 8.630   1.00 3.85 ? 9  HIS A HD1  1  
ATOM   132  H HD2  . HIS A 1 9  ? 1.127  -5.198 7.247   1.00 3.60 ? 9  HIS A HD2  1  
ATOM   133  H HE1  . HIS A 1 9  ? -0.516 -3.213 10.613  1.00 5.09 ? 9  HIS A HE1  1  
ATOM   134  H HE2  . HIS A 1 9  ? 1.436  -4.534 9.727   1.00 4.80 ? 9  HIS A HE2  1  
ATOM   135  N N    . SER A 1 10 ? 0.857  -3.192 4.046   1.00 1.82 ? 10 SER A N    1  
ATOM   136  C CA   . SER A 1 10 ? 2.261  -3.080 3.673   1.00 2.36 ? 10 SER A CA   1  
ATOM   137  C C    . SER A 1 10 ? 2.481  -2.040 2.559   1.00 2.06 ? 10 SER A C    1  
ATOM   138  O O    . SER A 1 10 ? 3.353  -1.185 2.698   1.00 2.00 ? 10 SER A O    1  
ATOM   139  C CB   . SER A 1 10 ? 2.816  -4.448 3.262   1.00 3.00 ? 10 SER A CB   1  
ATOM   140  O OG   . SER A 1 10 ? 2.567  -5.418 4.270   1.00 3.75 ? 10 SER A OG   1  
ATOM   141  H H    . SER A 1 10 ? 0.277  -3.808 3.549   1.00 1.80 ? 10 SER A H    1  
ATOM   142  H HA   . SER A 1 10 ? 2.795  -2.747 4.550   1.00 2.77 ? 10 SER A HA   1  
ATOM   143  H HB2  . SER A 1 10 ? 2.345  -4.770 2.349   1.00 3.09 ? 10 SER A HB2  1  
ATOM   144  H HB3  . SER A 1 10 ? 3.881  -4.372 3.109   1.00 3.32 ? 10 SER A HB3  1  
ATOM   145  H HG   . SER A 1 10 ? 2.748  -5.029 5.135   1.00 4.03 ? 10 SER A HG   1  
HETATM 146  N N    . HZP A 1 11 ? 1.712  -2.084 1.439   1.00 2.01 ? 11 HZP A N    1  
HETATM 147  C CA   . HZP A 1 11 ? 1.879  -1.115 0.339   1.00 1.78 ? 11 HZP A CA   1  
HETATM 148  C C    . HZP A 1 11 ? 1.806  0.343  0.801   1.00 1.66 ? 11 HZP A C    1  
HETATM 149  O O    . HZP A 1 11 ? 2.789  1.081  0.718   1.00 2.33 ? 11 HZP A O    1  
HETATM 150  C CB   . HZP A 1 11 ? 0.708  -1.419 -0.595  1.00 1.72 ? 11 HZP A CB   1  
HETATM 151  C CG   . HZP A 1 11 ? 0.328  -2.834 -0.311  1.00 2.09 ? 11 HZP A CG   1  
HETATM 152  C CD   . HZP A 1 11 ? 0.656  -3.075 1.135   1.00 2.34 ? 11 HZP A CD   1  
HETATM 153  O OD1  . HZP A 1 11 ? -1.070 -3.024 -0.519  1.00 2.23 ? 11 HZP A OD1  1  
HETATM 154  H HA   . HZP A 1 11 ? 2.810  -1.274 -0.186  1.00 1.87 ? 11 HZP A HA   1  
HETATM 155  H HB   . HZP A 1 11 ? -0.112 -0.750 -0.375  1.00 1.63 ? 11 HZP A HB   1  
HETATM 156  H HBA  . HZP A 1 11 ? 1.010  -1.317 -1.629  1.00 1.65 ? 11 HZP A HBA  1  
HETATM 157  H HG   . HZP A 1 11 ? 0.880  -3.508 -0.956  1.00 2.18 ? 11 HZP A HG   1  
HETATM 158  H HD   . HZP A 1 11 ? 1.020  -4.082 1.266   1.00 2.79 ? 11 HZP A HD   1  
HETATM 159  H HDA  . HZP A 1 11 ? -0.218 -2.906 1.747   1.00 2.45 ? 11 HZP A HDA  1  
HETATM 160  H HOD1 . HZP A 1 11 ? -1.211 -3.867 -0.970  1.00 2.38 ? 11 HZP A HOD1 1  
ATOM   161  N N    . GLY A 1 12 ? 0.642  0.751  1.295   1.00 1.10 ? 12 GLY A N    1  
ATOM   162  C CA   . GLY A 1 12 ? 0.453  2.132  1.696   1.00 1.23 ? 12 GLY A CA   1  
ATOM   163  C C    . GLY A 1 12 ? 0.656  2.341  3.180   1.00 1.34 ? 12 GLY A C    1  
ATOM   164  O O    . GLY A 1 12 ? 0.631  3.473  3.659   1.00 2.06 ? 12 GLY A O    1  
ATOM   165  H H    . GLY A 1 12 ? -0.094 0.111  1.384   1.00 1.05 ? 12 GLY A H    1  
ATOM   166  H HA2  . GLY A 1 12 ? 1.155  2.752  1.159   1.00 1.86 ? 12 GLY A HA2  1  
ATOM   167  H HA3  . GLY A 1 12 ? -0.550 2.437  1.438   1.00 1.56 ? 12 GLY A HA3  1  
ATOM   168  N N    . VAL A 1 13 ? 0.856  1.243  3.903   1.00 1.72 ? 13 VAL A N    1  
ATOM   169  C CA   . VAL A 1 13 ? 1.004  1.278  5.357   1.00 2.59 ? 13 VAL A CA   1  
ATOM   170  C C    . VAL A 1 13 ? -0.237 1.916  5.995   1.00 2.74 ? 13 VAL A C    1  
ATOM   171  O O    . VAL A 1 13 ? -0.146 2.747  6.898   1.00 3.50 ? 13 VAL A O    1  
ATOM   172  C CB   . VAL A 1 13 ? 2.285  2.037  5.791   1.00 3.44 ? 13 VAL A CB   1  
ATOM   173  C CG1  . VAL A 1 13 ? 2.597  1.785  7.260   1.00 4.05 ? 13 VAL A CG1  1  
ATOM   174  C CG2  . VAL A 1 13 ? 3.470  1.635  4.924   1.00 4.25 ? 13 VAL A CG2  1  
ATOM   175  H H    . VAL A 1 13 ? 0.911  0.381  3.445   1.00 1.92 ? 13 VAL A H    1  
ATOM   176  H HA   . VAL A 1 13 ? 1.080  0.255  5.703   1.00 3.05 ? 13 VAL A HA   1  
ATOM   177  H HB   . VAL A 1 13 ? 2.113  3.093  5.659   1.00 3.50 ? 13 VAL A HB   1  
ATOM   178  H HG11 . VAL A 1 13 ? 2.755  0.729  7.419   1.00 4.45 ? 13 VAL A HG11 1  
ATOM   179  H HG12 . VAL A 1 13 ? 1.767  2.117  7.867   1.00 4.09 ? 13 VAL A HG12 1  
ATOM   180  H HG13 . VAL A 1 13 ? 3.487  2.329  7.539   1.00 4.44 ? 13 VAL A HG13 1  
ATOM   181  H HG21 . VAL A 1 13 ? 4.348  2.178  5.238   1.00 4.42 ? 13 VAL A HG21 1  
ATOM   182  H HG22 . VAL A 1 13 ? 3.255  1.864  3.889   1.00 4.60 ? 13 VAL A HG22 1  
ATOM   183  H HG23 . VAL A 1 13 ? 3.647  0.574  5.026   1.00 4.77 ? 13 VAL A HG23 1  
ATOM   184  N N    . GLY A 1 14 ? -1.403 1.528  5.494   1.00 2.56 ? 14 GLY A N    1  
ATOM   185  C CA   . GLY A 1 14 ? -2.647 2.061  6.012   1.00 3.19 ? 14 GLY A CA   1  
ATOM   186  C C    . GLY A 1 14 ? -2.982 3.424  5.437   1.00 2.98 ? 14 GLY A C    1  
ATOM   187  O O    . GLY A 1 14 ? -3.849 4.128  5.958   1.00 3.82 ? 14 GLY A O    1  
ATOM   188  H H    . GLY A 1 14 ? -1.419 0.867  4.767   1.00 2.45 ? 14 GLY A H    1  
ATOM   189  H HA2  . GLY A 1 14 ? -3.446 1.376  5.772   1.00 3.79 ? 14 GLY A HA2  1  
ATOM   190  H HA3  . GLY A 1 14 ? -2.570 2.146  7.085   1.00 3.61 ? 14 GLY A HA3  1  
ATOM   191  N N    . HIS A 1 15 ? -2.296 3.805  4.369   1.00 2.16 ? 15 HIS A N    1  
ATOM   192  C CA   . HIS A 1 15 ? -2.556 5.076  3.713   1.00 2.49 ? 15 HIS A CA   1  
ATOM   193  C C    . HIS A 1 15 ? -2.898 4.848  2.246   1.00 2.62 ? 15 HIS A C    1  
ATOM   194  O O    . HIS A 1 15 ? -1.982 4.909  1.401   1.00 2.89 ? 15 HIS A O    1  
ATOM   195  C CB   . HIS A 1 15 ? -1.348 6.011  3.847   1.00 3.02 ? 15 HIS A CB   1  
ATOM   196  C CG   . HIS A 1 15 ? -1.544 7.350  3.202   1.00 3.82 ? 15 HIS A CG   1  
ATOM   197  N ND1  . HIS A 1 15 ? -0.896 7.730  2.046   1.00 4.57 ? 15 HIS A ND1  1  
ATOM   198  C CD2  . HIS A 1 15 ? -2.317 8.400  3.560   1.00 4.40 ? 15 HIS A CD2  1  
ATOM   199  C CE1  . HIS A 1 15 ? -1.264 8.954  1.721   1.00 5.31 ? 15 HIS A CE1  1  
ATOM   200  N NE2  . HIS A 1 15 ? -2.126 9.383  2.622   1.00 5.25 ? 15 HIS A NE2  1  
ATOM   201  O OXT  . HIS A 1 15 ? -4.084 4.600  1.951   1.00 3.16 ? 15 HIS A OXT  1  
ATOM   202  H H    . HIS A 1 15 ? -1.596 3.217  4.015   1.00 1.62 ? 15 HIS A H    1  
ATOM   203  H HA   . HIS A 1 15 ? -3.408 5.529  4.199   1.00 3.10 ? 15 HIS A HA   1  
ATOM   204  H HB2  . HIS A 1 15 ? -1.141 6.173  4.893   1.00 3.53 ? 15 HIS A HB2  1  
ATOM   205  H HB3  . HIS A 1 15 ? -0.491 5.542  3.385   1.00 2.94 ? 15 HIS A HB3  1  
ATOM   206  H HD1  . HIS A 1 15 ? -0.256 7.183  1.542   1.00 4.78 ? 15 HIS A HD1  1  
ATOM   207  H HD2  . HIS A 1 15 ? -2.964 8.455  4.424   1.00 4.49 ? 15 HIS A HD2  1  
ATOM   208  H HE1  . HIS A 1 15 ? -0.919 9.511  0.862   1.00 6.06 ? 15 HIS A HE1  1  
ATOM   209  H HE2  . HIS A 1 15 ? -2.599 10.245 2.592   1.00 5.92 ? 15 HIS A HE2  1  
ATOM   210  N N    . ALA A 1 1  ? 1.669  -5.713 -4.083  1.00 4.02 ? 1  ALA A N    2  
ATOM   211  C CA   . ALA A 1 1  ? 3.063  -5.699 -4.581  1.00 3.27 ? 1  ALA A CA   2  
ATOM   212  C C    . ALA A 1 1  ? 3.651  -4.295 -4.515  1.00 2.38 ? 1  ALA A C    2  
ATOM   213  O O    . ALA A 1 1  ? 4.628  -4.058 -3.805  1.00 2.67 ? 1  ALA A O    2  
ATOM   214  C CB   . ALA A 1 1  ? 3.126  -6.233 -6.004  1.00 3.84 ? 1  ALA A CB   2  
ATOM   215  H H1   . ALA A 1 1  ? 1.639  -5.379 -3.099  1.00 4.36 ? 1  ALA A H1   2  
ATOM   216  H H2   . ALA A 1 1  ? 1.283  -6.676 -4.121  1.00 4.56 ? 1  ALA A H2   2  
ATOM   217  H H3   . ALA A 1 1  ? 1.074  -5.088 -4.663  1.00 4.11 ? 1  ALA A H3   2  
ATOM   218  H HA   . ALA A 1 1  ? 3.652  -6.350 -3.954  1.00 3.54 ? 1  ALA A HA   2  
ATOM   219  H HB1  . ALA A 1 1  ? 4.158  -6.327 -6.308  1.00 3.89 ? 1  ALA A HB1  2  
ATOM   220  H HB2  . ALA A 1 1  ? 2.619  -5.550 -6.668  1.00 4.24 ? 1  ALA A HB2  2  
ATOM   221  H HB3  . ALA A 1 1  ? 2.648  -7.199 -6.048  1.00 4.31 ? 1  ALA A HB3  2  
ATOM   222  N N    . PHE A 1 2  ? 3.058  -3.365 -5.253  1.00 1.89 ? 2  PHE A N    2  
ATOM   223  C CA   . PHE A 1 2  ? 3.545  -1.991 -5.278  1.00 1.21 ? 2  PHE A CA   2  
ATOM   224  C C    . PHE A 1 2  ? 2.986  -1.203 -4.099  1.00 1.11 ? 2  PHE A C    2  
ATOM   225  O O    . PHE A 1 2  ? 1.985  -1.596 -3.500  1.00 1.07 ? 2  PHE A O    2  
ATOM   226  C CB   . PHE A 1 2  ? 3.163  -1.297 -6.588  1.00 1.44 ? 2  PHE A CB   2  
ATOM   227  C CG   . PHE A 1 2  ? 3.720  -1.959 -7.816  1.00 1.96 ? 2  PHE A CG   2  
ATOM   228  C CD1  . PHE A 1 2  ? 5.066  -1.858 -8.122  1.00 2.37 ? 2  PHE A CD1  2  
ATOM   229  C CD2  . PHE A 1 2  ? 2.897  -2.684 -8.661  1.00 2.45 ? 2  PHE A CD2  2  
ATOM   230  C CE1  . PHE A 1 2  ? 5.583  -2.467 -9.247  1.00 2.92 ? 2  PHE A CE1  2  
ATOM   231  C CE2  . PHE A 1 2  ? 3.407  -3.295 -9.788  1.00 3.14 ? 2  PHE A CE2  2  
ATOM   232  C CZ   . PHE A 1 2  ? 4.747  -3.173 -10.092 1.00 3.26 ? 2  PHE A CZ   2  
ATOM   233  H H    . PHE A 1 2  ? 2.272  -3.602 -5.789  1.00 2.46 ? 2  PHE A H    2  
ATOM   234  H HA   . PHE A 1 2  ? 4.621  -2.020 -5.197  1.00 1.39 ? 2  PHE A HA   2  
ATOM   235  H HB2  . PHE A 1 2  ? 2.088  -1.286 -6.679  1.00 1.76 ? 2  PHE A HB2  2  
ATOM   236  H HB3  . PHE A 1 2  ? 3.526  -0.282 -6.565  1.00 1.70 ? 2  PHE A HB3  2  
ATOM   237  H HD1  . PHE A 1 2  ? 5.718  -1.296 -7.470  1.00 2.50 ? 2  PHE A HD1  2  
ATOM   238  H HD2  . PHE A 1 2  ? 1.846  -2.769 -8.433  1.00 2.50 ? 2  PHE A HD2  2  
ATOM   239  H HE1  . PHE A 1 2  ? 6.634  -2.382 -9.474  1.00 3.27 ? 2  PHE A HE1  2  
ATOM   240  H HE2  . PHE A 1 2  ? 2.756  -3.858 -10.440 1.00 3.72 ? 2  PHE A HE2  2  
ATOM   241  H HZ   . PHE A 1 2  ? 5.146  -3.644 -10.975 1.00 3.81 ? 2  PHE A HZ   2  
ATOM   242  N N    . ARG A 1 3  ? 3.628  -0.097 -3.778  1.00 1.22 ? 3  ARG A N    2  
ATOM   243  C CA   . ARG A 1 3  ? 3.185  0.752  -2.683  1.00 1.28 ? 3  ARG A CA   2  
ATOM   244  C C    . ARG A 1 3  ? 1.909  1.526  -3.045  1.00 1.06 ? 3  ARG A C    2  
ATOM   245  O O    . ARG A 1 3  ? 0.923  1.463  -2.310  1.00 1.01 ? 3  ARG A O    2  
ATOM   246  C CB   . ARG A 1 3  ? 4.304  1.706  -2.249  1.00 1.68 ? 3  ARG A CB   2  
ATOM   247  C CG   . ARG A 1 3  ? 5.497  1.002  -1.626  1.00 2.02 ? 3  ARG A CG   2  
ATOM   248  C CD   . ARG A 1 3  ? 6.595  1.986  -1.258  1.00 2.47 ? 3  ARG A CD   2  
ATOM   249  N NE   . ARG A 1 3  ? 7.168  2.638  -2.438  1.00 3.13 ? 3  ARG A NE   2  
ATOM   250  C CZ   . ARG A 1 3  ? 7.587  3.903  -2.460  1.00 3.82 ? 3  ARG A CZ   2  
ATOM   251  N NH1  . ARG A 1 3  ? 7.471  4.667  -1.379  1.00 3.89 ? 3  ARG A NH1  2  
ATOM   252  N NH2  . ARG A 1 3  ? 8.117  4.405  -3.568  1.00 4.74 ? 3  ARG A NH2  2  
ATOM   253  H H    . ARG A 1 3  ? 4.423  0.162  -4.292  1.00 1.34 ? 3  ARG A H    2  
ATOM   254  H HA   . ARG A 1 3  ? 2.957  0.102  -1.853  1.00 1.33 ? 3  ARG A HA   2  
ATOM   255  H HB2  . ARG A 1 3  ? 4.649  2.254  -3.111  1.00 1.75 ? 3  ARG A HB2  2  
ATOM   256  H HB3  . ARG A 1 3  ? 3.906  2.403  -1.526  1.00 1.76 ? 3  ARG A HB3  2  
ATOM   257  H HG2  . ARG A 1 3  ? 5.174  0.489  -0.733  1.00 2.05 ? 3  ARG A HG2  2  
ATOM   258  H HG3  . ARG A 1 3  ? 5.889  0.286  -2.334  1.00 2.00 ? 3  ARG A HG3  2  
ATOM   259  H HD2  . ARG A 1 3  ? 6.178  2.741  -0.608  1.00 2.56 ? 3  ARG A HD2  2  
ATOM   260  H HD3  . ARG A 1 3  ? 7.377  1.453  -0.736  1.00 2.86 ? 3  ARG A HD3  2  
ATOM   261  H HE   . ARG A 1 3  ? 7.254  2.095  -3.255  1.00 3.36 ? 3  ARG A HE   2  
ATOM   262  H HH11 . ARG A 1 3  ? 7.066  4.298  -0.540  1.00 3.61 ? 3  ARG A HH11 2  
ATOM   263  H HH12 . ARG A 1 3  ? 7.790  5.617  -1.398  1.00 4.47 ? 3  ARG A HH12 2  
ATOM   264  H HH21 . ARG A 1 3  ? 8.200  3.835  -4.390  1.00 5.04 ? 3  ARG A HH21 2  
ATOM   265  H HH22 . ARG A 1 3  ? 8.438  5.355  -3.589  1.00 5.29 ? 3  ARG A HH22 2  
HETATM 266  N N    . HZP A 1 4  ? 1.880  2.265  -4.176  1.00 1.10 ? 4  HZP A N    2  
HETATM 267  C CA   . HZP A 1 4  ? 0.698  3.046  -4.557  1.00 1.24 ? 4  HZP A CA   2  
HETATM 268  C C    . HZP A 1 4  ? -0.335 2.232  -5.337  1.00 1.10 ? 4  HZP A C    2  
HETATM 269  O O    . HZP A 1 4  ? -1.104 2.784  -6.125  1.00 1.54 ? 4  HZP A O    2  
HETATM 270  C CB   . HZP A 1 4  ? 1.300  4.121  -5.456  1.00 1.56 ? 4  HZP A CB   2  
HETATM 271  C CG   . HZP A 1 4  ? 2.424  3.421  -6.157  1.00 1.41 ? 4  HZP A CG   2  
HETATM 272  C CD   . HZP A 1 4  ? 2.979  2.435  -5.162  1.00 1.23 ? 4  HZP A CD   2  
HETATM 273  O OD1  . HZP A 1 4  ? 1.939  2.735  -7.319  1.00 1.27 ? 4  HZP A OD1  2  
HETATM 274  H HA   . HZP A 1 4  ? 0.230  3.505  -3.698  1.00 1.38 ? 4  HZP A HA   2  
HETATM 275  H HB   . HZP A 1 4  ? 0.556  4.474  -6.158  1.00 1.70 ? 4  HZP A HB   2  
HETATM 276  H HBA  . HZP A 1 4  ? 1.685  4.936  -4.865  1.00 1.81 ? 4  HZP A HBA  2  
HETATM 277  H HG   . HZP A 1 4  ? 3.184  4.131  -6.454  1.00 1.66 ? 4  HZP A HG   2  
HETATM 278  H HD   . HZP A 1 4  ? 3.860  2.845  -4.691  1.00 1.48 ? 4  HZP A HD   2  
HETATM 279  H HDA  . HZP A 1 4  ? 3.209  1.501  -5.651  1.00 1.08 ? 4  HZP A HDA  2  
HETATM 280  H HOD1 . HZP A 1 4  ? 2.613  2.767  -8.013  1.00 1.29 ? 4  HZP A HOD1 2  
ATOM   281  N N    . THR A 1 5  ? -0.356 0.923  -5.128  1.00 0.66 ? 5  THR A N    2  
ATOM   282  C CA   . THR A 1 5  ? -1.275 0.062  -5.859  1.00 0.83 ? 5  THR A CA   2  
ATOM   283  C C    . THR A 1 5  ? -2.085 -0.796 -4.896  1.00 0.76 ? 5  THR A C    2  
ATOM   284  O O    . THR A 1 5  ? -1.553 -1.729 -4.295  1.00 0.75 ? 5  THR A O    2  
ATOM   285  C CB   . THR A 1 5  ? -0.521 -0.837 -6.856  1.00 1.01 ? 5  THR A CB   2  
ATOM   286  O OG1  . THR A 1 5  ? 0.278  -0.025 -7.727  1.00 1.87 ? 5  THR A OG1  2  
ATOM   287  C CG2  . THR A 1 5  ? -1.492 -1.671 -7.681  1.00 1.28 ? 5  THR A CG2  2  
ATOM   288  H H    . THR A 1 5  ? 0.242  0.528  -4.452  1.00 0.45 ? 5  THR A H    2  
ATOM   289  H HA   . THR A 1 5  ? -1.951 0.695  -6.417  1.00 1.19 ? 5  THR A HA   2  
ATOM   290  H HB   . THR A 1 5  ? 0.123  -1.504 -6.301  1.00 1.57 ? 5  THR A HB   2  
ATOM   291  H HG1  . THR A 1 5  ? 0.533  0.785  -7.267  1.00 2.23 ? 5  THR A HG1  2  
ATOM   292  H HG21 . THR A 1 5  ? -2.170 -1.018 -8.209  1.00 1.52 ? 5  THR A HG21 2  
ATOM   293  H HG22 . THR A 1 5  ? -2.056 -2.321 -7.027  1.00 1.80 ? 5  THR A HG22 2  
ATOM   294  H HG23 . THR A 1 5  ? -0.940 -2.269 -8.391  1.00 1.80 ? 5  THR A HG23 2  
ATOM   295  N N    . ALA A 1 6  ? -3.372 -0.464 -4.762  1.00 0.97 ? 6  ALA A N    2  
ATOM   296  C CA   . ALA A 1 6  ? -4.250 -1.102 -3.781  1.00 1.16 ? 6  ALA A CA   2  
ATOM   297  C C    . ALA A 1 6  ? -3.592 -1.083 -2.408  1.00 1.23 ? 6  ALA A C    2  
ATOM   298  O O    . ALA A 1 6  ? -3.298 -2.131 -1.834  1.00 1.28 ? 6  ALA A O    2  
ATOM   299  C CB   . ALA A 1 6  ? -4.592 -2.528 -4.204  1.00 1.15 ? 6  ALA A CB   2  
ATOM   300  H H    . ALA A 1 6  ? -3.741 0.236  -5.339  1.00 1.14 ? 6  ALA A H    2  
ATOM   301  H HA   . ALA A 1 6  ? -5.167 -0.531 -3.737  1.00 1.41 ? 6  ALA A HA   2  
ATOM   302  H HB1  . ALA A 1 6  ? -5.257 -2.970 -3.476  1.00 1.43 ? 6  ALA A HB1  2  
ATOM   303  H HB2  . ALA A 1 6  ? -3.686 -3.111 -4.265  1.00 1.43 ? 6  ALA A HB2  2  
ATOM   304  H HB3  . ALA A 1 6  ? -5.075 -2.511 -5.169  1.00 1.49 ? 6  ALA A HB3  2  
ATOM   305  N N    . PRO A 1 7  ? -3.357 0.120  -1.861  1.00 1.41 ? 7  PRO A N    2  
ATOM   306  C CA   . PRO A 1 7  ? -2.526 0.300  -0.675  1.00 1.60 ? 7  PRO A CA   2  
ATOM   307  C C    . PRO A 1 7  ? -3.153 -0.266 0.591   1.00 1.74 ? 7  PRO A C    2  
ATOM   308  O O    . PRO A 1 7  ? -4.117 0.288  1.127   1.00 2.42 ? 7  PRO A O    2  
ATOM   309  C CB   . PRO A 1 7  ? -2.362 1.822  -0.557  1.00 1.84 ? 7  PRO A CB   2  
ATOM   310  C CG   . PRO A 1 7  ? -2.896 2.389  -1.829  1.00 1.77 ? 7  PRO A CG   2  
ATOM   311  C CD   . PRO A 1 7  ? -3.900 1.397  -2.337  1.00 1.54 ? 7  PRO A CD   2  
ATOM   312  H HA   . PRO A 1 7  ? -1.560 -0.151 -0.815  1.00 1.56 ? 7  PRO A HA   2  
ATOM   313  H HB2  . PRO A 1 7  ? -2.921 2.178  0.294   1.00 2.13 ? 7  PRO A HB2  2  
ATOM   314  H HB3  . PRO A 1 7  ? -1.317 2.062  -0.430  1.00 1.93 ? 7  PRO A HB3  2  
ATOM   315  H HG2  . PRO A 1 7  ? -3.374 3.337  -1.630  1.00 2.10 ? 7  PRO A HG2  2  
ATOM   316  H HG3  . PRO A 1 7  ? -2.096 2.512  -2.542  1.00 1.81 ? 7  PRO A HG3  2  
ATOM   317  H HD2  . PRO A 1 7  ? -4.873 1.589  -1.910  1.00 1.84 ? 7  PRO A HD2  2  
ATOM   318  H HD3  . PRO A 1 7  ? -3.944 1.420  -3.415  1.00 1.40 ? 7  PRO A HD3  2  
ATOM   319  N N    . GLY A 1 8  ? -2.604 -1.379 1.055   1.00 1.21 ? 8  GLY A N    2  
ATOM   320  C CA   . GLY A 1 8  ? -3.048 -1.969 2.297   1.00 1.29 ? 8  GLY A CA   2  
ATOM   321  C C    . GLY A 1 8  ? -2.105 -1.663 3.443   1.00 1.06 ? 8  GLY A C    2  
ATOM   322  O O    . GLY A 1 8  ? -1.545 -0.566 3.521   1.00 1.73 ? 8  GLY A O    2  
ATOM   323  H H    . GLY A 1 8  ? -1.894 -1.817 0.531   1.00 0.98 ? 8  GLY A H    2  
ATOM   324  H HA2  . GLY A 1 8  ? -4.025 -1.582 2.538   1.00 1.77 ? 8  GLY A HA2  2  
ATOM   325  H HA3  . GLY A 1 8  ? -3.113 -3.040 2.174   1.00 1.47 ? 8  GLY A HA3  2  
ATOM   326  N N    . HIS A 1 9  ? -1.913 -2.638 4.321   1.00 1.09 ? 9  HIS A N    2  
ATOM   327  C CA   . HIS A 1 9  ? -1.097 -2.452 5.516   1.00 1.69 ? 9  HIS A CA   2  
ATOM   328  C C    . HIS A 1 9  ? 0.373  -2.238 5.172   1.00 1.81 ? 9  HIS A C    2  
ATOM   329  O O    . HIS A 1 9  ? 1.039  -1.411 5.789   1.00 2.36 ? 9  HIS A O    2  
ATOM   330  C CB   . HIS A 1 9  ? -1.233 -3.646 6.464   1.00 2.23 ? 9  HIS A CB   2  
ATOM   331  C CG   . HIS A 1 9  ? -2.554 -3.723 7.159   1.00 2.86 ? 9  HIS A CG   2  
ATOM   332  N ND1  . HIS A 1 9  ? -3.417 -4.786 7.022   1.00 3.59 ? 9  HIS A ND1  2  
ATOM   333  C CD2  . HIS A 1 9  ? -3.146 -2.873 8.027   1.00 3.41 ? 9  HIS A CD2  2  
ATOM   334  C CE1  . HIS A 1 9  ? -4.481 -4.585 7.774   1.00 4.30 ? 9  HIS A CE1  2  
ATOM   335  N NE2  . HIS A 1 9  ? -4.343 -3.432 8.395   1.00 4.18 ? 9  HIS A NE2  2  
ATOM   336  H H    . HIS A 1 9  ? -2.332 -3.515 4.158   1.00 1.37 ? 9  HIS A H    2  
ATOM   337  H HA   . HIS A 1 9  ? -1.461 -1.570 6.021   1.00 2.18 ? 9  HIS A HA   2  
ATOM   338  H HB2  . HIS A 1 9  ? -1.105 -4.556 5.902   1.00 2.30 ? 9  HIS A HB2  2  
ATOM   339  H HB3  . HIS A 1 9  ? -0.462 -3.584 7.218   1.00 2.72 ? 9  HIS A HB3  2  
ATOM   340  H HD1  . HIS A 1 9  ? -3.268 -5.580 6.459   1.00 3.85 ? 9  HIS A HD1  2  
ATOM   341  H HD2  . HIS A 1 9  ? -2.751 -1.926 8.367   1.00 3.60 ? 9  HIS A HD2  2  
ATOM   342  H HE1  . HIS A 1 9  ? -5.324 -5.252 7.866   1.00 5.09 ? 9  HIS A HE1  2  
ATOM   343  H HE2  . HIS A 1 9  ? -4.877 -3.150 9.171   1.00 4.80 ? 9  HIS A HE2  2  
ATOM   344  N N    . SER A 1 10 ? 0.880  -2.975 4.193   1.00 1.82 ? 10 SER A N    2  
ATOM   345  C CA   . SER A 1 10 ? 2.284  -2.857 3.817   1.00 2.36 ? 10 SER A CA   2  
ATOM   346  C C    . SER A 1 10 ? 2.518  -1.720 2.806   1.00 2.06 ? 10 SER A C    2  
ATOM   347  O O    . SER A 1 10 ? 3.316  -0.827 3.078   1.00 2.00 ? 10 SER A O    2  
ATOM   348  C CB   . SER A 1 10 ? 2.835  -4.189 3.286   1.00 3.00 ? 10 SER A CB   2  
ATOM   349  O OG   . SER A 1 10 ? 2.734  -5.212 4.265   1.00 3.75 ? 10 SER A OG   2  
ATOM   350  H H    . SER A 1 10 ? 0.299  -3.602 3.707   1.00 1.80 ? 10 SER A H    2  
ATOM   351  H HA   . SER A 1 10 ? 2.825  -2.607 4.719   1.00 2.77 ? 10 SER A HA   2  
ATOM   352  H HB2  . SER A 1 10 ? 2.278  -4.492 2.416   1.00 3.09 ? 10 SER A HB2  2  
ATOM   353  H HB3  . SER A 1 10 ? 3.874  -4.066 3.021   1.00 3.32 ? 10 SER A HB3  2  
ATOM   354  H HG   . SER A 1 10 ? 1.828  -5.250 4.597   1.00 4.03 ? 10 SER A HG   2  
HETATM 355  N N    . HZP A 1 11 ? 1.821  -1.706 1.639   1.00 2.01 ? 11 HZP A N    2  
HETATM 356  C CA   . HZP A 1 11 ? 2.062  -0.694 0.588   1.00 1.78 ? 11 HZP A CA   2  
HETATM 357  C C    . HZP A 1 11 ? 1.903  0.745  1.085   1.00 1.66 ? 11 HZP A C    2  
HETATM 358  O O    . HZP A 1 11 ? 2.857  1.525  1.086   1.00 2.33 ? 11 HZP A O    2  
HETATM 359  C CB   . HZP A 1 11 ? 0.984  -0.998 -0.454  1.00 1.72 ? 11 HZP A CB   2  
HETATM 360  C CG   . HZP A 1 11 ? 0.612  -2.425 -0.228  1.00 2.09 ? 11 HZP A CG   2  
HETATM 361  C CD   . HZP A 1 11 ? 0.757  -2.653 1.244   1.00 2.34 ? 11 HZP A CD   2  
HETATM 362  O OD1  . HZP A 1 11 ? -0.737 -2.662 -0.629  1.00 2.23 ? 11 HZP A OD1  2  
HETATM 363  H HA   . HZP A 1 11 ? 3.038  -0.813 0.143   1.00 1.87 ? 11 HZP A HA   2  
HETATM 364  H HB   . HZP A 1 11 ? 0.139  -0.347 -0.292  1.00 1.63 ? 11 HZP A HB   2  
HETATM 365  H HBA  . HZP A 1 11 ? 1.369  -0.869 -1.455  1.00 1.65 ? 11 HZP A HBA  2  
HETATM 366  H HG   . HZP A 1 11 ? 1.269  -3.076 -0.788  1.00 2.18 ? 11 HZP A HG   2  
HETATM 367  H HD   . HZP A 1 11 ? 1.049  -3.671 1.431   1.00 2.79 ? 11 HZP A HD   2  
HETATM 368  H HDA  . HZP A 1 11 ? -0.172 -2.425 1.748   1.00 2.45 ? 11 HZP A HDA  2  
HETATM 369  H HOD1 . HZP A 1 11 ? -0.793 -3.528 -1.060  1.00 2.38 ? 11 HZP A HOD1 2  
ATOM   370  N N    . GLY A 1 12 ? 0.692  1.090  1.508   1.00 1.10 ? 12 GLY A N    2  
ATOM   371  C CA   . GLY A 1 12 ? 0.415  2.446  1.942   1.00 1.23 ? 12 GLY A CA   2  
ATOM   372  C C    . GLY A 1 12 ? 0.614  2.642  3.426   1.00 1.34 ? 12 GLY A C    2  
ATOM   373  O O    . GLY A 1 12 ? 0.314  3.714  3.954   1.00 2.06 ? 12 GLY A O    2  
ATOM   374  H H    . GLY A 1 12 ? -0.021 0.421  1.518   1.00 1.05 ? 12 GLY A H    2  
ATOM   375  H HA2  . GLY A 1 12 ? 1.065  3.124  1.411   1.00 1.86 ? 12 GLY A HA2  2  
ATOM   376  H HA3  . GLY A 1 12 ? -0.613 2.688  1.702   1.00 1.56 ? 12 GLY A HA3  2  
ATOM   377  N N    . VAL A 1 13 ? 1.127  1.611  4.097   1.00 1.72 ? 13 VAL A N    2  
ATOM   378  C CA   . VAL A 1 13 ? 1.285  1.634  5.550   1.00 2.59 ? 13 VAL A CA   2  
ATOM   379  C C    . VAL A 1 13 ? -0.069 1.940  6.190   1.00 2.74 ? 13 VAL A C    2  
ATOM   380  O O    . VAL A 1 13 ? -0.187 2.735  7.123   1.00 3.50 ? 13 VAL A O    2  
ATOM   381  C CB   . VAL A 1 13 ? 2.340  2.675  6.004   1.00 3.44 ? 13 VAL A CB   2  
ATOM   382  C CG1  . VAL A 1 13 ? 2.726  2.463  7.464   1.00 4.05 ? 13 VAL A CG1  2  
ATOM   383  C CG2  . VAL A 1 13 ? 3.576  2.615  5.118   1.00 4.25 ? 13 VAL A CG2  2  
ATOM   384  H H    . VAL A 1 13 ? 1.406  0.814  3.602   1.00 1.92 ? 13 VAL A H    2  
ATOM   385  H HA   . VAL A 1 13 ? 1.610  0.652  5.866   1.00 3.05 ? 13 VAL A HA   2  
ATOM   386  H HB   . VAL A 1 13 ? 1.907  3.659  5.911   1.00 3.50 ? 13 VAL A HB   2  
ATOM   387  H HG11 . VAL A 1 13 ? 3.444  3.213  7.758   1.00 4.45 ? 13 VAL A HG11 2  
ATOM   388  H HG12 . VAL A 1 13 ? 3.160  1.482  7.581   1.00 4.09 ? 13 VAL A HG12 2  
ATOM   389  H HG13 . VAL A 1 13 ? 1.844  2.545  8.083   1.00 4.44 ? 13 VAL A HG13 2  
ATOM   390  H HG21 . VAL A 1 13 ? 3.295  2.821  4.095   1.00 4.42 ? 13 VAL A HG21 2  
ATOM   391  H HG22 . VAL A 1 13 ? 4.014  1.629  5.179   1.00 4.60 ? 13 VAL A HG22 2  
ATOM   392  H HG23 . VAL A 1 13 ? 4.295  3.348  5.451   1.00 4.77 ? 13 VAL A HG23 2  
ATOM   393  N N    . GLY A 1 14 ? -1.097 1.311  5.644   1.00 2.56 ? 14 GLY A N    2  
ATOM   394  C CA   . GLY A 1 14 ? -2.452 1.586  6.057   1.00 3.19 ? 14 GLY A CA   2  
ATOM   395  C C    . GLY A 1 14 ? -3.328 1.887  4.864   1.00 2.98 ? 14 GLY A C    2  
ATOM   396  O O    . GLY A 1 14 ? -4.369 1.252  4.681   1.00 3.82 ? 14 GLY A O    2  
ATOM   397  H H    . GLY A 1 14 ? -0.932 0.649  4.935   1.00 2.45 ? 14 GLY A H    2  
ATOM   398  H HA2  . GLY A 1 14 ? -2.845 0.725  6.581   1.00 3.79 ? 14 GLY A HA2  2  
ATOM   399  H HA3  . GLY A 1 14 ? -2.455 2.437  6.720   1.00 3.61 ? 14 GLY A HA3  2  
ATOM   400  N N    . HIS A 1 15 ? -2.874 2.835  4.038   1.00 2.16 ? 15 HIS A N    2  
ATOM   401  C CA   . HIS A 1 15 ? -3.570 3.245  2.822   1.00 2.49 ? 15 HIS A CA   2  
ATOM   402  C C    . HIS A 1 15 ? -2.938 4.523  2.281   1.00 2.62 ? 15 HIS A C    2  
ATOM   403  O O    . HIS A 1 15 ? -2.066 4.432  1.398   1.00 2.89 ? 15 HIS A O    2  
ATOM   404  C CB   . HIS A 1 15 ? -5.069 3.479  3.061   1.00 3.02 ? 15 HIS A CB   2  
ATOM   405  C CG   . HIS A 1 15 ? -5.831 3.734  1.798   1.00 3.82 ? 15 HIS A CG   2  
ATOM   406  N ND1  . HIS A 1 15 ? -6.402 4.948  1.491   1.00 4.57 ? 15 HIS A ND1  2  
ATOM   407  C CD2  . HIS A 1 15 ? -6.109 2.917  0.753   1.00 4.40 ? 15 HIS A CD2  2  
ATOM   408  C CE1  . HIS A 1 15 ? -6.993 4.871  0.315   1.00 5.31 ? 15 HIS A CE1  2  
ATOM   409  N NE2  . HIS A 1 15 ? -6.832 3.649  -0.155  1.00 5.25 ? 15 HIS A NE2  2  
ATOM   410  O OXT  . HIS A 1 15 ? -3.311 5.618  2.753   1.00 3.16 ? 15 HIS A OXT  2  
ATOM   411  H H    . HIS A 1 15 ? -2.015 3.266  4.242   1.00 1.62 ? 15 HIS A H    2  
ATOM   412  H HA   . HIS A 1 15 ? -3.448 2.460  2.093   1.00 3.10 ? 15 HIS A HA   2  
ATOM   413  H HB2  . HIS A 1 15 ? -5.491 2.608  3.538   1.00 3.53 ? 15 HIS A HB2  2  
ATOM   414  H HB3  . HIS A 1 15 ? -5.195 4.336  3.707   1.00 2.94 ? 15 HIS A HB3  2  
ATOM   415  H HD1  . HIS A 1 15 ? -6.383 5.754  2.055   1.00 4.78 ? 15 HIS A HD1  2  
ATOM   416  H HD2  . HIS A 1 15 ? -5.815 1.883  0.654   1.00 4.49 ? 15 HIS A HD2  2  
ATOM   417  H HE1  . HIS A 1 15 ? -7.517 5.673  -0.181  1.00 6.06 ? 15 HIS A HE1  2  
ATOM   418  H HE2  . HIS A 1 15 ? -7.309 3.280  -0.933  1.00 5.92 ? 15 HIS A HE2  2  
ATOM   419  N N    . ALA A 1 1  ? 6.768  -3.783 -2.447  1.00 4.02 ? 1  ALA A N    3  
ATOM   420  C CA   . ALA A 1 1  ? 6.615  -2.758 -3.503  1.00 3.27 ? 1  ALA A CA   3  
ATOM   421  C C    . ALA A 1 1  ? 5.140  -2.500 -3.776  1.00 2.38 ? 1  ALA A C    3  
ATOM   422  O O    . ALA A 1 1  ? 4.279  -3.118 -3.148  1.00 2.67 ? 1  ALA A O    3  
ATOM   423  C CB   . ALA A 1 1  ? 7.323  -3.199 -4.775  1.00 3.84 ? 1  ALA A CB   3  
ATOM   424  H H1   . ALA A 1 1  ? 6.261  -3.486 -1.591  1.00 4.36 ? 1  ALA A H1   3  
ATOM   425  H H2   . ALA A 1 1  ? 7.772  -3.913 -2.212  1.00 4.56 ? 1  ALA A H2   3  
ATOM   426  H H3   . ALA A 1 1  ? 6.375  -4.689 -2.769  1.00 4.11 ? 1  ALA A H3   3  
ATOM   427  H HA   . ALA A 1 1  ? 7.074  -1.844 -3.160  1.00 3.54 ? 1  ALA A HA   3  
ATOM   428  H HB1  . ALA A 1 1  ? 6.852  -4.091 -5.159  1.00 3.89 ? 1  ALA A HB1  3  
ATOM   429  H HB2  . ALA A 1 1  ? 8.361  -3.405 -4.557  1.00 4.24 ? 1  ALA A HB2  3  
ATOM   430  H HB3  . ALA A 1 1  ? 7.259  -2.412 -5.512  1.00 4.31 ? 1  ALA A HB3  3  
ATOM   431  N N    . PHE A 1 2  ? 4.859  -1.589 -4.710  1.00 1.89 ? 2  PHE A N    3  
ATOM   432  C CA   . PHE A 1 2  ? 3.486  -1.246 -5.083  1.00 1.21 ? 2  PHE A CA   3  
ATOM   433  C C    . PHE A 1 2  ? 2.713  -0.703 -3.881  1.00 1.11 ? 2  PHE A C    3  
ATOM   434  O O    . PHE A 1 2  ? 1.745  -1.313 -3.422  1.00 1.07 ? 2  PHE A O    3  
ATOM   435  C CB   . PHE A 1 2  ? 2.760  -2.461 -5.670  1.00 1.44 ? 2  PHE A CB   3  
ATOM   436  C CG   . PHE A 1 2  ? 3.347  -2.963 -6.956  1.00 1.96 ? 2  PHE A CG   3  
ATOM   437  C CD1  . PHE A 1 2  ? 3.086  -2.311 -8.149  1.00 2.45 ? 2  PHE A CD1  3  
ATOM   438  C CD2  . PHE A 1 2  ? 4.153  -4.089 -6.973  1.00 2.37 ? 2  PHE A CD2  3  
ATOM   439  C CE1  . PHE A 1 2  ? 3.616  -2.771 -9.338  1.00 3.14 ? 2  PHE A CE1  3  
ATOM   440  C CE2  . PHE A 1 2  ? 4.685  -4.555 -8.158  1.00 2.92 ? 2  PHE A CE2  3  
ATOM   441  C CZ   . PHE A 1 2  ? 4.417  -3.895 -9.340  1.00 3.26 ? 2  PHE A CZ   3  
ATOM   442  H H    . PHE A 1 2  ? 5.599  -1.129 -5.162  1.00 2.46 ? 2  PHE A H    3  
ATOM   443  H HA   . PHE A 1 2  ? 3.535  -0.473 -5.836  1.00 1.39 ? 2  PHE A HA   3  
ATOM   444  H HB2  . PHE A 1 2  ? 2.795  -3.269 -4.954  1.00 1.76 ? 2  PHE A HB2  3  
ATOM   445  H HB3  . PHE A 1 2  ? 1.731  -2.197 -5.853  1.00 1.70 ? 2  PHE A HB3  3  
ATOM   446  H HD1  . PHE A 1 2  ? 2.458  -1.432 -8.146  1.00 2.50 ? 2  PHE A HD1  3  
ATOM   447  H HD2  . PHE A 1 2  ? 4.362  -4.606 -6.048  1.00 2.50 ? 2  PHE A HD2  3  
ATOM   448  H HE1  . PHE A 1 2  ? 3.406  -2.254 -10.261 1.00 3.72 ? 2  PHE A HE1  3  
ATOM   449  H HE2  . PHE A 1 2  ? 5.313  -5.433 -8.159  1.00 3.27 ? 2  PHE A HE2  3  
ATOM   450  H HZ   . PHE A 1 2  ? 4.836  -4.259 -10.266 1.00 3.81 ? 2  PHE A HZ   3  
ATOM   451  N N    . ARG A 1 3  ? 3.148  0.448  -3.389  1.00 1.22 ? 3  ARG A N    3  
ATOM   452  C CA   . ARG A 1 3  ? 2.558  1.059  -2.201  1.00 1.28 ? 3  ARG A CA   3  
ATOM   453  C C    . ARG A 1 3  ? 1.144  1.599  -2.460  1.00 1.06 ? 3  ARG A C    3  
ATOM   454  O O    . ARG A 1 3  ? 0.226  1.297  -1.702  1.00 1.01 ? 3  ARG A O    3  
ATOM   455  C CB   . ARG A 1 3  ? 3.462  2.171  -1.657  1.00 1.68 ? 3  ARG A CB   3  
ATOM   456  C CG   . ARG A 1 3  ? 4.845  1.683  -1.261  1.00 2.02 ? 3  ARG A CG   3  
ATOM   457  C CD   . ARG A 1 3  ? 5.683  2.794  -0.649  1.00 2.47 ? 3  ARG A CD   3  
ATOM   458  N NE   . ARG A 1 3  ? 5.138  3.258  0.627   1.00 3.13 ? 3  ARG A NE   3  
ATOM   459  C CZ   . ARG A 1 3  ? 5.857  3.870  1.571   1.00 3.82 ? 3  ARG A CZ   3  
ATOM   460  N NH1  . ARG A 1 3  ? 7.155  4.085  1.391   1.00 3.89 ? 3  ARG A NH1  3  
ATOM   461  N NH2  . ARG A 1 3  ? 5.274  4.269  2.690   1.00 4.74 ? 3  ARG A NH2  3  
ATOM   462  H H    . ARG A 1 3  ? 3.887  0.909  -3.843  1.00 1.34 ? 3  ARG A H    3  
ATOM   463  H HA   . ARG A 1 3  ? 2.486  0.286  -1.451  1.00 1.33 ? 3  ARG A HA   3  
ATOM   464  H HB2  . ARG A 1 3  ? 3.575  2.931  -2.413  1.00 1.75 ? 3  ARG A HB2  3  
ATOM   465  H HB3  . ARG A 1 3  ? 2.994  2.607  -0.787  1.00 1.76 ? 3  ARG A HB3  3  
ATOM   466  H HG2  . ARG A 1 3  ? 4.738  0.889  -0.538  1.00 2.05 ? 3  ARG A HG2  3  
ATOM   467  H HG3  . ARG A 1 3  ? 5.347  1.306  -2.138  1.00 2.00 ? 3  ARG A HG3  3  
ATOM   468  H HD2  . ARG A 1 3  ? 6.684  2.424  -0.486  1.00 2.56 ? 3  ARG A HD2  3  
ATOM   469  H HD3  . ARG A 1 3  ? 5.715  3.625  -1.339  1.00 2.86 ? 3  ARG A HD3  3  
ATOM   470  H HE   . ARG A 1 3  ? 4.180  3.102  0.790   1.00 3.36 ? 3  ARG A HE   3  
ATOM   471  H HH11 . ARG A 1 3  ? 7.604  3.791  0.544   1.00 3.61 ? 3  ARG A HH11 3  
ATOM   472  H HH12 . ARG A 1 3  ? 7.694  4.547  2.101   1.00 4.47 ? 3  ARG A HH12 3  
ATOM   473  H HH21 . ARG A 1 3  ? 4.281  4.117  2.830   1.00 5.04 ? 3  ARG A HH21 3  
ATOM   474  H HH22 . ARG A 1 3  ? 5.812  4.713  3.410   1.00 5.29 ? 3  ARG A HH22 3  
HETATM 475  N N    . HZP A 1 4  ? 0.925  2.402  -3.521  1.00 1.10 ? 4  HZP A N    3  
HETATM 476  C CA   . HZP A 1 4  ? -0.407 2.955  -3.804  1.00 1.24 ? 4  HZP A CA   3  
HETATM 477  C C    . HZP A 1 4  ? -1.322 1.962  -4.516  1.00 1.10 ? 4  HZP A C    3  
HETATM 478  O O    . HZP A 1 4  ? -2.464 2.282  -4.844  1.00 1.54 ? 4  HZP A O    3  
HETATM 479  C CB   . HZP A 1 4  ? -0.090 4.124  -4.732  1.00 1.56 ? 4  HZP A CB   3  
HETATM 480  C CG   . HZP A 1 4  ? 1.117  3.667  -5.489  1.00 1.41 ? 4  HZP A CG   3  
HETATM 481  C CD   . HZP A 1 4  ? 1.930  2.865  -4.513  1.00 1.23 ? 4  HZP A CD   3  
HETATM 482  O OD1  . HZP A 1 4  ? 0.729  2.856  -6.607  1.00 1.27 ? 4  HZP A OD1  3  
HETATM 483  H HA   . HZP A 1 4  ? -0.889 3.315  -2.906  1.00 1.38 ? 4  HZP A HA   3  
HETATM 484  H HB   . HZP A 1 4  ? -0.929 4.307  -5.395  1.00 1.70 ? 4  HZP A HB   3  
HETATM 485  H HBA  . HZP A 1 4  ? 0.144  5.006  -4.160  1.00 1.81 ? 4  HZP A HBA  3  
HETATM 486  H HG   . HZP A 1 4  ? 1.685  4.514  -5.844  1.00 1.66 ? 4  HZP A HG   3  
HETATM 487  H HD   . HZP A 1 4  ? 2.672  3.493  -4.046  1.00 1.48 ? 4  HZP A HD   3  
HETATM 488  H HDA  . HZP A 1 4  ? 2.397  2.030  -5.014  1.00 1.08 ? 4  HZP A HDA  3  
HETATM 489  H HOD1 . HZP A 1 4  ? 1.374  2.972  -7.323  1.00 1.29 ? 4  HZP A HOD1 3  
ATOM   490  N N    . THR A 1 5  ? -0.823 0.759  -4.752  1.00 0.66 ? 5  THR A N    3  
ATOM   491  C CA   . THR A 1 5  ? -1.559 -0.218 -5.538  1.00 0.83 ? 5  THR A CA   3  
ATOM   492  C C    . THR A 1 5  ? -2.353 -1.140 -4.626  1.00 0.76 ? 5  THR A C    3  
ATOM   493  O O    . THR A 1 5  ? -1.791 -2.059 -4.030  1.00 0.75 ? 5  THR A O    3  
ATOM   494  C CB   . THR A 1 5  ? -0.602 -1.051 -6.406  1.00 1.01 ? 5  THR A CB   3  
ATOM   495  O OG1  . THR A 1 5  ? 0.338  -0.183 -7.056  1.00 1.87 ? 5  THR A OG1  3  
ATOM   496  C CG2  . THR A 1 5  ? -1.369 -1.844 -7.453  1.00 1.28 ? 5  THR A CG2  3  
ATOM   497  H H    . THR A 1 5  ? 0.048  0.513  -4.364  1.00 0.45 ? 5  THR A H    3  
ATOM   498  H HA   . THR A 1 5  ? -2.241 0.312  -6.186  1.00 1.19 ? 5  THR A HA   3  
ATOM   499  H HB   . THR A 1 5  ? -0.072 -1.739 -5.768  1.00 1.57 ? 5  THR A HB   3  
ATOM   500  H HG1  . THR A 1 5  ? 0.292  0.696  -6.655  1.00 2.23 ? 5  THR A HG1  3  
ATOM   501  H HG21 . THR A 1 5  ? -2.072 -2.502 -6.965  1.00 1.52 ? 5  THR A HG21 3  
ATOM   502  H HG22 . THR A 1 5  ? -0.674 -2.430 -8.039  1.00 1.80 ? 5  THR A HG22 3  
ATOM   503  H HG23 . THR A 1 5  ? -1.900 -1.163 -8.101  1.00 1.80 ? 5  THR A HG23 3  
ATOM   504  N N    . ALA A 1 6  ? -3.659 -0.888 -4.526  1.00 0.97 ? 6  ALA A N    3  
ATOM   505  C CA   . ALA A 1 6  ? -4.515 -1.606 -3.584  1.00 1.16 ? 6  ALA A CA   3  
ATOM   506  C C    . ALA A 1 6  ? -3.892 -1.560 -2.192  1.00 1.23 ? 6  ALA A C    3  
ATOM   507  O O    . ALA A 1 6  ? -3.523 -2.595 -1.631  1.00 1.28 ? 6  ALA A O    3  
ATOM   508  C CB   . ALA A 1 6  ? -4.737 -3.043 -4.038  1.00 1.15 ? 6  ALA A CB   3  
ATOM   509  H H    . ALA A 1 6  ? -4.054 -0.196 -5.095  1.00 1.14 ? 6  ALA A H    3  
ATOM   510  H HA   . ALA A 1 6  ? -5.473 -1.103 -3.555  1.00 1.41 ? 6  ALA A HA   3  
ATOM   511  H HB1  . ALA A 1 6  ? -5.379 -3.550 -3.332  1.00 1.43 ? 6  ALA A HB1  3  
ATOM   512  H HB2  . ALA A 1 6  ? -3.788 -3.555 -4.094  1.00 1.43 ? 6  ALA A HB2  3  
ATOM   513  H HB3  . ALA A 1 6  ? -5.205 -3.044 -5.013  1.00 1.49 ? 6  ALA A HB3  3  
ATOM   514  N N    . PRO A 1 7  ? -3.782 -0.345 -1.626  1.00 1.41 ? 7  PRO A N    3  
ATOM   515  C CA   . PRO A 1 7  ? -2.980 -0.078 -0.426  1.00 1.60 ? 7  PRO A CA   3  
ATOM   516  C C    . PRO A 1 7  ? -3.386 -0.917 0.783   1.00 1.74 ? 7  PRO A C    3  
ATOM   517  O O    . PRO A 1 7  ? -4.336 -0.593 1.498   1.00 2.42 ? 7  PRO A O    3  
ATOM   518  C CB   . PRO A 1 7  ? -3.217 1.410  -0.151  1.00 1.84 ? 7  PRO A CB   3  
ATOM   519  C CG   . PRO A 1 7  ? -4.450 1.760  -0.903  1.00 1.77 ? 7  PRO A CG   3  
ATOM   520  C CD   . PRO A 1 7  ? -4.456 0.872  -2.108  1.00 1.54 ? 7  PRO A CD   3  
ATOM   521  H HA   . PRO A 1 7  ? -1.931 -0.239 -0.623  1.00 1.56 ? 7  PRO A HA   3  
ATOM   522  H HB2  . PRO A 1 7  ? -3.347 1.563  0.908   1.00 2.13 ? 7  PRO A HB2  3  
ATOM   523  H HB3  . PRO A 1 7  ? -2.369 1.981  -0.500  1.00 1.93 ? 7  PRO A HB3  3  
ATOM   524  H HG2  . PRO A 1 7  ? -5.317 1.566  -0.288  1.00 2.10 ? 7  PRO A HG2  3  
ATOM   525  H HG3  . PRO A 1 7  ? -4.420 2.798  -1.198  1.00 1.81 ? 7  PRO A HG3  3  
ATOM   526  H HD2  . PRO A 1 7  ? -5.468 0.658  -2.417  1.00 1.84 ? 7  PRO A HD2  3  
ATOM   527  H HD3  . PRO A 1 7  ? -3.900 1.325  -2.917  1.00 1.40 ? 7  PRO A HD3  3  
ATOM   528  N N    . GLY A 1 8  ? -2.657 -2.001 0.996   1.00 1.21 ? 8  GLY A N    3  
ATOM   529  C CA   . GLY A 1 8  ? -2.865 -2.824 2.166   1.00 1.29 ? 8  GLY A CA   3  
ATOM   530  C C    . GLY A 1 8  ? -1.911 -2.463 3.282   1.00 1.06 ? 8  GLY A C    3  
ATOM   531  O O    . GLY A 1 8  ? -1.465 -1.318 3.385   1.00 1.73 ? 8  GLY A O    3  
ATOM   532  H H    . GLY A 1 8  ? -1.969 -2.256 0.338   1.00 0.98 ? 8  GLY A H    3  
ATOM   533  H HA2  . GLY A 1 8  ? -3.879 -2.689 2.512   1.00 1.77 ? 8  GLY A HA2  3  
ATOM   534  H HA3  . GLY A 1 8  ? -2.719 -3.858 1.898   1.00 1.47 ? 8  GLY A HA3  3  
ATOM   535  N N    . HIS A 1 9  ? -1.570 -3.448 4.100   1.00 1.09 ? 9  HIS A N    3  
ATOM   536  C CA   . HIS A 1 9  ? -0.726 -3.222 5.265   1.00 1.69 ? 9  HIS A CA   3  
ATOM   537  C C    . HIS A 1 9  ? 0.727  -2.981 4.863   1.00 1.81 ? 9  HIS A C    3  
ATOM   538  O O    . HIS A 1 9  ? 1.386  -2.093 5.401   1.00 2.36 ? 9  HIS A O    3  
ATOM   539  C CB   . HIS A 1 9  ? -0.828 -4.412 6.227   1.00 2.23 ? 9  HIS A CB   3  
ATOM   540  C CG   . HIS A 1 9  ? 0.059  -4.295 7.429   1.00 2.86 ? 9  HIS A CG   3  
ATOM   541  N ND1  . HIS A 1 9  ? -0.168 -3.404 8.453   1.00 3.59 ? 9  HIS A ND1  3  
ATOM   542  C CD2  . HIS A 1 9  ? 1.190  -4.958 7.758   1.00 3.41 ? 9  HIS A CD2  3  
ATOM   543  C CE1  . HIS A 1 9  ? 0.783  -3.521 9.355   1.00 4.30 ? 9  HIS A CE1  3  
ATOM   544  N NE2  . HIS A 1 9  ? 1.622  -4.459 8.959   1.00 4.18 ? 9  HIS A NE2  3  
ATOM   545  H H    . HIS A 1 9  ? -1.887 -4.356 3.909   1.00 1.37 ? 9  HIS A H    3  
ATOM   546  H HA   . HIS A 1 9  ? -1.094 -2.340 5.765   1.00 2.18 ? 9  HIS A HA   3  
ATOM   547  H HB2  . HIS A 1 9  ? -1.846 -4.496 6.576   1.00 2.30 ? 9  HIS A HB2  3  
ATOM   548  H HB3  . HIS A 1 9  ? -0.557 -5.315 5.700   1.00 2.72 ? 9  HIS A HB3  3  
ATOM   549  H HD1  . HIS A 1 9  ? -0.918 -2.770 8.507   1.00 3.85 ? 9  HIS A HD1  3  
ATOM   550  H HD2  . HIS A 1 9  ? 1.667  -5.737 7.180   1.00 3.60 ? 9  HIS A HD2  3  
ATOM   551  H HE1  . HIS A 1 9  ? 0.861  -2.949 10.267  1.00 5.09 ? 9  HIS A HE1  3  
ATOM   552  H HE2  . HIS A 1 9  ? 2.515  -4.613 9.345   1.00 4.80 ? 9  HIS A HE2  3  
ATOM   553  N N    . SER A 1 10 ? 1.226  -3.773 3.928   1.00 1.82 ? 10 SER A N    3  
ATOM   554  C CA   . SER A 1 10 ? 2.607  -3.636 3.483   1.00 2.36 ? 10 SER A CA   3  
ATOM   555  C C    . SER A 1 10 ? 2.782  -2.467 2.497   1.00 2.06 ? 10 SER A C    3  
ATOM   556  O O    . SER A 1 10 ? 3.699  -1.665 2.665   1.00 2.00 ? 10 SER A O    3  
ATOM   557  C CB   . SER A 1 10 ? 3.112  -4.953 2.884   1.00 3.00 ? 10 SER A CB   3  
ATOM   558  O OG   . SER A 1 10 ? 3.014  -6.008 3.829   1.00 3.75 ? 10 SER A OG   3  
ATOM   559  H H    . SER A 1 10 ? 0.657  -4.463 3.523   1.00 1.80 ? 10 SER A H    3  
ATOM   560  H HA   . SER A 1 10 ? 3.198  -3.418 4.361   1.00 2.77 ? 10 SER A HA   3  
ATOM   561  H HB2  . SER A 1 10 ? 2.524  -5.208 2.019   1.00 3.09 ? 10 SER A HB2  3  
ATOM   562  H HB3  . SER A 1 10 ? 4.146  -4.840 2.595   1.00 3.32 ? 10 SER A HB3  3  
ATOM   563  H HG   . SER A 1 10 ? 3.485  -5.756 4.636   1.00 4.03 ? 10 SER A HG   3  
HETATM 564  N N    . HZP A 1 11 ? 1.929  -2.341 1.450   1.00 2.01 ? 11 HZP A N    3  
HETATM 565  C CA   . HZP A 1 11 ? 1.977  -1.176 0.551   1.00 1.78 ? 11 HZP A CA   3  
HETATM 566  C C    . HZP A 1 11 ? 1.840  0.143  1.313   1.00 1.66 ? 11 HZP A C    3  
HETATM 567  O O    . HZP A 1 11 ? 2.759  0.967  1.321   1.00 2.33 ? 11 HZP A O    3  
HETATM 568  C CB   . HZP A 1 11 ? 0.778  -1.392 -0.378  1.00 1.72 ? 11 HZP A CB   3  
HETATM 569  C CG   . HZP A 1 11 ? 0.563  -2.869 -0.366  1.00 2.09 ? 11 HZP A CG   3  
HETATM 570  C CD   . HZP A 1 11 ? 0.896  -3.311 1.027   1.00 2.34 ? 11 HZP A CD   3  
HETATM 571  O OD1  . HZP A 1 11 ? -0.796 -3.180 -0.680  1.00 2.23 ? 11 HZP A OD1  3  
HETATM 572  H HA   . HZP A 1 11 ? 2.889  -1.162 -0.027  1.00 1.87 ? 11 HZP A HA   3  
HETATM 573  H HB   . HZP A 1 11 ? -0.085 -0.867 0.009   1.00 1.63 ? 11 HZP A HB   3  
HETATM 574  H HBA  . HZP A 1 11 ? 1.006  -1.059 -1.383  1.00 1.65 ? 11 HZP A HBA  3  
HETATM 575  H HG   . HZP A 1 11 ? 1.213  -3.352 -1.079  1.00 2.18 ? 11 HZP A HG   3  
HETATM 576  H HD   . HZP A 1 11 ? 1.286  -4.313 1.015   1.00 2.79 ? 11 HZP A HD   3  
HETATM 577  H HDA  . HZP A 1 11 ? 0.020  -3.247 1.658   1.00 2.45 ? 11 HZP A HDA  3  
HETATM 578  H HOD1 . HZP A 1 11 ? -0.823 -4.013 -1.163  1.00 2.38 ? 11 HZP A HOD1 3  
ATOM   579  N N    . GLY A 1 12 ? 0.696  0.330  1.962   1.00 1.10 ? 12 GLY A N    3  
ATOM   580  C CA   . GLY A 1 12 ? 0.492  1.500  2.783   1.00 1.23 ? 12 GLY A CA   3  
ATOM   581  C C    . GLY A 1 12 ? -0.909 2.049  2.663   1.00 1.34 ? 12 GLY A C    3  
ATOM   582  O O    . GLY A 1 12 ? -1.235 2.705  1.676   1.00 2.06 ? 12 GLY A O    3  
ATOM   583  H H    . GLY A 1 12 ? -0.023 -0.325 1.869   1.00 1.05 ? 12 GLY A H    3  
ATOM   584  H HA2  . GLY A 1 12 ? 0.681  1.242  3.815   1.00 1.86 ? 12 GLY A HA2  3  
ATOM   585  H HA3  . GLY A 1 12 ? 1.190  2.264  2.480   1.00 1.56 ? 12 GLY A HA3  3  
ATOM   586  N N    . VAL A 1 13 ? -1.741 1.792  3.670   1.00 1.72 ? 13 VAL A N    3  
ATOM   587  C CA   . VAL A 1 13 ? -3.111 2.306  3.688   1.00 2.59 ? 13 VAL A CA   3  
ATOM   588  C C    . VAL A 1 13 ? -3.098 3.835  3.637   1.00 2.74 ? 13 VAL A C    3  
ATOM   589  O O    . VAL A 1 13 ? -3.986 4.465  3.058   1.00 3.50 ? 13 VAL A O    3  
ATOM   590  C CB   . VAL A 1 13 ? -3.874 1.833  4.945   1.00 3.44 ? 13 VAL A CB   3  
ATOM   591  C CG1  . VAL A 1 13 ? -5.329 2.272  4.898   1.00 4.05 ? 13 VAL A CG1  3  
ATOM   592  C CG2  . VAL A 1 13 ? -3.779 0.322  5.092   1.00 4.25 ? 13 VAL A CG2  3  
ATOM   593  H H    . VAL A 1 13 ? -1.429 1.238  4.417   1.00 1.92 ? 13 VAL A H    3  
ATOM   594  H HA   . VAL A 1 13 ? -3.621 1.930  2.816   1.00 3.05 ? 13 VAL A HA   3  
ATOM   595  H HB   . VAL A 1 13 ? -3.414 2.285  5.810   1.00 3.50 ? 13 VAL A HB   3  
ATOM   596  H HG11 . VAL A 1 13 ? -5.375 3.350  4.832   1.00 4.45 ? 13 VAL A HG11 3  
ATOM   597  H HG12 . VAL A 1 13 ? -5.833 1.947  5.795   1.00 4.09 ? 13 VAL A HG12 3  
ATOM   598  H HG13 . VAL A 1 13 ? -5.811 1.837  4.035   1.00 4.44 ? 13 VAL A HG13 3  
ATOM   599  H HG21 . VAL A 1 13 ? -2.742 0.033  5.183   1.00 4.42 ? 13 VAL A HG21 3  
ATOM   600  H HG22 . VAL A 1 13 ? -4.208 -0.151 4.221   1.00 4.60 ? 13 VAL A HG22 3  
ATOM   601  H HG23 . VAL A 1 13 ? -4.320 0.010  5.974   1.00 4.77 ? 13 VAL A HG23 3  
ATOM   602  N N    . GLY A 1 14 ? -2.069 4.417  4.238   1.00 2.56 ? 14 GLY A N    3  
ATOM   603  C CA   . GLY A 1 14 ? -1.854 5.845  4.149   1.00 3.19 ? 14 GLY A CA   3  
ATOM   604  C C    . GLY A 1 14 ? -0.606 6.159  3.352   1.00 2.98 ? 14 GLY A C    3  
ATOM   605  O O    . GLY A 1 14 ? -0.004 7.223  3.518   1.00 3.82 ? 14 GLY A O    3  
ATOM   606  H H    . GLY A 1 14 ? -1.442 3.865  4.751   1.00 2.45 ? 14 GLY A H    3  
ATOM   607  H HA2  . GLY A 1 14 ? -2.704 6.300  3.666   1.00 3.79 ? 14 GLY A HA2  3  
ATOM   608  H HA3  . GLY A 1 14 ? -1.748 6.251  5.143   1.00 3.61 ? 14 GLY A HA3  3  
ATOM   609  N N    . HIS A 1 15 ? -0.227 5.212  2.492   1.00 2.16 ? 15 HIS A N    3  
ATOM   610  C CA   . HIS A 1 15 ? 0.965  5.312  1.658   1.00 2.49 ? 15 HIS A CA   3  
ATOM   611  C C    . HIS A 1 15 ? 2.218  5.231  2.521   1.00 2.62 ? 15 HIS A C    3  
ATOM   612  O O    . HIS A 1 15 ? 2.636  4.103  2.852   1.00 2.89 ? 15 HIS A O    3  
ATOM   613  C CB   . HIS A 1 15 ? 0.955  6.603  0.824   1.00 3.02 ? 15 HIS A CB   3  
ATOM   614  C CG   . HIS A 1 15 ? 1.974  6.630  -0.273  1.00 3.82 ? 15 HIS A CG   3  
ATOM   615  N ND1  . HIS A 1 15 ? 1.636  6.642  -1.610  1.00 4.57 ? 15 HIS A ND1  3  
ATOM   616  C CD2  . HIS A 1 15 ? 3.328  6.661  -0.233  1.00 4.40 ? 15 HIS A CD2  3  
ATOM   617  C CE1  . HIS A 1 15 ? 2.734  6.679  -2.340  1.00 5.31 ? 15 HIS A CE1  3  
ATOM   618  N NE2  . HIS A 1 15 ? 3.772  6.690  -1.530  1.00 5.25 ? 15 HIS A NE2  3  
ATOM   619  O OXT  . HIS A 1 15 ? 2.787  6.289  2.857   1.00 3.16 ? 15 HIS A OXT  3  
ATOM   620  H H    . HIS A 1 15 ? -0.772 4.399  2.425   1.00 1.62 ? 15 HIS A H    3  
ATOM   621  H HA   . HIS A 1 15 ? 0.962  4.466  0.986   1.00 3.10 ? 15 HIS A HA   3  
ATOM   622  H HB2  . HIS A 1 15 ? -0.019 6.721  0.374   1.00 3.53 ? 15 HIS A HB2  3  
ATOM   623  H HB3  . HIS A 1 15 ? 1.145  7.443  1.475   1.00 2.94 ? 15 HIS A HB3  3  
ATOM   624  H HD1  . HIS A 1 15 ? 0.721  6.623  -1.969  1.00 4.78 ? 15 HIS A HD1  3  
ATOM   625  H HD2  . HIS A 1 15 ? 3.943  6.660  0.656   1.00 4.49 ? 15 HIS A HD2  3  
ATOM   626  H HE1  . HIS A 1 15 ? 2.773  6.700  -3.418  1.00 6.06 ? 15 HIS A HE1  3  
ATOM   627  H HE2  . HIS A 1 15 ? 4.705  6.831  -1.809  1.00 5.92 ? 15 HIS A HE2  3  
ATOM   628  N N    . ALA A 1 1  ? 7.478  0.664  -3.610  1.00 4.02 ? 1  ALA A N    4  
ATOM   629  C CA   . ALA A 1 1  ? 7.447  -0.521 -4.492  1.00 3.27 ? 1  ALA A CA   4  
ATOM   630  C C    . ALA A 1 1  ? 6.029  -0.790 -4.986  1.00 2.38 ? 1  ALA A C    4  
ATOM   631  O O    . ALA A 1 1  ? 5.754  -0.693 -6.183  1.00 2.67 ? 1  ALA A O    4  
ATOM   632  C CB   . ALA A 1 1  ? 8.003  -1.738 -3.769  1.00 3.84 ? 1  ALA A CB   4  
ATOM   633  H H1   . ALA A 1 1  ? 6.846  0.525  -2.799  1.00 4.36 ? 1  ALA A H1   4  
ATOM   634  H H2   . ALA A 1 1  ? 7.169  1.508  -4.135  1.00 4.56 ? 1  ALA A H2   4  
ATOM   635  H H3   . ALA A 1 1  ? 8.443  0.824  -3.258  1.00 4.11 ? 1  ALA A H3   4  
ATOM   636  H HA   . ALA A 1 1  ? 8.078  -0.321 -5.345  1.00 3.54 ? 1  ALA A HA   4  
ATOM   637  H HB1  . ALA A 1 1  ? 8.075  -2.564 -4.460  1.00 3.89 ? 1  ALA A HB1  4  
ATOM   638  H HB2  . ALA A 1 1  ? 7.347  -2.007 -2.957  1.00 4.24 ? 1  ALA A HB2  4  
ATOM   639  H HB3  . ALA A 1 1  ? 8.983  -1.508 -3.380  1.00 4.31 ? 1  ALA A HB3  4  
ATOM   640  N N    . PHE A 1 2  ? 5.129  -1.112 -4.061  1.00 1.89 ? 2  PHE A N    4  
ATOM   641  C CA   . PHE A 1 2  ? 3.744  -1.413 -4.405  1.00 1.21 ? 2  PHE A CA   4  
ATOM   642  C C    . PHE A 1 2  ? 2.789  -0.748 -3.421  1.00 1.11 ? 2  PHE A C    4  
ATOM   643  O O    . PHE A 1 2  ? 1.763  -1.312 -3.044  1.00 1.07 ? 2  PHE A O    4  
ATOM   644  C CB   . PHE A 1 2  ? 3.517  -2.934 -4.436  1.00 1.44 ? 2  PHE A CB   4  
ATOM   645  C CG   . PHE A 1 2  ? 3.938  -3.651 -3.178  1.00 1.96 ? 2  PHE A CG   4  
ATOM   646  C CD1  . PHE A 1 2  ? 5.263  -4.006 -2.975  1.00 2.37 ? 2  PHE A CD1  4  
ATOM   647  C CD2  . PHE A 1 2  ? 3.012  -3.966 -2.196  1.00 2.45 ? 2  PHE A CD2  4  
ATOM   648  C CE1  . PHE A 1 2  ? 5.651  -4.663 -1.824  1.00 2.92 ? 2  PHE A CE1  4  
ATOM   649  C CE2  . PHE A 1 2  ? 3.396  -4.624 -1.043  1.00 3.14 ? 2  PHE A CE2  4  
ATOM   650  C CZ   . PHE A 1 2  ? 4.714  -4.972 -0.857  1.00 3.26 ? 2  PHE A CZ   4  
ATOM   651  H H    . PHE A 1 2  ? 5.403  -1.152 -3.119  1.00 2.46 ? 2  PHE A H    4  
ATOM   652  H HA   . PHE A 1 2  ? 3.558  -1.011 -5.389  1.00 1.39 ? 2  PHE A HA   4  
ATOM   653  H HB2  . PHE A 1 2  ? 2.465  -3.125 -4.586  1.00 1.76 ? 2  PHE A HB2  4  
ATOM   654  H HB3  . PHE A 1 2  ? 4.071  -3.351 -5.261  1.00 1.70 ? 2  PHE A HB3  4  
ATOM   655  H HD1  . PHE A 1 2  ? 5.997  -3.765 -3.731  1.00 2.50 ? 2  PHE A HD1  4  
ATOM   656  H HD2  . PHE A 1 2  ? 1.976  -3.695 -2.339  1.00 2.50 ? 2  PHE A HD2  4  
ATOM   657  H HE1  . PHE A 1 2  ? 6.688  -4.935 -1.680  1.00 3.27 ? 2  PHE A HE1  4  
ATOM   658  H HE2  . PHE A 1 2  ? 2.661  -4.865 -0.290  1.00 3.72 ? 2  PHE A HE2  4  
ATOM   659  H HZ   . PHE A 1 2  ? 5.015  -5.485 0.044   1.00 3.81 ? 2  PHE A HZ   4  
ATOM   660  N N    . ARG A 1 3  ? 3.127  0.463  -3.015  1.00 1.22 ? 3  ARG A N    4  
ATOM   661  C CA   . ARG A 1 3  ? 2.318  1.207  -2.056  1.00 1.28 ? 3  ARG A CA   4  
ATOM   662  C C    . ARG A 1 3  ? 0.929  1.552  -2.611  1.00 1.06 ? 3  ARG A C    4  
ATOM   663  O O    . ARG A 1 3  ? -0.072 1.292  -1.946  1.00 1.01 ? 3  ARG A O    4  
ATOM   664  C CB   . ARG A 1 3  ? 3.026  2.486  -1.606  1.00 1.68 ? 3  ARG A CB   4  
ATOM   665  C CG   . ARG A 1 3  ? 4.333  2.235  -0.877  1.00 2.02 ? 3  ARG A CG   4  
ATOM   666  C CD   . ARG A 1 3  ? 4.928  3.525  -0.341  1.00 2.47 ? 3  ARG A CD   4  
ATOM   667  N NE   . ARG A 1 3  ? 4.051  4.176  0.633   1.00 3.13 ? 3  ARG A NE   4  
ATOM   668  C CZ   . ARG A 1 3  ? 4.483  4.737  1.764   1.00 3.82 ? 3  ARG A CZ   4  
ATOM   669  N NH1  . ARG A 1 3  ? 5.767  4.675  2.093   1.00 3.89 ? 3  ARG A NH1  4  
ATOM   670  N NH2  . ARG A 1 3  ? 3.630  5.352  2.569   1.00 4.74 ? 3  ARG A NH2  4  
ATOM   671  H H    . ARG A 1 3  ? 3.938  0.878  -3.380  1.00 1.34 ? 3  ARG A H    4  
ATOM   672  H HA   . ARG A 1 3  ? 2.184  0.571  -1.194  1.00 1.33 ? 3  ARG A HA   4  
ATOM   673  H HB2  . ARG A 1 3  ? 3.236  3.094  -2.472  1.00 1.75 ? 3  ARG A HB2  4  
ATOM   674  H HB3  . ARG A 1 3  ? 2.371  3.034  -0.945  1.00 1.76 ? 3  ARG A HB3  4  
ATOM   675  H HG2  . ARG A 1 3  ? 4.148  1.566  -0.049  1.00 2.05 ? 3  ARG A HG2  4  
ATOM   676  H HG3  . ARG A 1 3  ? 5.034  1.781  -1.559  1.00 2.00 ? 3  ARG A HG3  4  
ATOM   677  H HD2  . ARG A 1 3  ? 5.871  3.298  0.133   1.00 2.56 ? 3  ARG A HD2  4  
ATOM   678  H HD3  . ARG A 1 3  ? 5.095  4.199  -1.168  1.00 2.86 ? 3  ARG A HD3  4  
ATOM   679  H HE   . ARG A 1 3  ? 3.087  4.212  0.424   1.00 3.36 ? 3  ARG A HE   4  
ATOM   680  H HH11 . ARG A 1 3  ? 6.421  4.204  1.497   1.00 3.61 ? 3  ARG A HH11 4  
ATOM   681  H HH12 . ARG A 1 3  ? 6.090  5.103  2.941   1.00 4.47 ? 3  ARG A HH12 4  
ATOM   682  H HH21 . ARG A 1 3  ? 2.647  5.401  2.328   1.00 5.04 ? 3  ARG A HH21 4  
ATOM   683  H HH22 . ARG A 1 3  ? 3.955  5.775  3.420   1.00 5.29 ? 3  ARG A HH22 4  
HETATM 684  N N    . HZP A 1 4  ? 0.827  2.138  -3.824  1.00 1.10 ? 4  HZP A N    4  
HETATM 685  C CA   . HZP A 1 4  ? -0.461 2.589  -4.352  1.00 1.24 ? 4  HZP A CA   4  
HETATM 686  C C    . HZP A 1 4  ? -1.262 1.487  -5.042  1.00 1.10 ? 4  HZP A C    4  
HETATM 687  O O    . HZP A 1 4  ? -2.301 1.762  -5.646  1.00 1.54 ? 4  HZP A O    4  
HETATM 688  C CB   . HZP A 1 4  ? -0.051 3.651  -5.366  1.00 1.56 ? 4  HZP A CB   4  
HETATM 689  C CG   . HZP A 1 4  ? 1.254  3.159  -5.904  1.00 1.41 ? 4  HZP A CG   4  
HETATM 690  C CD   . HZP A 1 4  ? 1.930  2.440  -4.768  1.00 1.23 ? 4  HZP A CD   4  
HETATM 691  O OD1  . HZP A 1 4  ? 1.034  2.266  -6.998  1.00 1.27 ? 4  HZP A OD1  4  
HETATM 692  H HA   . HZP A 1 4  ? -1.063 3.041  -3.581  1.00 1.38 ? 4  HZP A HA   4  
HETATM 693  H HB   . HZP A 1 4  ? -0.798 3.724  -6.146  1.00 1.70 ? 4  HZP A HB   4  
HETATM 694  H HBA  . HZP A 1 4  ? 0.086  4.603  -4.880  1.00 1.81 ? 4  HZP A HBA  4  
HETATM 695  H HG   . HZP A 1 4  ? 1.858  3.987  -6.240  1.00 1.66 ? 4  HZP A HG   4  
HETATM 696  H HD   . HZP A 1 4  ? 2.666  3.084  -4.312  1.00 1.48 ? 4  HZP A HD   4  
HETATM 697  H HDA  . HZP A 1 4  ? 2.392  1.530  -5.126  1.00 1.08 ? 4  HZP A HDA  4  
HETATM 698  H HOD1 . HZP A 1 4  ? 1.740  2.376  -7.643  1.00 1.29 ? 4  HZP A HOD1 4  
ATOM   699  N N    . THR A 1 5  ? -0.793 0.249  -4.963  1.00 0.66 ? 5  THR A N    4  
ATOM   700  C CA   . THR A 1 5  ? -1.502 -0.849 -5.600  1.00 0.83 ? 5  THR A CA   4  
ATOM   701  C C    . THR A 1 5  ? -2.505 -1.461 -4.630  1.00 0.76 ? 5  THR A C    4  
ATOM   702  O O    . THR A 1 5  ? -2.224 -2.471 -3.982  1.00 0.75 ? 5  THR A O    4  
ATOM   703  C CB   . THR A 1 5  ? -0.531 -1.928 -6.124  1.00 1.01 ? 5  THR A CB   4  
ATOM   704  O OG1  . THR A 1 5  ? 0.337  -2.372 -5.076  1.00 1.87 ? 5  THR A OG1  4  
ATOM   705  C CG2  . THR A 1 5  ? 0.305  -1.387 -7.274  1.00 1.28 ? 5  THR A CG2  4  
ATOM   706  H H    . THR A 1 5  ? 0.037  0.069  -4.457  1.00 0.45 ? 5  THR A H    4  
ATOM   707  H HA   . THR A 1 5  ? -2.042 -0.443 -6.442  1.00 1.19 ? 5  THR A HA   4  
ATOM   708  H HB   . THR A 1 5  ? -1.109 -2.766 -6.484  1.00 1.57 ? 5  THR A HB   4  
ATOM   709  H HG1  . THR A 1 5  ? 0.009  -2.053 -4.226  1.00 2.23 ? 5  THR A HG1  4  
ATOM   710  H HG21 . THR A 1 5  ? -0.346 -1.078 -8.078  1.00 1.52 ? 5  THR A HG21 4  
ATOM   711  H HG22 . THR A 1 5  ? 0.973  -2.159 -7.626  1.00 1.80 ? 5  THR A HG22 4  
ATOM   712  H HG23 . THR A 1 5  ? 0.883  -0.540 -6.933  1.00 1.80 ? 5  THR A HG23 4  
ATOM   713  N N    . ALA A 1 6  ? -3.675 -0.826 -4.537  1.00 0.97 ? 6  ALA A N    4  
ATOM   714  C CA   . ALA A 1 6  ? -4.684 -1.183 -3.543  1.00 1.16 ? 6  ALA A CA   4  
ATOM   715  C C    . ALA A 1 6  ? -4.091 -1.071 -2.140  1.00 1.23 ? 6  ALA A C    4  
ATOM   716  O O    . ALA A 1 6  ? -3.904 -2.074 -1.455  1.00 1.28 ? 6  ALA A O    4  
ATOM   717  C CB   . ALA A 1 6  ? -5.236 -2.582 -3.798  1.00 1.15 ? 6  ALA A CB   4  
ATOM   718  H H    . ALA A 1 6  ? -3.863 -0.088 -5.157  1.00 1.14 ? 6  ALA A H    4  
ATOM   719  H HA   . ALA A 1 6  ? -5.499 -0.478 -3.631  1.00 1.41 ? 6  ALA A HA   4  
ATOM   720  H HB1  . ALA A 1 6  ? -6.001 -2.805 -3.071  1.00 1.43 ? 6  ALA A HB1  4  
ATOM   721  H HB2  . ALA A 1 6  ? -4.438 -3.304 -3.713  1.00 1.43 ? 6  ALA A HB2  4  
ATOM   722  H HB3  . ALA A 1 6  ? -5.659 -2.628 -4.791  1.00 1.49 ? 6  ALA A HB3  4  
ATOM   723  N N    . PRO A 1 7  ? -3.804 0.171  -1.705  1.00 1.41 ? 7  PRO A N    4  
ATOM   724  C CA   . PRO A 1 7  ? -3.038 0.448  -0.481  1.00 1.60 ? 7  PRO A CA   4  
ATOM   725  C C    . PRO A 1 7  ? -3.633 -0.184 0.772   1.00 1.74 ? 7  PRO A C    4  
ATOM   726  O O    . PRO A 1 7  ? -4.592 0.332  1.354   1.00 2.42 ? 7  PRO A O    4  
ATOM   727  C CB   . PRO A 1 7  ? -3.074 1.975  -0.365  1.00 1.84 ? 7  PRO A CB   4  
ATOM   728  C CG   . PRO A 1 7  ? -3.355 2.457  -1.739  1.00 1.77 ? 7  PRO A CG   4  
ATOM   729  C CD   . PRO A 1 7  ? -4.228 1.413  -2.372  1.00 1.54 ? 7  PRO A CD   4  
ATOM   730  H HA   . PRO A 1 7  ? -2.013 0.124  -0.583  1.00 1.56 ? 7  PRO A HA   4  
ATOM   731  H HB2  . PRO A 1 7  ? -3.854 2.267  0.323   1.00 2.13 ? 7  PRO A HB2  4  
ATOM   732  H HB3  . PRO A 1 7  ? -2.120 2.332  -0.010  1.00 1.93 ? 7  PRO A HB3  4  
ATOM   733  H HG2  . PRO A 1 7  ? -3.871 3.405  -1.698  1.00 2.10 ? 7  PRO A HG2  4  
ATOM   734  H HG3  . PRO A 1 7  ? -2.432 2.555  -2.288  1.00 1.81 ? 7  PRO A HG3  4  
ATOM   735  H HD2  . PRO A 1 7  ? -5.269 1.621  -2.176  1.00 1.84 ? 7  PRO A HD2  4  
ATOM   736  H HD3  . PRO A 1 7  ? -4.046 1.362  -3.436  1.00 1.40 ? 7  PRO A HD3  4  
ATOM   737  N N    . GLY A 1 8  ? -3.065 -1.309 1.170   1.00 1.21 ? 8  GLY A N    4  
ATOM   738  C CA   . GLY A 1 8  ? -3.452 -1.953 2.401   1.00 1.29 ? 8  GLY A CA   4  
ATOM   739  C C    . GLY A 1 8  ? -2.427 -1.736 3.492   1.00 1.06 ? 8  GLY A C    4  
ATOM   740  O O    . GLY A 1 8  ? -1.981 -0.611 3.711   1.00 1.73 ? 8  GLY A O    4  
ATOM   741  H H    . GLY A 1 8  ? -2.377 -1.727 0.598   1.00 0.98 ? 8  GLY A H    4  
ATOM   742  H HA2  . GLY A 1 8  ? -4.401 -1.549 2.724   1.00 1.77 ? 8  GLY A HA2  4  
ATOM   743  H HA3  . GLY A 1 8  ? -3.562 -3.011 2.227   1.00 1.47 ? 8  GLY A HA3  4  
ATOM   744  N N    . HIS A 1 9  ? -2.027 -2.811 4.154   1.00 1.09 ? 9  HIS A N    4  
ATOM   745  C CA   . HIS A 1 9  ? -1.099 -2.715 5.278   1.00 1.69 ? 9  HIS A CA   4  
ATOM   746  C C    . HIS A 1 9  ? 0.345  -2.730 4.789   1.00 1.81 ? 9  HIS A C    4  
ATOM   747  O O    . HIS A 1 9  ? 1.102  -1.787 5.023   1.00 2.36 ? 9  HIS A O    4  
ATOM   748  C CB   . HIS A 1 9  ? -1.321 -3.868 6.262   1.00 2.23 ? 9  HIS A CB   4  
ATOM   749  C CG   . HIS A 1 9  ? -2.746 -4.026 6.699   1.00 2.86 ? 9  HIS A CG   4  
ATOM   750  N ND1  . HIS A 1 9  ? -3.571 -5.022 6.222   1.00 3.59 ? 9  HIS A ND1  4  
ATOM   751  C CD2  . HIS A 1 9  ? -3.495 -3.305 7.564   1.00 3.41 ? 9  HIS A CD2  4  
ATOM   752  C CE1  . HIS A 1 9  ? -4.763 -4.903 6.773   1.00 4.30 ? 9  HIS A CE1  4  
ATOM   753  N NE2  . HIS A 1 9  ? -4.745 -3.870 7.591   1.00 4.18 ? 9  HIS A NE2  4  
ATOM   754  H H    . HIS A 1 9  ? -2.352 -3.695 3.875   1.00 1.37 ? 9  HIS A H    4  
ATOM   755  H HA   . HIS A 1 9  ? -1.286 -1.781 5.785   1.00 2.18 ? 9  HIS A HA   4  
ATOM   756  H HB2  . HIS A 1 9  ? -1.012 -4.792 5.799   1.00 2.30 ? 9  HIS A HB2  4  
ATOM   757  H HB3  . HIS A 1 9  ? -0.721 -3.696 7.143   1.00 2.72 ? 9  HIS A HB3  4  
ATOM   758  H HD1  . HIS A 1 9  ? -3.316 -5.721 5.578   1.00 3.85 ? 9  HIS A HD1  4  
ATOM   759  H HD2  . HIS A 1 9  ? -3.170 -2.446 8.131   1.00 3.60 ? 9  HIS A HD2  4  
ATOM   760  H HE1  . HIS A 1 9  ? -5.611 -5.547 6.585   1.00 5.09 ? 9  HIS A HE1  4  
ATOM   761  H HE2  . HIS A 1 9  ? -5.543 -3.466 8.007   1.00 4.80 ? 9  HIS A HE2  4  
ATOM   762  N N    . SER A 1 10 ? 0.716  -3.803 4.097   1.00 1.82 ? 10 SER A N    4  
ATOM   763  C CA   . SER A 1 10 ? 2.074  -3.967 3.593   1.00 2.36 ? 10 SER A CA   4  
ATOM   764  C C    . SER A 1 10 ? 2.464  -2.877 2.580   1.00 2.06 ? 10 SER A C    4  
ATOM   765  O O    . SER A 1 10 ? 3.541  -2.295 2.706   1.00 2.00 ? 10 SER A O    4  
ATOM   766  C CB   . SER A 1 10 ? 2.251  -5.364 2.985   1.00 3.00 ? 10 SER A CB   4  
ATOM   767  O OG   . SER A 1 10 ? 2.019  -6.375 3.956   1.00 3.75 ? 10 SER A OG   4  
ATOM   768  H H    . SER A 1 10 ? 0.053  -4.504 3.915   1.00 1.80 ? 10 SER A H    4  
ATOM   769  H HA   . SER A 1 10 ? 2.736  -3.883 4.442   1.00 2.77 ? 10 SER A HA   4  
ATOM   770  H HB2  . SER A 1 10 ? 1.553  -5.497 2.176   1.00 3.09 ? 10 SER A HB2  4  
ATOM   771  H HB3  . SER A 1 10 ? 3.258  -5.466 2.611   1.00 3.32 ? 10 SER A HB3  4  
ATOM   772  H HG   . SER A 1 10 ? 2.539  -6.180 4.750   1.00 4.03 ? 10 SER A HG   4  
HETATM 773  N N    . HZP A 1 11 ? 1.622  -2.583 1.554   1.00 2.01 ? 11 HZP A N    4  
HETATM 774  C CA   . HZP A 1 11 ? 1.933  -1.543 0.556   1.00 1.78 ? 11 HZP A CA   4  
HETATM 775  C C    . HZP A 1 11 ? 2.325  -0.196 1.176   1.00 1.66 ? 11 HZP A C    4  
HETATM 776  O O    . HZP A 1 11 ? 3.509  0.127  1.262   1.00 2.33 ? 11 HZP A O    4  
HETATM 777  C CB   . HZP A 1 11 ? 0.634  -1.427 -0.247  1.00 1.72 ? 11 HZP A CB   4  
HETATM 778  C CG   . HZP A 1 11 ? 0.024  -2.784 -0.143  1.00 2.09 ? 11 HZP A CG   4  
HETATM 779  C CD   . HZP A 1 11 ? 0.336  -3.253 1.248   1.00 2.34 ? 11 HZP A CD   4  
HETATM 780  O OD1  . HZP A 1 11 ? -1.385 -2.715 -0.348  1.00 2.23 ? 11 HZP A OD1  4  
HETATM 781  H HA   . HZP A 1 11 ? 2.728  -1.866 -0.100  1.00 1.87 ? 11 HZP A HA   4  
HETATM 782  H HB   . HZP A 1 11 ? -0.007 -0.671 0.193   1.00 1.63 ? 11 HZP A HB   4  
HETATM 783  H HBA  . HZP A 1 11 ? 0.844  -1.191 -1.283  1.00 1.65 ? 11 HZP A HBA  4  
HETATM 784  H HG   . HZP A 1 11 ? 0.457  -3.452 -0.873  1.00 2.18 ? 11 HZP A HG   4  
HETATM 785  H HD   . HZP A 1 11 ? 0.441  -4.325 1.262   1.00 2.79 ? 11 HZP A HD   4  
HETATM 786  H HDA  . HZP A 1 11 ? -0.440 -2.936 1.930   1.00 2.45 ? 11 HZP A HDA  4  
HETATM 787  H HOD1 . HZP A 1 11 ? -1.685 -3.522 -0.789  1.00 2.38 ? 11 HZP A HOD1 4  
ATOM   788  N N    . GLY A 1 12 ? 1.346  0.582  1.625   1.00 1.10 ? 12 GLY A N    4  
ATOM   789  C CA   . GLY A 1 12 ? 1.658  1.904  2.145   1.00 1.23 ? 12 GLY A CA   4  
ATOM   790  C C    . GLY A 1 12 ? 0.987  2.211  3.466   1.00 1.34 ? 12 GLY A C    4  
ATOM   791  O O    . GLY A 1 12 ? 0.931  3.370  3.874   1.00 2.06 ? 12 GLY A O    4  
ATOM   792  H H    . GLY A 1 12 ? 0.418  0.271  1.590   1.00 1.05 ? 12 GLY A H    4  
ATOM   793  H HA2  . GLY A 1 12 ? 2.725  1.983  2.275   1.00 1.86 ? 12 GLY A HA2  4  
ATOM   794  H HA3  . GLY A 1 12 ? 1.340  2.642  1.422   1.00 1.56 ? 12 GLY A HA3  4  
ATOM   795  N N    . VAL A 1 13 ? 0.488  1.179  4.142   1.00 1.72 ? 13 VAL A N    4  
ATOM   796  C CA   . VAL A 1 13 ? -0.263 1.356  5.387   1.00 2.59 ? 13 VAL A CA   4  
ATOM   797  C C    . VAL A 1 13 ? -1.406 2.353  5.161   1.00 2.74 ? 13 VAL A C    4  
ATOM   798  O O    . VAL A 1 13 ? -1.666 3.237  5.976   1.00 3.50 ? 13 VAL A O    4  
ATOM   799  C CB   . VAL A 1 13 ? 0.644  1.843  6.550   1.00 3.44 ? 13 VAL A CB   4  
ATOM   800  C CG1  . VAL A 1 13 ? -0.060 1.698  7.893   1.00 4.05 ? 13 VAL A CG1  4  
ATOM   801  C CG2  . VAL A 1 13 ? 1.968  1.092  6.561   1.00 4.25 ? 13 VAL A CG2  4  
ATOM   802  H H    . VAL A 1 13 ? 0.635  0.271  3.803   1.00 1.92 ? 13 VAL A H    4  
ATOM   803  H HA   . VAL A 1 13 ? -0.684 0.400  5.660   1.00 3.05 ? 13 VAL A HA   4  
ATOM   804  H HB   . VAL A 1 13 ? 0.854  2.892  6.395   1.00 3.50 ? 13 VAL A HB   4  
ATOM   805  H HG11 . VAL A 1 13 ? -0.310 0.661  8.057   1.00 4.45 ? 13 VAL A HG11 4  
ATOM   806  H HG12 . VAL A 1 13 ? -0.963 2.290  7.892   1.00 4.09 ? 13 VAL A HG12 4  
ATOM   807  H HG13 . VAL A 1 13 ? 0.593  2.040  8.681   1.00 4.44 ? 13 VAL A HG13 4  
ATOM   808  H HG21 . VAL A 1 13 ? 1.780  0.036  6.682   1.00 4.42 ? 13 VAL A HG21 4  
ATOM   809  H HG22 . VAL A 1 13 ? 2.576  1.446  7.381   1.00 4.60 ? 13 VAL A HG22 4  
ATOM   810  H HG23 . VAL A 1 13 ? 2.487  1.262  5.630   1.00 4.77 ? 13 VAL A HG23 4  
ATOM   811  N N    . GLY A 1 14 ? -2.078 2.208  4.028   1.00 2.56 ? 14 GLY A N    4  
ATOM   812  C CA   . GLY A 1 14 ? -3.139 3.125  3.673   1.00 3.19 ? 14 GLY A CA   4  
ATOM   813  C C    . GLY A 1 14 ? -2.785 3.985  2.477   1.00 2.98 ? 14 GLY A C    4  
ATOM   814  O O    . GLY A 1 14 ? -3.664 4.383  1.710   1.00 3.82 ? 14 GLY A O    4  
ATOM   815  H H    . GLY A 1 14 ? -1.858 1.461  3.434   1.00 2.45 ? 14 GLY A H    4  
ATOM   816  H HA2  . GLY A 1 14 ? -4.027 2.557  3.446   1.00 3.79 ? 14 GLY A HA2  4  
ATOM   817  H HA3  . GLY A 1 14 ? -3.342 3.766  4.518   1.00 3.61 ? 14 GLY A HA3  4  
ATOM   818  N N    . HIS A 1 15 ? -1.496 4.260  2.305   1.00 2.16 ? 15 HIS A N    4  
ATOM   819  C CA   . HIS A 1 15 ? -1.021 5.100  1.214   1.00 2.49 ? 15 HIS A CA   4  
ATOM   820  C C    . HIS A 1 15 ? 0.499  5.108  1.189   1.00 2.62 ? 15 HIS A C    4  
ATOM   821  O O    . HIS A 1 15 ? 1.091  4.438  0.322   1.00 2.89 ? 15 HIS A O    4  
ATOM   822  C CB   . HIS A 1 15 ? -1.546 6.535  1.362   1.00 3.02 ? 15 HIS A CB   4  
ATOM   823  C CG   . HIS A 1 15 ? -1.117 7.457  0.261   1.00 3.82 ? 15 HIS A CG   4  
ATOM   824  N ND1  . HIS A 1 15 ? -1.691 7.452  -0.992  1.00 4.57 ? 15 HIS A ND1  4  
ATOM   825  C CD2  . HIS A 1 15 ? -0.161 8.417  0.230   1.00 4.40 ? 15 HIS A CD2  4  
ATOM   826  C CE1  . HIS A 1 15 ? -1.110 8.368  -1.743  1.00 5.31 ? 15 HIS A CE1  4  
ATOM   827  N NE2  . HIS A 1 15 ? -0.177 8.969  -1.027  1.00 5.25 ? 15 HIS A NE2  4  
ATOM   828  O OXT  . HIS A 1 15 ? 1.095  5.779  2.049   1.00 3.16 ? 15 HIS A OXT  4  
ATOM   829  H H    . HIS A 1 15 ? -0.837 3.883  2.932   1.00 1.62 ? 15 HIS A H    4  
ATOM   830  H HA   . HIS A 1 15 ? -1.385 4.682  0.287   1.00 3.10 ? 15 HIS A HA   4  
ATOM   831  H HB2  . HIS A 1 15 ? -2.626 6.514  1.374   1.00 3.53 ? 15 HIS A HB2  4  
ATOM   832  H HB3  . HIS A 1 15 ? -1.190 6.943  2.296   1.00 2.94 ? 15 HIS A HB3  4  
ATOM   833  H HD1  . HIS A 1 15 ? -2.414 6.854  -1.290  1.00 4.78 ? 15 HIS A HD1  4  
ATOM   834  H HD2  . HIS A 1 15 ? 0.494  8.696  1.044   1.00 4.49 ? 15 HIS A HD2  4  
ATOM   835  H HE1  . HIS A 1 15 ? -1.356 8.591  -2.770  1.00 6.06 ? 15 HIS A HE1  4  
ATOM   836  H HE2  . HIS A 1 15 ? 0.526  9.553  -1.398  1.00 5.92 ? 15 HIS A HE2  4  
ATOM   837  N N    . ALA A 1 1  ? 7.370  -4.736 -4.641  1.00 4.02 ? 1  ALA A N    5  
ATOM   838  C CA   . ALA A 1 1  ? 5.898  -4.608 -4.614  1.00 3.27 ? 1  ALA A CA   5  
ATOM   839  C C    . ALA A 1 1  ? 5.494  -3.146 -4.713  1.00 2.38 ? 1  ALA A C    5  
ATOM   840  O O    . ALA A 1 1  ? 6.054  -2.294 -4.019  1.00 2.67 ? 1  ALA A O    5  
ATOM   841  C CB   . ALA A 1 1  ? 5.334  -5.222 -3.342  1.00 3.84 ? 1  ALA A CB   5  
ATOM   842  H H1   . ALA A 1 1  ? 7.740  -4.390 -5.548  1.00 4.36 ? 1  ALA A H1   5  
ATOM   843  H H2   . ALA A 1 1  ? 7.649  -5.728 -4.520  1.00 4.56 ? 1  ALA A H2   5  
ATOM   844  H H3   . ALA A 1 1  ? 7.788  -4.173 -3.874  1.00 4.11 ? 1  ALA A H3   5  
ATOM   845  H HA   . ALA A 1 1  ? 5.492  -5.146 -5.457  1.00 3.54 ? 1  ALA A HA   5  
ATOM   846  H HB1  . ALA A 1 1  ? 4.254  -5.176 -3.368  1.00 3.89 ? 1  ALA A HB1  5  
ATOM   847  H HB2  . ALA A 1 1  ? 5.695  -4.673 -2.486  1.00 4.24 ? 1  ALA A HB2  5  
ATOM   848  H HB3  . ALA A 1 1  ? 5.649  -6.252 -3.268  1.00 4.31 ? 1  ALA A HB3  5  
ATOM   849  N N    . PHE A 1 2  ? 4.533  -2.855 -5.578  1.00 1.89 ? 2  PHE A N    5  
ATOM   850  C CA   . PHE A 1 2  ? 4.038  -1.494 -5.728  1.00 1.21 ? 2  PHE A CA   5  
ATOM   851  C C    . PHE A 1 2  ? 3.203  -1.105 -4.517  1.00 1.11 ? 2  PHE A C    5  
ATOM   852  O O    . PHE A 1 2  ? 2.216  -1.763 -4.184  1.00 1.07 ? 2  PHE A O    5  
ATOM   853  C CB   . PHE A 1 2  ? 3.213  -1.352 -7.007  1.00 1.44 ? 2  PHE A CB   5  
ATOM   854  C CG   . PHE A 1 2  ? 4.004  -1.587 -8.262  1.00 1.96 ? 2  PHE A CG   5  
ATOM   855  C CD1  . PHE A 1 2  ? 4.867  -0.619 -8.744  1.00 2.45 ? 2  PHE A CD1  5  
ATOM   856  C CD2  . PHE A 1 2  ? 3.883  -2.779 -8.957  1.00 2.37 ? 2  PHE A CD2  5  
ATOM   857  C CE1  . PHE A 1 2  ? 5.595  -0.834 -9.897  1.00 3.14 ? 2  PHE A CE1  5  
ATOM   858  C CE2  . PHE A 1 2  ? 4.610  -2.999 -10.110 1.00 2.92 ? 2  PHE A CE2  5  
ATOM   859  C CZ   . PHE A 1 2  ? 5.464  -2.020 -10.583 1.00 3.26 ? 2  PHE A CZ   5  
ATOM   860  H H    . PHE A 1 2  ? 4.147  -3.572 -6.129  1.00 2.46 ? 2  PHE A H    5  
ATOM   861  H HA   . PHE A 1 2  ? 4.894  -0.837 -5.785  1.00 1.39 ? 2  PHE A HA   5  
ATOM   862  H HB2  . PHE A 1 2  ? 2.405  -2.067 -6.986  1.00 1.76 ? 2  PHE A HB2  5  
ATOM   863  H HB3  . PHE A 1 2  ? 2.803  -0.354 -7.053  1.00 1.70 ? 2  PHE A HB3  5  
ATOM   864  H HD1  . PHE A 1 2  ? 4.968  0.313  -8.210  1.00 2.50 ? 2  PHE A HD1  5  
ATOM   865  H HD2  . PHE A 1 2  ? 3.212  -3.541 -8.590  1.00 2.50 ? 2  PHE A HD2  5  
ATOM   866  H HE1  . PHE A 1 2  ? 6.265  -0.071 -10.262 1.00 3.72 ? 2  PHE A HE1  5  
ATOM   867  H HE2  . PHE A 1 2  ? 4.506  -3.931 -10.643 1.00 3.27 ? 2  PHE A HE2  5  
ATOM   868  H HZ   . PHE A 1 2  ? 6.031  -2.189 -11.486 1.00 3.81 ? 2  PHE A HZ   5  
ATOM   869  N N    . ARG A 1 3  ? 3.613  -0.035 -3.856  1.00 1.22 ? 3  ARG A N    5  
ATOM   870  C CA   . ARG A 1 3  ? 2.963  0.400  -2.629  1.00 1.28 ? 3  ARG A CA   5  
ATOM   871  C C    . ARG A 1 3  ? 1.667  1.183  -2.883  1.00 1.06 ? 3  ARG A C    5  
ATOM   872  O O    . ARG A 1 3  ? 0.651  0.892  -2.263  1.00 1.01 ? 3  ARG A O    5  
ATOM   873  C CB   . ARG A 1 3  ? 3.922  1.225  -1.767  1.00 1.68 ? 3  ARG A CB   5  
ATOM   874  C CG   . ARG A 1 3  ? 5.187  0.476  -1.381  1.00 2.02 ? 3  ARG A CG   5  
ATOM   875  C CD   . ARG A 1 3  ? 5.888  1.140  -0.210  1.00 2.47 ? 3  ARG A CD   5  
ATOM   876  N NE   . ARG A 1 3  ? 5.119  1.011  1.028   1.00 3.13 ? 3  ARG A NE   5  
ATOM   877  C CZ   . ARG A 1 3  ? 5.345  1.729  2.128   1.00 3.82 ? 3  ARG A CZ   5  
ATOM   878  N NH1  . ARG A 1 3  ? 6.309  2.641  2.146   1.00 3.89 ? 3  ARG A NH1  5  
ATOM   879  N NH2  . ARG A 1 3  ? 4.604  1.531  3.210   1.00 4.74 ? 3  ARG A NH2  5  
ATOM   880  H H    . ARG A 1 3  ? 4.375  0.477  -4.200  1.00 1.34 ? 3  ARG A H    5  
ATOM   881  H HA   . ARG A 1 3  ? 2.705  -0.493 -2.081  1.00 1.33 ? 3  ARG A HA   5  
ATOM   882  H HB2  . ARG A 1 3  ? 4.207  2.111  -2.314  1.00 1.75 ? 3  ARG A HB2  5  
ATOM   883  H HB3  . ARG A 1 3  ? 3.412  1.519  -0.861  1.00 1.76 ? 3  ARG A HB3  5  
ATOM   884  H HG2  . ARG A 1 3  ? 4.926  -0.534 -1.106  1.00 2.05 ? 3  ARG A HG2  5  
ATOM   885  H HG3  . ARG A 1 3  ? 5.858  0.459  -2.228  1.00 2.00 ? 3  ARG A HG3  5  
ATOM   886  H HD2  . ARG A 1 3  ? 6.852  0.676  -0.074  1.00 2.56 ? 3  ARG A HD2  5  
ATOM   887  H HD3  . ARG A 1 3  ? 6.019  2.187  -0.433  1.00 2.86 ? 3  ARG A HD3  5  
ATOM   888  H HE   . ARG A 1 3  ? 4.397  0.344  1.041   1.00 3.36 ? 3  ARG A HE   5  
ATOM   889  H HH11 . ARG A 1 3  ? 6.875  2.795  1.331   1.00 3.61 ? 3  ARG A HH11 5  
ATOM   890  H HH12 . ARG A 1 3  ? 6.481  3.179  2.977   1.00 4.47 ? 3  ARG A HH12 5  
ATOM   891  H HH21 . ARG A 1 3  ? 3.877  0.837  3.204   1.00 5.04 ? 3  ARG A HH21 5  
ATOM   892  H HH22 . ARG A 1 3  ? 4.765  2.075  4.041   1.00 5.29 ? 3  ARG A HH22 5  
HETATM 893  N N    . HZP A 1 4  ? 1.654  2.183  -3.794  1.00 1.10 ? 4  HZP A N    5  
HETATM 894  C CA   . HZP A 1 4  ? 0.449  3.001  -4.027  1.00 1.24 ? 4  HZP A CA   5  
HETATM 895  C C    . HZP A 1 4  ? -0.675 2.252  -4.752  1.00 1.10 ? 4  HZP A C    5  
HETATM 896  O O    . HZP A 1 4  ? -1.645 2.864  -5.197  1.00 1.54 ? 4  HZP A O    5  
HETATM 897  C CB   . HZP A 1 4  ? 0.966  4.139  -4.905  1.00 1.56 ? 4  HZP A CB   5  
HETATM 898  C CG   . HZP A 1 4  ? 2.127  3.546  -5.630  1.00 1.41 ? 4  HZP A CG   5  
HETATM 899  C CD   . HZP A 1 4  ? 2.784  2.627  -4.640  1.00 1.23 ? 4  HZP A CD   5  
HETATM 900  O OD1  . HZP A 1 4  ? 1.682  2.801  -6.768  1.00 1.27 ? 4  HZP A OD1  5  
HETATM 901  H HA   . HZP A 1 4  ? 0.066  3.404  -3.104  1.00 1.38 ? 4  HZP A HA   5  
HETATM 902  H HB   . HZP A 1 4  ? 0.192  4.458  -5.595  1.00 1.70 ? 4  HZP A HB   5  
HETATM 903  H HBA  . HZP A 1 4  ? 1.294  4.963  -4.296  1.00 1.81 ? 4  HZP A HBA  5  
HETATM 904  H HG   . HZP A 1 4  ? 2.808  4.319  -5.956  1.00 1.66 ? 4  HZP A HG   5  
HETATM 905  H HD   . HZP A 1 4  ? 3.516  3.168  -4.058  1.00 1.48 ? 4  HZP A HD   5  
HETATM 906  H HDA  . HZP A 1 4  ? 3.241  1.792  -5.150  1.00 1.08 ? 4  HZP A HDA  5  
HETATM 907  H HOD1 . HZP A 1 4  ? 1.922  1.877  -6.650  1.00 1.29 ? 4  HZP A HOD1 5  
ATOM   908  N N    . THR A 1 5  ? -0.559 0.938  -4.854  1.00 0.66 ? 5  THR A N    5  
ATOM   909  C CA   . THR A 1 5  ? -1.550 0.145  -5.566  1.00 0.83 ? 5  THR A CA   5  
ATOM   910  C C    . THR A 1 5  ? -2.288 -0.779 -4.611  1.00 0.76 ? 5  THR A C    5  
ATOM   911  O O    . THR A 1 5  ? -1.700 -1.731 -4.089  1.00 0.75 ? 5  THR A O    5  
ATOM   912  C CB   . THR A 1 5  ? -0.906 -0.684 -6.690  1.00 1.01 ? 5  THR A CB   5  
ATOM   913  O OG1  . THR A 1 5  ? 0.232  -1.392 -6.185  1.00 1.87 ? 5  THR A OG1  5  
ATOM   914  C CG2  . THR A 1 5  ? -0.481 0.207  -7.845  1.00 1.28 ? 5  THR A CG2  5  
ATOM   915  H H    . THR A 1 5  ? 0.198  0.483  -4.420  1.00 0.45 ? 5  THR A H    5  
ATOM   916  H HA   . THR A 1 5  ? -2.261 0.825  -6.011  1.00 1.19 ? 5  THR A HA   5  
ATOM   917  H HB   . THR A 1 5  ? -1.633 -1.398 -7.051  1.00 1.57 ? 5  THR A HB   5  
ATOM   918  H HG1  . THR A 1 5  ? 0.067  -1.660 -5.274  1.00 2.23 ? 5  THR A HG1  5  
ATOM   919  H HG21 . THR A 1 5  ? -1.344 0.727  -8.234  1.00 1.52 ? 5  THR A HG21 5  
ATOM   920  H HG22 . THR A 1 5  ? -0.045 -0.401 -8.624  1.00 1.80 ? 5  THR A HG22 5  
ATOM   921  H HG23 . THR A 1 5  ? 0.246  0.925  -7.499  1.00 1.80 ? 5  THR A HG23 5  
ATOM   922  N N    . ALA A 1 6  ? -3.569 -0.489 -4.391  1.00 0.97 ? 6  ALA A N    5  
ATOM   923  C CA   . ALA A 1 6  ? -4.400 -1.241 -3.451  1.00 1.16 ? 6  ALA A CA   5  
ATOM   924  C C    . ALA A 1 6  ? -3.767 -1.251 -2.061  1.00 1.23 ? 6  ALA A C    5  
ATOM   925  O O    . ALA A 1 6  ? -3.216 -2.264 -1.626  1.00 1.28 ? 6  ALA A O    5  
ATOM   926  C CB   . ALA A 1 6  ? -4.637 -2.661 -3.953  1.00 1.15 ? 6  ALA A CB   5  
ATOM   927  H H    . ALA A 1 6  ? -3.972 0.261  -4.880  1.00 1.14 ? 6  ALA A H    5  
ATOM   928  H HA   . ALA A 1 6  ? -5.357 -0.742 -3.387  1.00 1.41 ? 6  ALA A HA   5  
ATOM   929  H HB1  . ALA A 1 6  ? -5.286 -3.182 -3.266  1.00 1.43 ? 6  ALA A HB1  5  
ATOM   930  H HB2  . ALA A 1 6  ? -3.694 -3.180 -4.024  1.00 1.43 ? 6  ALA A HB2  5  
ATOM   931  H HB3  . ALA A 1 6  ? -5.100 -2.623 -4.928  1.00 1.49 ? 6  ALA A HB3  5  
ATOM   932  N N    . PRO A 1 7  ? -3.850 -0.109 -1.358  1.00 1.41 ? 7  PRO A N    5  
ATOM   933  C CA   . PRO A 1 7  ? -3.207 0.106  -0.050  1.00 1.60 ? 7  PRO A CA   5  
ATOM   934  C C    . PRO A 1 7  ? -3.508 -0.982 0.981   1.00 1.74 ? 7  PRO A C    5  
ATOM   935  O O    . PRO A 1 7  ? -4.525 -0.939 1.676   1.00 2.42 ? 7  PRO A O    5  
ATOM   936  C CB   . PRO A 1 7  ? -3.789 1.442  0.410   1.00 1.84 ? 7  PRO A CB   5  
ATOM   937  C CG   . PRO A 1 7  ? -4.117 2.152  -0.849  1.00 1.77 ? 7  PRO A CG   5  
ATOM   938  C CD   . PRO A 1 7  ? -4.588 1.090  -1.797  1.00 1.54 ? 7  PRO A CD   5  
ATOM   939  H HA   . PRO A 1 7  ? -2.136 0.203  -0.154  1.00 1.56 ? 7  PRO A HA   5  
ATOM   940  H HB2  . PRO A 1 7  ? -4.671 1.270  1.010   1.00 2.13 ? 7  PRO A HB2  5  
ATOM   941  H HB3  . PRO A 1 7  ? -3.055 1.982  0.985   1.00 1.93 ? 7  PRO A HB3  5  
ATOM   942  H HG2  . PRO A 1 7  ? -4.899 2.874  -0.673  1.00 2.10 ? 7  PRO A HG2  5  
ATOM   943  H HG3  . PRO A 1 7  ? -3.234 2.637  -1.235  1.00 1.81 ? 7  PRO A HG3  5  
ATOM   944  H HD2  . PRO A 1 7  ? -5.653 0.943  -1.702  1.00 1.84 ? 7  PRO A HD2  5  
ATOM   945  H HD3  . PRO A 1 7  ? -4.331 1.350  -2.813  1.00 1.40 ? 7  PRO A HD3  5  
ATOM   946  N N    . GLY A 1 8  ? -2.618 -1.964 1.065   1.00 1.21 ? 8  GLY A N    5  
ATOM   947  C CA   . GLY A 1 8  ? -2.705 -2.961 2.107   1.00 1.29 ? 8  GLY A CA   5  
ATOM   948  C C    . GLY A 1 8  ? -1.940 -2.540 3.340   1.00 1.06 ? 8  GLY A C    5  
ATOM   949  O O    . GLY A 1 8  ? -1.558 -1.377 3.463   1.00 1.73 ? 8  GLY A O    5  
ATOM   950  H H    . GLY A 1 8  ? -1.904 -2.023 0.393   1.00 0.98 ? 8  GLY A H    5  
ATOM   951  H HA2  . GLY A 1 8  ? -3.743 -3.109 2.368   1.00 1.77 ? 8  GLY A HA2  5  
ATOM   952  H HA3  . GLY A 1 8  ? -2.295 -3.887 1.742   1.00 1.47 ? 8  GLY A HA3  5  
ATOM   953  N N    . HIS A 1 9  ? -1.687 -3.483 4.237   1.00 1.09 ? 9  HIS A N    5  
ATOM   954  C CA   . HIS A 1 9  ? -0.987 -3.181 5.483   1.00 1.69 ? 9  HIS A CA   5  
ATOM   955  C C    . HIS A 1 9  ? 0.470  -2.800 5.216   1.00 1.81 ? 9  HIS A C    5  
ATOM   956  O O    . HIS A 1 9  ? 1.091  -2.097 6.008   1.00 2.36 ? 9  HIS A O    5  
ATOM   957  C CB   . HIS A 1 9  ? -1.052 -4.376 6.441   1.00 2.23 ? 9  HIS A CB   5  
ATOM   958  C CG   . HIS A 1 9  ? -0.538 -4.074 7.816   1.00 2.86 ? 9  HIS A CG   5  
ATOM   959  N ND1  . HIS A 1 9  ? 0.766  -4.299 8.200   1.00 3.59 ? 9  HIS A ND1  5  
ATOM   960  C CD2  . HIS A 1 9  ? -1.164 -3.566 8.902   1.00 3.41 ? 9  HIS A CD2  5  
ATOM   961  C CE1  . HIS A 1 9  ? 0.917  -3.942 9.461   1.00 4.30 ? 9  HIS A CE1  5  
ATOM   962  N NE2  . HIS A 1 9  ? -0.238 -3.494 9.909   1.00 4.18 ? 9  HIS A NE2  5  
ATOM   963  H H    . HIS A 1 9  ? -1.983 -4.403 4.063   1.00 1.37 ? 9  HIS A H    5  
ATOM   964  H HA   . HIS A 1 9  ? -1.484 -2.340 5.941   1.00 2.18 ? 9  HIS A HA   5  
ATOM   965  H HB2  . HIS A 1 9  ? -2.078 -4.698 6.535   1.00 2.30 ? 9  HIS A HB2  5  
ATOM   966  H HB3  . HIS A 1 9  ? -0.463 -5.185 6.037   1.00 2.72 ? 9  HIS A HB3  5  
ATOM   967  H HD1  . HIS A 1 9  ? 1.478  -4.672 7.634   1.00 3.85 ? 9  HIS A HD1  5  
ATOM   968  H HD2  . HIS A 1 9  ? -2.202 -3.272 8.963   1.00 3.60 ? 9  HIS A HD2  5  
ATOM   969  H HE1  . HIS A 1 9  ? 1.834  -4.002 10.028  1.00 5.09 ? 9  HIS A HE1  5  
ATOM   970  H HE2  . HIS A 1 9  ? -0.446 -3.333 10.858  1.00 4.80 ? 9  HIS A HE2  5  
ATOM   971  N N    . SER A 1 10 ? 1.015  -3.273 4.107   1.00 1.82 ? 10 SER A N    5  
ATOM   972  C CA   . SER A 1 10 ? 2.377  -2.925 3.732   1.00 2.36 ? 10 SER A CA   5  
ATOM   973  C C    . SER A 1 10 ? 2.399  -1.845 2.634   1.00 2.06 ? 10 SER A C    5  
ATOM   974  O O    . SER A 1 10 ? 3.059  -0.818 2.808   1.00 2.00 ? 10 SER A O    5  
ATOM   975  C CB   . SER A 1 10 ? 3.161  -4.174 3.303   1.00 3.00 ? 10 SER A CB   5  
ATOM   976  O OG   . SER A 1 10 ? 4.483  -3.847 2.905   1.00 3.75 ? 10 SER A OG   5  
ATOM   977  H H    . SER A 1 10 ? 0.494  -3.867 3.529   1.00 1.80 ? 10 SER A H    5  
ATOM   978  H HA   . SER A 1 10 ? 2.850  -2.513 4.612   1.00 2.77 ? 10 SER A HA   5  
ATOM   979  H HB2  . SER A 1 10 ? 3.213  -4.861 4.131   1.00 3.09 ? 10 SER A HB2  5  
ATOM   980  H HB3  . SER A 1 10 ? 2.659  -4.650 2.479   1.00 3.32 ? 10 SER A HB3  5  
ATOM   981  H HG   . SER A 1 10 ? 4.935  -3.405 3.638   1.00 4.03 ? 10 SER A HG   5  
HETATM 982  N N    . HZP A 1 11 ? 1.686  -2.041 1.490   1.00 2.01 ? 11 HZP A N    5  
HETATM 983  C CA   . HZP A 1 11 ? 1.667  -1.049 0.403   1.00 1.78 ? 11 HZP A CA   5  
HETATM 984  C C    . HZP A 1 11 ? 1.284  0.353  0.877   1.00 1.66 ? 11 HZP A C    5  
HETATM 985  O O    . HZP A 1 11 ? 2.071  1.292  0.761   1.00 2.33 ? 11 HZP A O    5  
HETATM 986  C CB   . HZP A 1 11 ? 0.604  -1.579 -0.559  1.00 1.72 ? 11 HZP A CB   5  
HETATM 987  C CG   . HZP A 1 11 ? 0.539  -3.045 -0.299  1.00 2.09 ? 11 HZP A CG   5  
HETATM 988  C CD   . HZP A 1 11 ? 0.872  -3.230 1.153   1.00 2.34 ? 11 HZP A CD   5  
HETATM 989  O OD1  . HZP A 1 11 ? -0.776 -3.530 -0.571  1.00 2.23 ? 11 HZP A OD1  5  
HETATM 990  H HA   . HZP A 1 11 ? 2.619  -1.005 -0.103  1.00 1.87 ? 11 HZP A HA   5  
HETATM 991  H HB   . HZP A 1 11 ? -0.348 -1.104 -0.348  1.00 1.63 ? 11 HZP A HB   5  
HETATM 992  H HBA  . HZP A 1 11 ? 0.896  -1.394 -1.583  1.00 1.65 ? 11 HZP A HBA  5  
HETATM 993  H HG   . HZP A 1 11 ? 1.248  -3.571 -0.921  1.00 2.18 ? 11 HZP A HG   5  
HETATM 994  H HD   . HZP A 1 11 ? 1.435  -4.137 1.287   1.00 2.79 ? 11 HZP A HD   5  
HETATM 995  H HDA  . HZP A 1 11 ? -0.034 -3.255 1.740   1.00 2.45 ? 11 HZP A HDA  5  
HETATM 996  H HOD1 . HZP A 1 11 ? -0.718 -4.429 -0.919  1.00 2.38 ? 11 HZP A HOD1 5  
ATOM   997  N N    . GLY A 1 12 ? 0.090  0.481  1.433   1.00 1.10 ? 12 GLY A N    5  
ATOM   998  C CA   . GLY A 1 12 ? -0.403 1.783  1.819   1.00 1.23 ? 12 GLY A CA   5  
ATOM   999  C C    . GLY A 1 12 ? -1.152 1.748  3.132   1.00 1.34 ? 12 GLY A C    5  
ATOM   1000 O O    . GLY A 1 12 ? -2.332 2.094  3.194   1.00 2.06 ? 12 GLY A O    5  
ATOM   1001 H H    . GLY A 1 12 ? -0.454 -0.313 1.600   1.00 1.05 ? 12 GLY A H    5  
ATOM   1002 H HA2  . GLY A 1 12 ? 0.432  2.455  1.912   1.00 1.86 ? 12 GLY A HA2  5  
ATOM   1003 H HA3  . GLY A 1 12 ? -1.064 2.150  1.049   1.00 1.56 ? 12 GLY A HA3  5  
ATOM   1004 N N    . VAL A 1 13 ? -0.465 1.310  4.179   1.00 1.72 ? 13 VAL A N    5  
ATOM   1005 C CA   . VAL A 1 13 ? -1.038 1.270  5.519   1.00 2.59 ? 13 VAL A CA   5  
ATOM   1006 C C    . VAL A 1 13 ? -1.442 2.672  5.982   1.00 2.74 ? 13 VAL A C    5  
ATOM   1007 O O    . VAL A 1 13 ? -2.473 2.850  6.637   1.00 3.50 ? 13 VAL A O    5  
ATOM   1008 C CB   . VAL A 1 13 ? -0.050 0.634  6.529   1.00 3.44 ? 13 VAL A CB   5  
ATOM   1009 C CG1  . VAL A 1 13 ? 1.285  1.368  6.539   1.00 4.05 ? 13 VAL A CG1  5  
ATOM   1010 C CG2  . VAL A 1 13 ? -0.648 0.587  7.927   1.00 4.25 ? 13 VAL A CG2  5  
ATOM   1011 H H    . VAL A 1 13 ? 0.453  0.995  4.043   1.00 1.92 ? 13 VAL A H    5  
ATOM   1012 H HA   . VAL A 1 13 ? -1.924 0.652  5.478   1.00 3.05 ? 13 VAL A HA   5  
ATOM   1013 H HB   . VAL A 1 13 ? 0.136  -0.382 6.214   1.00 3.50 ? 13 VAL A HB   5  
ATOM   1014 H HG11 . VAL A 1 13 ? 1.942  0.912  7.264   1.00 4.45 ? 13 VAL A HG11 5  
ATOM   1015 H HG12 . VAL A 1 13 ? 1.125  2.404  6.798   1.00 4.09 ? 13 VAL A HG12 5  
ATOM   1016 H HG13 . VAL A 1 13 ? 1.734  1.308  5.558   1.00 4.44 ? 13 VAL A HG13 5  
ATOM   1017 H HG21 . VAL A 1 13 ? -0.894 1.590  8.249   1.00 4.42 ? 13 VAL A HG21 5  
ATOM   1018 H HG22 . VAL A 1 13 ? 0.066  0.157  8.612   1.00 4.60 ? 13 VAL A HG22 5  
ATOM   1019 H HG23 . VAL A 1 13 ? -1.545 -0.014 7.916   1.00 4.77 ? 13 VAL A HG23 5  
ATOM   1020 N N    . GLY A 1 14 ? -0.644 3.662  5.610   1.00 2.56 ? 14 GLY A N    5  
ATOM   1021 C CA   . GLY A 1 14 ? -0.935 5.028  5.986   1.00 3.19 ? 14 GLY A CA   5  
ATOM   1022 C C    . GLY A 1 14 ? -1.240 5.902  4.786   1.00 2.98 ? 14 GLY A C    5  
ATOM   1023 O O    . GLY A 1 14 ? -1.892 6.938  4.916   1.00 3.82 ? 14 GLY A O    5  
ATOM   1024 H H    . GLY A 1 14 ? 0.157  3.461  5.081   1.00 2.45 ? 14 GLY A H    5  
ATOM   1025 H HA2  . GLY A 1 14 ? -1.787 5.033  6.649   1.00 3.79 ? 14 GLY A HA2  5  
ATOM   1026 H HA3  . GLY A 1 14 ? -0.082 5.437  6.507   1.00 3.61 ? 14 GLY A HA3  5  
ATOM   1027 N N    . HIS A 1 15 ? -0.761 5.494  3.617   1.00 2.16 ? 15 HIS A N    5  
ATOM   1028 C CA   . HIS A 1 15 ? -0.984 6.255  2.395   1.00 2.49 ? 15 HIS A CA   5  
ATOM   1029 C C    . HIS A 1 15 ? -0.871 5.341  1.180   1.00 2.62 ? 15 HIS A C    5  
ATOM   1030 O O    . HIS A 1 15 ? -1.916 4.854  0.703   1.00 2.89 ? 15 HIS A O    5  
ATOM   1031 C CB   . HIS A 1 15 ? 0.028  7.402  2.290   1.00 3.02 ? 15 HIS A CB   5  
ATOM   1032 C CG   . HIS A 1 15 ? -0.259 8.370  1.180   1.00 3.82 ? 15 HIS A CG   5  
ATOM   1033 N ND1  . HIS A 1 15 ? 0.281  8.253  -0.081  1.00 4.57 ? 15 HIS A ND1  5  
ATOM   1034 C CD2  . HIS A 1 15 ? -1.023 9.485  1.155   1.00 4.40 ? 15 HIS A CD2  5  
ATOM   1035 C CE1  . HIS A 1 15 ? -0.135 9.253  -0.832  1.00 5.31 ? 15 HIS A CE1  5  
ATOM   1036 N NE2  . HIS A 1 15 ? -0.928 10.017 -0.106  1.00 5.25 ? 15 HIS A NE2  5  
ATOM   1037 O OXT  . HIS A 1 15 ? 0.265  5.113  0.713   1.00 3.16 ? 15 HIS A OXT  5  
ATOM   1038 H H    . HIS A 1 15 ? -0.245 4.659  3.572   1.00 1.62 ? 15 HIS A H    5  
ATOM   1039 H HA   . HIS A 1 15 ? -1.982 6.665  2.434   1.00 3.10 ? 15 HIS A HA   5  
ATOM   1040 H HB2  . HIS A 1 15 ? 0.031  7.955  3.216   1.00 3.53 ? 15 HIS A HB2  5  
ATOM   1041 H HB3  . HIS A 1 15 ? 1.010  6.988  2.122   1.00 2.94 ? 15 HIS A HB3  5  
ATOM   1042 H HD1  . HIS A 1 15 ? 0.889  7.538  -0.381  1.00 4.78 ? 15 HIS A HD1  5  
ATOM   1043 H HD2  . HIS A 1 15 ? -1.600 9.885  1.977   1.00 4.49 ? 15 HIS A HD2  5  
ATOM   1044 H HE1  . HIS A 1 15 ? 0.125  9.416  -1.865  1.00 6.06 ? 15 HIS A HE1  5  
ATOM   1045 H HE2  . HIS A 1 15 ? -1.232 10.916 -0.364  1.00 5.92 ? 15 HIS A HE2  5  
ATOM   1046 N N    . ALA A 1 1  ? -0.099 -6.416 -8.219  1.00 4.02 ? 1  ALA A N    6  
ATOM   1047 C CA   . ALA A 1 1  ? -0.165 -5.098 -7.550  1.00 3.27 ? 1  ALA A CA   6  
ATOM   1048 C C    . ALA A 1 1  ? 1.202  -4.701 -7.008  1.00 2.38 ? 1  ALA A C    6  
ATOM   1049 O O    . ALA A 1 1  ? 1.922  -5.532 -6.453  1.00 2.67 ? 1  ALA A O    6  
ATOM   1050 C CB   . ALA A 1 1  ? -1.188 -5.128 -6.422  1.00 3.84 ? 1  ALA A CB   6  
ATOM   1051 H H1   . ALA A 1 1  ? 0.528  -6.365 -9.046  1.00 4.36 ? 1  ALA A H1   6  
ATOM   1052 H H2   . ALA A 1 1  ? -1.043 -6.708 -8.531  1.00 4.56 ? 1  ALA A H2   6  
ATOM   1053 H H3   . ALA A 1 1  ? 0.274  -7.129 -7.563  1.00 4.11 ? 1  ALA A H3   6  
ATOM   1054 H HA   . ALA A 1 1  ? -0.484 -4.363 -8.272  1.00 3.54 ? 1  ALA A HA   6  
ATOM   1055 H HB1  . ALA A 1 1  ? -0.900 -5.870 -5.692  1.00 3.89 ? 1  ALA A HB1  6  
ATOM   1056 H HB2  . ALA A 1 1  ? -2.159 -5.376 -6.823  1.00 4.24 ? 1  ALA A HB2  6  
ATOM   1057 H HB3  . ALA A 1 1  ? -1.232 -4.158 -5.950  1.00 4.31 ? 1  ALA A HB3  6  
ATOM   1058 N N    . PHE A 1 2  ? 1.565  -3.437 -7.192  1.00 1.89 ? 2  PHE A N    6  
ATOM   1059 C CA   . PHE A 1 2  ? 2.791  -2.906 -6.617  1.00 1.21 ? 2  PHE A CA   6  
ATOM   1060 C C    . PHE A 1 2  ? 2.510  -2.344 -5.233  1.00 1.11 ? 2  PHE A C    6  
ATOM   1061 O O    . PHE A 1 2  ? 1.355  -2.296 -4.805  1.00 1.07 ? 2  PHE A O    6  
ATOM   1062 C CB   . PHE A 1 2  ? 3.402  -1.823 -7.512  1.00 1.44 ? 2  PHE A CB   6  
ATOM   1063 C CG   . PHE A 1 2  ? 4.074  -2.359 -8.744  1.00 1.96 ? 2  PHE A CG   6  
ATOM   1064 C CD1  . PHE A 1 2  ? 5.386  -2.804 -8.695  1.00 2.37 ? 2  PHE A CD1  6  
ATOM   1065 C CD2  . PHE A 1 2  ? 3.400  -2.412 -9.952  1.00 2.45 ? 2  PHE A CD2  6  
ATOM   1066 C CE1  . PHE A 1 2  ? 6.010  -3.295 -9.824  1.00 2.92 ? 2  PHE A CE1  6  
ATOM   1067 C CE2  . PHE A 1 2  ? 4.021  -2.901 -11.086 1.00 3.14 ? 2  PHE A CE2  6  
ATOM   1068 C CZ   . PHE A 1 2  ? 5.328  -3.343 -11.022 1.00 3.26 ? 2  PHE A CZ   6  
ATOM   1069 H H    . PHE A 1 2  ? 0.990  -2.845 -7.720  1.00 2.46 ? 2  PHE A H    6  
ATOM   1070 H HA   . PHE A 1 2  ? 3.492  -3.722 -6.522  1.00 1.39 ? 2  PHE A HA   6  
ATOM   1071 H HB2  . PHE A 1 2  ? 2.623  -1.149 -7.827  1.00 1.76 ? 2  PHE A HB2  6  
ATOM   1072 H HB3  . PHE A 1 2  ? 4.138  -1.273 -6.944  1.00 1.70 ? 2  PHE A HB3  6  
ATOM   1073 H HD1  . PHE A 1 2  ? 5.920  -2.769 -7.758  1.00 2.50 ? 2  PHE A HD1  6  
ATOM   1074 H HD2  . PHE A 1 2  ? 2.380  -2.068 -10.004 1.00 2.50 ? 2  PHE A HD2  6  
ATOM   1075 H HE1  . PHE A 1 2  ? 7.032  -3.637 -9.770  1.00 3.27 ? 2  PHE A HE1  6  
ATOM   1076 H HE2  . PHE A 1 2  ? 3.486  -2.937 -12.021 1.00 3.72 ? 2  PHE A HE2  6  
ATOM   1077 H HZ   . PHE A 1 2  ? 5.814  -3.723 -11.907 1.00 3.81 ? 2  PHE A HZ   6  
ATOM   1078 N N    . ARG A 1 3  ? 3.551  -1.921 -4.535  1.00 1.22 ? 3  ARG A N    6  
ATOM   1079 C CA   . ARG A 1 3  ? 3.391  -1.441 -3.171  1.00 1.28 ? 3  ARG A CA   6  
ATOM   1080 C C    . ARG A 1 3  ? 2.613  -0.120 -3.109  1.00 1.06 ? 3  ARG A C    6  
ATOM   1081 O O    . ARG A 1 3  ? 1.513  -0.103 -2.568  1.00 1.01 ? 3  ARG A O    6  
ATOM   1082 C CB   . ARG A 1 3  ? 4.741  -1.338 -2.457  1.00 1.68 ? 3  ARG A CB   6  
ATOM   1083 C CG   . ARG A 1 3  ? 5.372  -2.691 -2.178  1.00 2.02 ? 3  ARG A CG   6  
ATOM   1084 C CD   . ARG A 1 3  ? 6.725  -2.547 -1.507  1.00 2.47 ? 3  ARG A CD   6  
ATOM   1085 N NE   . ARG A 1 3  ? 7.336  -3.844 -1.224  1.00 3.13 ? 3  ARG A NE   6  
ATOM   1086 C CZ   . ARG A 1 3  ? 8.568  -3.997 -0.746  1.00 3.82 ? 3  ARG A CZ   6  
ATOM   1087 N NH1  . ARG A 1 3  ? 9.321  -2.935 -0.484  1.00 3.89 ? 3  ARG A NH1  6  
ATOM   1088 N NH2  . ARG A 1 3  ? 9.042  -5.218 -0.527  1.00 4.74 ? 3  ARG A NH2  6  
ATOM   1089 H H    . ARG A 1 3  ? 4.444  -1.933 -4.941  1.00 1.34 ? 3  ARG A H    6  
ATOM   1090 H HA   . ARG A 1 3  ? 2.800  -2.186 -2.655  1.00 1.33 ? 3  ARG A HA   6  
ATOM   1091 H HB2  . ARG A 1 3  ? 5.421  -0.768 -3.072  1.00 1.75 ? 3  ARG A HB2  6  
ATOM   1092 H HB3  . ARG A 1 3  ? 4.603  -0.827 -1.516  1.00 1.76 ? 3  ARG A HB3  6  
ATOM   1093 H HG2  . ARG A 1 3  ? 4.719  -3.253 -1.528  1.00 2.05 ? 3  ARG A HG2  6  
ATOM   1094 H HG3  . ARG A 1 3  ? 5.496  -3.219 -3.111  1.00 2.00 ? 3  ARG A HG3  6  
ATOM   1095 H HD2  . ARG A 1 3  ? 7.379  -1.988 -2.160  1.00 2.56 ? 3  ARG A HD2  6  
ATOM   1096 H HD3  . ARG A 1 3  ? 6.599  -2.010 -0.580  1.00 2.86 ? 3  ARG A HD3  6  
ATOM   1097 H HE   . ARG A 1 3  ? 6.795  -4.647 -1.407  1.00 3.36 ? 3  ARG A HE   6  
ATOM   1098 H HH11 . ARG A 1 3  ? 8.962  -2.013 -0.642  1.00 3.61 ? 3  ARG A HH11 6  
ATOM   1099 H HH12 . ARG A 1 3  ? 10.249 -3.050 -0.124  1.00 4.47 ? 3  ARG A HH12 6  
ATOM   1100 H HH21 . ARG A 1 3  ? 8.472  -6.022 -0.724  1.00 5.04 ? 3  ARG A HH21 6  
ATOM   1101 H HH22 . ARG A 1 3  ? 9.969  -5.343 -0.159  1.00 5.29 ? 3  ARG A HH22 6  
HETATM 1102 N N    . HZP A 1 4  ? 3.117  0.996  -3.685  1.00 1.10 ? 4  HZP A N    6  
HETATM 1103 C CA   . HZP A 1 4  ? 2.459  2.310  -3.538  1.00 1.24 ? 4  HZP A CA   6  
HETATM 1104 C C    . HZP A 1 4  ? 1.195  2.439  -4.391  1.00 1.10 ? 4  HZP A C    6  
HETATM 1105 O O    . HZP A 1 4  ? 0.984  3.447  -5.069  1.00 1.54 ? 4  HZP A O    6  
HETATM 1106 C CB   . HZP A 1 4  ? 3.525  3.287  -4.026  1.00 1.56 ? 4  HZP A CB   6  
HETATM 1107 C CG   . HZP A 1 4  ? 4.307  2.503  -5.033  1.00 1.41 ? 4  HZP A CG   6  
HETATM 1108 C CD   . HZP A 1 4  ? 4.335  1.088  -4.524  1.00 1.23 ? 4  HZP A CD   6  
HETATM 1109 O OD1  . HZP A 1 4  ? 3.668  2.568  -6.316  1.00 1.27 ? 4  HZP A OD1  6  
HETATM 1110 H HA   . HZP A 1 4  ? 2.216  2.514  -2.501  1.00 1.38 ? 4  HZP A HA   6  
HETATM 1111 H HB   . HZP A 1 4  ? 3.054  4.152  -4.480  1.00 1.70 ? 4  HZP A HB   6  
HETATM 1112 H HBA  . HZP A 1 4  ? 4.163  3.587  -3.212  1.00 1.81 ? 4  HZP A HBA  6  
HETATM 1113 H HG   . HZP A 1 4  ? 5.310  2.891  -5.115  1.00 1.66 ? 4  HZP A HG   6  
HETATM 1114 H HD   . HZP A 1 4  ? 5.224  0.923  -3.936  1.00 1.48 ? 4  HZP A HD   6  
HETATM 1115 H HDA  . HZP A 1 4  ? 4.290  0.394  -5.351  1.00 1.08 ? 4  HZP A HDA  6  
HETATM 1116 H HOD1 . HZP A 1 4  ? 3.564  1.675  -6.663  1.00 1.29 ? 4  HZP A HOD1 6  
ATOM   1117 N N    . THR A 1 5  ? 0.362  1.418  -4.342  1.00 0.66 ? 5  THR A N    6  
ATOM   1118 C CA   . THR A 1 5  ? -0.862 1.348  -5.123  1.00 0.83 ? 5  THR A CA   6  
ATOM   1119 C C    . THR A 1 5  ? -1.774 0.294  -4.513  1.00 0.76 ? 5  THR A C    6  
ATOM   1120 O O    . THR A 1 5  ? -1.357 -0.850 -4.328  1.00 0.75 ? 5  THR A O    6  
ATOM   1121 C CB   . THR A 1 5  ? -0.578 0.995  -6.601  1.00 1.01 ? 5  THR A CB   6  
ATOM   1122 O OG1  . THR A 1 5  ? 0.259  1.997  -7.196  1.00 1.87 ? 5  THR A OG1  6  
ATOM   1123 C CG2  . THR A 1 5  ? -1.869 0.874  -7.398  1.00 1.28 ? 5  THR A CG2  6  
ATOM   1124 H H    . THR A 1 5  ? 0.574  0.671  -3.727  1.00 0.45 ? 5  THR A H    6  
ATOM   1125 H HA   . THR A 1 5  ? -1.350 2.311  -5.081  1.00 1.19 ? 5  THR A HA   6  
ATOM   1126 H HB   . THR A 1 5  ? -0.063 0.044  -6.637  1.00 1.57 ? 5  THR A HB   6  
ATOM   1127 H HG1  . THR A 1 5  ? 0.523  2.635  -6.515  1.00 2.23 ? 5  THR A HG1  6  
ATOM   1128 H HG21 . THR A 1 5  ? -2.485 0.096  -6.972  1.00 1.52 ? 5  THR A HG21 6  
ATOM   1129 H HG22 . THR A 1 5  ? -1.638 0.629  -8.424  1.00 1.80 ? 5  THR A HG22 6  
ATOM   1130 H HG23 . THR A 1 5  ? -2.402 1.813  -7.364  1.00 1.80 ? 5  THR A HG23 6  
ATOM   1131 N N    . ALA A 1 6  ? -3.005 0.690  -4.189  1.00 0.97 ? 6  ALA A N    6  
ATOM   1132 C CA   . ALA A 1 6  ? -3.939 -0.184 -3.481  1.00 1.16 ? 6  ALA A CA   6  
ATOM   1133 C C    . ALA A 1 6  ? -3.319 -0.638 -2.162  1.00 1.23 ? 6  ALA A C    6  
ATOM   1134 O O    . ALA A 1 6  ? -2.898 -1.788 -2.014  1.00 1.28 ? 6  ALA A O    6  
ATOM   1135 C CB   . ALA A 1 6  ? -4.332 -1.375 -4.349  1.00 1.15 ? 6  ALA A CB   6  
ATOM   1136 H H    . ALA A 1 6  ? -3.291 1.597  -4.430  1.00 1.14 ? 6  ALA A H    6  
ATOM   1137 H HA   . ALA A 1 6  ? -4.828 0.390  -3.267  1.00 1.41 ? 6  ALA A HA   6  
ATOM   1138 H HB1  . ALA A 1 6  ? -5.056 -1.979 -3.825  1.00 1.43 ? 6  ALA A HB1  6  
ATOM   1139 H HB2  . ALA A 1 6  ? -3.454 -1.970 -4.562  1.00 1.43 ? 6  ALA A HB2  6  
ATOM   1140 H HB3  . ALA A 1 6  ? -4.759 -1.022 -5.276  1.00 1.49 ? 6  ALA A HB3  6  
ATOM   1141 N N    . PRO A 1 7  ? -3.257 0.281  -1.189  1.00 1.41 ? 7  PRO A N    6  
ATOM   1142 C CA   . PRO A 1 7  ? -2.522 0.082  0.066   1.00 1.60 ? 7  PRO A CA   6  
ATOM   1143 C C    . PRO A 1 7  ? -3.070 -1.060 0.914   1.00 1.74 ? 7  PRO A C    6  
ATOM   1144 O O    . PRO A 1 7  ? -4.286 -1.218 1.056   1.00 2.42 ? 7  PRO A O    6  
ATOM   1145 C CB   . PRO A 1 7  ? -2.692 1.419  0.802   1.00 1.84 ? 7  PRO A CB   6  
ATOM   1146 C CG   . PRO A 1 7  ? -3.116 2.387  -0.245  1.00 1.77 ? 7  PRO A CG   6  
ATOM   1147 C CD   . PRO A 1 7  ? -3.914 1.594  -1.228  1.00 1.54 ? 7  PRO A CD   6  
ATOM   1148 H HA   . PRO A 1 7  ? -1.472 -0.091 -0.120  1.00 1.56 ? 7  PRO A HA   6  
ATOM   1149 H HB2  . PRO A 1 7  ? -3.446 1.317  1.567   1.00 2.13 ? 7  PRO A HB2  6  
ATOM   1150 H HB3  . PRO A 1 7  ? -1.753 1.710  1.250   1.00 1.93 ? 7  PRO A HB3  6  
ATOM   1151 H HG2  . PRO A 1 7  ? -3.723 3.163  0.197   1.00 2.10 ? 7  PRO A HG2  6  
ATOM   1152 H HG3  . PRO A 1 7  ? -2.248 2.815  -0.725  1.00 1.81 ? 7  PRO A HG3  6  
ATOM   1153 H HD2  . PRO A 1 7  ? -4.943 1.522  -0.913  1.00 1.84 ? 7  PRO A HD2  6  
ATOM   1154 H HD3  . PRO A 1 7  ? -3.846 2.031  -2.215  1.00 1.40 ? 7  PRO A HD3  6  
ATOM   1155 N N    . GLY A 1 8  ? -2.163 -1.853 1.470   1.00 1.21 ? 8  GLY A N    6  
ATOM   1156 C CA   . GLY A 1 8  ? -2.561 -2.942 2.334   1.00 1.29 ? 8  GLY A CA   6  
ATOM   1157 C C    . GLY A 1 8  ? -1.557 -3.208 3.442   1.00 1.06 ? 8  GLY A C    6  
ATOM   1158 O O    . GLY A 1 8  ? -1.825 -2.918 4.608   1.00 1.73 ? 8  GLY A O    6  
ATOM   1159 H H    . GLY A 1 8  ? -1.211 -1.695 1.287   1.00 0.98 ? 8  GLY A H    6  
ATOM   1160 H HA2  . GLY A 1 8  ? -3.512 -2.699 2.783   1.00 1.77 ? 8  GLY A HA2  6  
ATOM   1161 H HA3  . GLY A 1 8  ? -2.671 -3.838 1.741   1.00 1.47 ? 8  GLY A HA3  6  
ATOM   1162 N N    . HIS A 1 9  ? -0.395 -3.745 3.084   1.00 1.09 ? 9  HIS A N    6  
ATOM   1163 C CA   . HIS A 1 9  ? 0.593  -4.145 4.082   1.00 1.69 ? 9  HIS A CA   6  
ATOM   1164 C C    . HIS A 1 9  ? 1.520  -2.985 4.458   1.00 1.81 ? 9  HIS A C    6  
ATOM   1165 O O    . HIS A 1 9  ? 1.311  -2.321 5.472   1.00 2.36 ? 9  HIS A O    6  
ATOM   1166 C CB   . HIS A 1 9  ? 1.404  -5.350 3.581   1.00 2.23 ? 9  HIS A CB   6  
ATOM   1167 C CG   . HIS A 1 9  ? 2.436  -5.846 4.554   1.00 2.86 ? 9  HIS A CG   6  
ATOM   1168 N ND1  . HIS A 1 9  ? 2.122  -6.558 5.690   1.00 3.59 ? 9  HIS A ND1  6  
ATOM   1169 C CD2  . HIS A 1 9  ? 3.786  -5.729 4.550   1.00 3.41 ? 9  HIS A CD2  6  
ATOM   1170 C CE1  . HIS A 1 9  ? 3.232  -6.854 6.343   1.00 4.30 ? 9  HIS A CE1  6  
ATOM   1171 N NE2  . HIS A 1 9  ? 4.253  -6.361 5.673   1.00 4.18 ? 9  HIS A NE2  6  
ATOM   1172 H H    . HIS A 1 9  ? -0.197 -3.873 2.130   1.00 1.37 ? 9  HIS A H    6  
ATOM   1173 H HA   . HIS A 1 9  ? 0.052  -4.441 4.967   1.00 2.18 ? 9  HIS A HA   6  
ATOM   1174 H HB2  . HIS A 1 9  ? 0.728  -6.166 3.375   1.00 2.30 ? 9  HIS A HB2  6  
ATOM   1175 H HB3  . HIS A 1 9  ? 1.912  -5.077 2.667   1.00 2.72 ? 9  HIS A HB3  6  
ATOM   1176 H HD1  . HIS A 1 9  ? 1.215  -6.803 5.984   1.00 3.85 ? 9  HIS A HD1  6  
ATOM   1177 H HD2  . HIS A 1 9  ? 4.383  -5.226 3.802   1.00 3.60 ? 9  HIS A HD2  6  
ATOM   1178 H HE1  . HIS A 1 9  ? 3.291  -7.406 7.270   1.00 5.09 ? 9  HIS A HE1  6  
ATOM   1179 H HE2  . HIS A 1 9  ? 5.200  -6.552 5.865   1.00 4.80 ? 9  HIS A HE2  6  
ATOM   1180 N N    . SER A 1 10 ? 2.535  -2.739 3.642   1.00 1.82 ? 10 SER A N    6  
ATOM   1181 C CA   . SER A 1 10 ? 3.538  -1.731 3.962   1.00 2.36 ? 10 SER A CA   6  
ATOM   1182 C C    . SER A 1 10 ? 3.186  -0.332 3.424   1.00 2.06 ? 10 SER A C    6  
ATOM   1183 O O    . SER A 1 10 ? 3.399  0.649  4.139   1.00 2.00 ? 10 SER A O    6  
ATOM   1184 C CB   . SER A 1 10 ? 4.921  -2.180 3.478   1.00 3.00 ? 10 SER A CB   6  
ATOM   1185 O OG   . SER A 1 10 ? 4.861  -2.745 2.181   1.00 3.75 ? 10 SER A OG   6  
ATOM   1186 H H    . SER A 1 10 ? 2.613  -3.237 2.803   1.00 1.80 ? 10 SER A H    6  
ATOM   1187 H HA   . SER A 1 10 ? 3.571  -1.664 5.039   1.00 2.77 ? 10 SER A HA   6  
ATOM   1188 H HB2  . SER A 1 10 ? 5.582  -1.329 3.454   1.00 3.09 ? 10 SER A HB2  6  
ATOM   1189 H HB3  . SER A 1 10 ? 5.312  -2.920 4.161   1.00 3.32 ? 10 SER A HB3  6  
ATOM   1190 H HG   . SER A 1 10 ? 5.105  -2.069 1.532   1.00 4.03 ? 10 SER A HG   6  
HETATM 1191 N N    . HZP A 1 11 ? 2.673  -0.201 2.165   1.00 2.01 ? 11 HZP A N    6  
HETATM 1192 C CA   . HZP A 1 11 ? 2.234  1.092  1.618   1.00 1.78 ? 11 HZP A CA   6  
HETATM 1193 C C    . HZP A 1 11 ? 1.453  1.906  2.642   1.00 1.66 ? 11 HZP A C    6  
HETATM 1194 O O    . HZP A 1 11 ? 1.764  3.065  2.924   1.00 2.33 ? 11 HZP A O    6  
HETATM 1195 C CB   . HZP A 1 11 ? 1.301  0.712  0.466   1.00 1.72 ? 11 HZP A CB   6  
HETATM 1196 C CG   . HZP A 1 11 ? 1.528  -0.746 0.188   1.00 2.09 ? 11 HZP A CG   6  
HETATM 1197 C CD   . HZP A 1 11 ? 2.526  -1.272 1.171   1.00 2.34 ? 11 HZP A CD   6  
HETATM 1198 O OD1  . HZP A 1 11 ? 0.302  -1.469 0.300   1.00 2.23 ? 11 HZP A OD1  6  
HETATM 1199 H HA   . HZP A 1 11 ? 3.061  1.667  1.240   1.00 1.87 ? 11 HZP A HA   6  
HETATM 1200 H HB   . HZP A 1 11 ? 0.274  0.888  0.762   1.00 1.63 ? 11 HZP A HB   6  
HETATM 1201 H HBA  . HZP A 1 11 ? 1.537  1.289  -0.415  1.00 1.65 ? 11 HZP A HBA  6  
HETATM 1202 H HG   . HZP A 1 11 ? 1.907  -0.860 -0.816  1.00 2.18 ? 11 HZP A HG   6  
HETATM 1203 H HD   . HZP A 1 11 ? 3.464  -1.468 0.675   1.00 2.79 ? 11 HZP A HD   6  
HETATM 1204 H HDA  . HZP A 1 11 ? 2.148  -2.170 1.630   1.00 2.45 ? 11 HZP A HDA  6  
HETATM 1205 H HOD1 . HZP A 1 11 ? 0.301  -2.185 -0.353  1.00 2.38 ? 11 HZP A HOD1 6  
ATOM   1206 N N    . GLY A 1 12 ? 0.436  1.268  3.188   1.00 1.10 ? 12 GLY A N    6  
ATOM   1207 C CA   . GLY A 1 12 ? -0.362 1.863  4.231   1.00 1.23 ? 12 GLY A CA   6  
ATOM   1208 C C    . GLY A 1 12 ? -1.697 1.172  4.344   1.00 1.34 ? 12 GLY A C    6  
ATOM   1209 O O    . GLY A 1 12 ? -1.942 0.195  3.640   1.00 2.06 ? 12 GLY A O    6  
ATOM   1210 H H    . GLY A 1 12 ? 0.208  0.376  2.859   1.00 1.05 ? 12 GLY A H    6  
ATOM   1211 H HA2  . GLY A 1 12 ? 0.165  1.781  5.171   1.00 1.86 ? 12 GLY A HA2  6  
ATOM   1212 H HA3  . GLY A 1 12 ? -0.522 2.905  4.005   1.00 1.56 ? 12 GLY A HA3  6  
ATOM   1213 N N    . VAL A 1 13 ? -2.554 1.654  5.224   1.00 1.72 ? 13 VAL A N    6  
ATOM   1214 C CA   . VAL A 1 13 ? -3.909 1.140  5.309   1.00 2.59 ? 13 VAL A CA   6  
ATOM   1215 C C    . VAL A 1 13 ? -4.808 1.915  4.348   1.00 2.74 ? 13 VAL A C    6  
ATOM   1216 O O    . VAL A 1 13 ? -5.771 1.377  3.798   1.00 3.50 ? 13 VAL A O    6  
ATOM   1217 C CB   . VAL A 1 13 ? -4.466 1.207  6.755   1.00 3.44 ? 13 VAL A CB   6  
ATOM   1218 C CG1  . VAL A 1 13 ? -4.478 2.633  7.281   1.00 4.05 ? 13 VAL A CG1  6  
ATOM   1219 C CG2  . VAL A 1 13 ? -5.860 0.598  6.828   1.00 4.25 ? 13 VAL A CG2  6  
ATOM   1220 H H    . VAL A 1 13 ? -2.269 2.371  5.831   1.00 1.92 ? 13 VAL A H    6  
ATOM   1221 H HA   . VAL A 1 13 ? -3.886 0.103  5.001   1.00 3.05 ? 13 VAL A HA   6  
ATOM   1222 H HB   . VAL A 1 13 ? -3.816 0.624  7.390   1.00 3.50 ? 13 VAL A HB   6  
ATOM   1223 H HG11 . VAL A 1 13 ? -3.465 3.006  7.335   1.00 4.45 ? 13 VAL A HG11 6  
ATOM   1224 H HG12 . VAL A 1 13 ? -4.920 2.649  8.268   1.00 4.09 ? 13 VAL A HG12 6  
ATOM   1225 H HG13 . VAL A 1 13 ? -5.057 3.257  6.617   1.00 4.44 ? 13 VAL A HG13 6  
ATOM   1226 H HG21 . VAL A 1 13 ? -6.220 0.645  7.844   1.00 4.42 ? 13 VAL A HG21 6  
ATOM   1227 H HG22 . VAL A 1 13 ? -5.820 -0.434 6.509   1.00 4.60 ? 13 VAL A HG22 6  
ATOM   1228 H HG23 . VAL A 1 13 ? -6.527 1.148  6.182   1.00 4.77 ? 13 VAL A HG23 6  
ATOM   1229 N N    . GLY A 1 14 ? -4.461 3.176  4.130   1.00 2.56 ? 14 GLY A N    6  
ATOM   1230 C CA   . GLY A 1 14 ? -5.187 4.002  3.188   1.00 3.19 ? 14 GLY A CA   6  
ATOM   1231 C C    . GLY A 1 14 ? -4.287 5.024  2.526   1.00 2.98 ? 14 GLY A C    6  
ATOM   1232 O O    . GLY A 1 14 ? -4.762 5.974  1.902   1.00 3.82 ? 14 GLY A O    6  
ATOM   1233 H H    . GLY A 1 14 ? -3.706 3.559  4.627   1.00 2.45 ? 14 GLY A H    6  
ATOM   1234 H HA2  . GLY A 1 14 ? -5.618 3.368  2.426   1.00 3.79 ? 14 GLY A HA2  6  
ATOM   1235 H HA3  . GLY A 1 14 ? -5.980 4.518  3.708   1.00 3.61 ? 14 GLY A HA3  6  
ATOM   1236 N N    . HIS A 1 15 ? -2.983 4.821  2.660   1.00 2.16 ? 15 HIS A N    6  
ATOM   1237 C CA   . HIS A 1 15 ? -2.001 5.743  2.110   1.00 2.49 ? 15 HIS A CA   6  
ATOM   1238 C C    . HIS A 1 15 ? -1.565 5.291  0.723   1.00 2.62 ? 15 HIS A C    6  
ATOM   1239 O O    . HIS A 1 15 ? -2.095 5.829  -0.271  1.00 2.89 ? 15 HIS A O    6  
ATOM   1240 C CB   . HIS A 1 15 ? -0.784 5.842  3.033   1.00 3.02 ? 15 HIS A CB   6  
ATOM   1241 C CG   . HIS A 1 15 ? 0.250  6.819  2.572   1.00 3.82 ? 15 HIS A CG   6  
ATOM   1242 N ND1  . HIS A 1 15 ? 1.353  6.453  1.833   1.00 4.57 ? 15 HIS A ND1  6  
ATOM   1243 C CD2  . HIS A 1 15 ? 0.348  8.154  2.754   1.00 4.40 ? 15 HIS A CD2  6  
ATOM   1244 C CE1  . HIS A 1 15 ? 2.085  7.521  1.582   1.00 5.31 ? 15 HIS A CE1  6  
ATOM   1245 N NE2  . HIS A 1 15 ? 1.497  8.564  2.130   1.00 5.25 ? 15 HIS A NE2  6  
ATOM   1246 O OXT  . HIS A 1 15 ? -0.694 4.404  0.635   1.00 3.16 ? 15 HIS A OXT  6  
ATOM   1247 H H    . HIS A 1 15 ? -2.671 4.022  3.131   1.00 1.62 ? 15 HIS A H    6  
ATOM   1248 H HA   . HIS A 1 15 ? -2.464 6.716  2.031   1.00 3.10 ? 15 HIS A HA   6  
ATOM   1249 H HB2  . HIS A 1 15 ? -1.110 6.147  4.015   1.00 3.53 ? 15 HIS A HB2  6  
ATOM   1250 H HB3  . HIS A 1 15 ? -0.316 4.871  3.102   1.00 2.94 ? 15 HIS A HB3  6  
ATOM   1251 H HD1  . HIS A 1 15 ? 1.567  5.540  1.534   1.00 4.78 ? 15 HIS A HD1  6  
ATOM   1252 H HD2  . HIS A 1 15 ? -0.349 8.781  3.291   1.00 4.49 ? 15 HIS A HD2  6  
ATOM   1253 H HE1  . HIS A 1 15 ? 3.007  7.537  1.022   1.00 6.06 ? 15 HIS A HE1  6  
ATOM   1254 H HE2  . HIS A 1 15 ? 1.770  9.501  2.000   1.00 5.92 ? 15 HIS A HE2  6  
ATOM   1255 N N    . ALA A 1 1  ? 4.931  -5.363 -1.802  1.00 4.02 ? 1  ALA A N    7  
ATOM   1256 C CA   . ALA A 1 1  ? 5.394  -4.559 -2.957  1.00 3.27 ? 1  ALA A CA   7  
ATOM   1257 C C    . ALA A 1 1  ? 4.235  -3.780 -3.561  1.00 2.38 ? 1  ALA A C    7  
ATOM   1258 O O    . ALA A 1 1  ? 3.082  -3.977 -3.171  1.00 2.67 ? 1  ALA A O    7  
ATOM   1259 C CB   . ALA A 1 1  ? 6.032  -5.457 -4.006  1.00 3.84 ? 1  ALA A CB   7  
ATOM   1260 H H1   . ALA A 1 1  ? 5.718  -5.918 -1.415  1.00 4.36 ? 1  ALA A H1   7  
ATOM   1261 H H2   . ALA A 1 1  ? 4.175  -6.013 -2.097  1.00 4.56 ? 1  ALA A H2   7  
ATOM   1262 H H3   . ALA A 1 1  ? 4.561  -4.738 -1.054  1.00 4.11 ? 1  ALA A H3   7  
ATOM   1263 H HA   . ALA A 1 1  ? 6.141  -3.862 -2.611  1.00 3.54 ? 1  ALA A HA   7  
ATOM   1264 H HB1  . ALA A 1 1  ? 6.341  -4.861 -4.851  1.00 3.89 ? 1  ALA A HB1  7  
ATOM   1265 H HB2  . ALA A 1 1  ? 5.318  -6.198 -4.331  1.00 4.24 ? 1  ALA A HB2  7  
ATOM   1266 H HB3  . ALA A 1 1  ? 6.892  -5.950 -3.580  1.00 4.31 ? 1  ALA A HB3  7  
ATOM   1267 N N    . PHE A 1 2  ? 4.552  -2.897 -4.514  1.00 1.89 ? 2  PHE A N    7  
ATOM   1268 C CA   . PHE A 1 2  ? 3.550  -2.065 -5.180  1.00 1.21 ? 2  PHE A CA   7  
ATOM   1269 C C    . PHE A 1 2  ? 2.758  -1.267 -4.156  1.00 1.11 ? 2  PHE A C    7  
ATOM   1270 O O    . PHE A 1 2  ? 1.556  -1.465 -3.983  1.00 1.07 ? 2  PHE A O    7  
ATOM   1271 C CB   . PHE A 1 2  ? 2.606  -2.917 -6.037  1.00 1.44 ? 2  PHE A CB   7  
ATOM   1272 C CG   . PHE A 1 2  ? 3.293  -3.636 -7.161  1.00 1.96 ? 2  PHE A CG   7  
ATOM   1273 C CD1  . PHE A 1 2  ? 3.493  -3.015 -8.383  1.00 2.45 ? 2  PHE A CD1  7  
ATOM   1274 C CD2  . PHE A 1 2  ? 3.738  -4.937 -6.996  1.00 2.37 ? 2  PHE A CD2  7  
ATOM   1275 C CE1  . PHE A 1 2  ? 4.124  -3.678 -9.419  1.00 3.14 ? 2  PHE A CE1  7  
ATOM   1276 C CE2  . PHE A 1 2  ? 4.368  -5.606 -8.026  1.00 2.92 ? 2  PHE A CE2  7  
ATOM   1277 C CZ   . PHE A 1 2  ? 4.562  -4.975 -9.241  1.00 3.26 ? 2  PHE A CZ   7  
ATOM   1278 H H    . PHE A 1 2  ? 5.494  -2.797 -4.772  1.00 2.46 ? 2  PHE A H    7  
ATOM   1279 H HA   . PHE A 1 2  ? 4.076  -1.374 -5.823  1.00 1.39 ? 2  PHE A HA   7  
ATOM   1280 H HB2  . PHE A 1 2  ? 2.136  -3.658 -5.408  1.00 1.76 ? 2  PHE A HB2  7  
ATOM   1281 H HB3  . PHE A 1 2  ? 1.847  -2.278 -6.463  1.00 1.70 ? 2  PHE A HB3  7  
ATOM   1282 H HD1  . PHE A 1 2  ? 3.149  -2.000 -8.524  1.00 2.50 ? 2  PHE A HD1  7  
ATOM   1283 H HD2  . PHE A 1 2  ? 3.588  -5.432 -6.047  1.00 2.50 ? 2  PHE A HD2  7  
ATOM   1284 H HE1  . PHE A 1 2  ? 4.274  -3.183 -10.367 1.00 3.72 ? 2  PHE A HE1  7  
ATOM   1285 H HE2  . PHE A 1 2  ? 4.710  -6.618 -7.882  1.00 3.27 ? 2  PHE A HE2  7  
ATOM   1286 H HZ   . PHE A 1 2  ? 5.055  -5.497 -10.046 1.00 3.81 ? 2  PHE A HZ   7  
ATOM   1287 N N    . ARG A 1 3  ? 3.448  -0.365 -3.477  1.00 1.22 ? 3  ARG A N    7  
ATOM   1288 C CA   . ARG A 1 3  ? 2.848  0.417  -2.404  1.00 1.28 ? 3  ARG A CA   7  
ATOM   1289 C C    . ARG A 1 3  ? 1.730  1.355  -2.885  1.00 1.06 ? 3  ARG A C    7  
ATOM   1290 O O    . ARG A 1 3  ? 0.687  1.438  -2.235  1.00 1.01 ? 3  ARG A O    7  
ATOM   1291 C CB   . ARG A 1 3  ? 3.915  1.207  -1.643  1.00 1.68 ? 3  ARG A CB   7  
ATOM   1292 C CG   . ARG A 1 3  ? 4.921  0.327  -0.924  1.00 2.02 ? 3  ARG A CG   7  
ATOM   1293 C CD   . ARG A 1 3  ? 5.757  1.128  0.058   1.00 2.47 ? 3  ARG A CD   7  
ATOM   1294 N NE   . ARG A 1 3  ? 6.553  2.161  -0.599  1.00 3.13 ? 3  ARG A NE   7  
ATOM   1295 C CZ   . ARG A 1 3  ? 7.219  3.116  0.053   1.00 3.82 ? 3  ARG A CZ   7  
ATOM   1296 N NH1  . ARG A 1 3  ? 7.147  3.199  1.378   1.00 3.89 ? 3  ARG A NH1  7  
ATOM   1297 N NH2  . ARG A 1 3  ? 7.947  3.992  -0.623  1.00 4.74 ? 3  ARG A NH2  7  
ATOM   1298 H H    . ARG A 1 3  ? 4.390  -0.217 -3.706  1.00 1.34 ? 3  ARG A H    7  
ATOM   1299 H HA   . ARG A 1 3  ? 2.410  -0.289 -1.722  1.00 1.33 ? 3  ARG A HA   7  
ATOM   1300 H HB2  . ARG A 1 3  ? 4.450  1.831  -2.342  1.00 1.75 ? 3  ARG A HB2  7  
ATOM   1301 H HB3  . ARG A 1 3  ? 3.428  1.834  -0.912  1.00 1.76 ? 3  ARG A HB3  7  
ATOM   1302 H HG2  . ARG A 1 3  ? 4.392  -0.445 -0.384  1.00 2.05 ? 3  ARG A HG2  7  
ATOM   1303 H HG3  . ARG A 1 3  ? 5.575  -0.126 -1.655  1.00 2.00 ? 3  ARG A HG3  7  
ATOM   1304 H HD2  . ARG A 1 3  ? 5.096  1.601  0.769   1.00 2.56 ? 3  ARG A HD2  7  
ATOM   1305 H HD3  . ARG A 1 3  ? 6.420  0.455  0.580   1.00 2.86 ? 3  ARG A HD3  7  
ATOM   1306 H HE   . ARG A 1 3  ? 6.605  2.136  -1.582  1.00 3.36 ? 3  ARG A HE   7  
ATOM   1307 H HH11 . ARG A 1 3  ? 6.590  2.547  1.896   1.00 3.61 ? 3  ARG A HH11 7  
ATOM   1308 H HH12 . ARG A 1 3  ? 7.662  3.911  1.867   1.00 4.47 ? 3  ARG A HH12 7  
ATOM   1309 H HH21 . ARG A 1 3  ? 8.000  3.939  -1.624  1.00 5.04 ? 3  ARG A HH21 7  
ATOM   1310 H HH22 . ARG A 1 3  ? 8.445  4.716  -0.135  1.00 5.29 ? 3  ARG A HH22 7  
HETATM 1311 N N    . HZP A 1 4  ? 1.906  2.085  -4.009  1.00 1.10 ? 4  HZP A N    7  
HETATM 1312 C CA   . HZP A 1 4  ? 0.854  2.978  -4.537  1.00 1.24 ? 4  HZP A CA   7  
HETATM 1313 C C    . HZP A 1 4  ? -0.337 2.222  -5.139  1.00 1.10 ? 4  HZP A C    7  
HETATM 1314 O O    . HZP A 1 4  ? -1.203 2.822  -5.780  1.00 1.54 ? 4  HZP A O    7  
HETATM 1315 C CB   . HZP A 1 4  ? 1.580  3.758  -5.635  1.00 1.56 ? 4  HZP A CB   7  
HETATM 1316 C CG   . HZP A 1 4  ? 2.668  2.836  -6.080  1.00 1.41 ? 4  HZP A CG   7  
HETATM 1317 C CD   . HZP A 1 4  ? 3.132  2.148  -4.835  1.00 1.23 ? 4  HZP A CD   7  
HETATM 1318 O OD1  . HZP A 1 4  ? 2.160  1.883  -7.022  1.00 1.27 ? 4  HZP A OD1  7  
HETATM 1319 H HA   . HZP A 1 4  ? 0.500  3.663  -3.781  1.00 1.38 ? 4  HZP A HA   7  
HETATM 1320 H HB   . HZP A 1 4  ? 0.894  3.978  -6.445  1.00 1.70 ? 4  HZP A HB   7  
HETATM 1321 H HBA  . HZP A 1 4  ? 2.002  4.664  -5.237  1.00 1.81 ? 4  HZP A HBA  7  
HETATM 1322 H HG   . HZP A 1 4  ? 3.476  3.390  -6.529  1.00 1.66 ? 4  HZP A HG   7  
HETATM 1323 H HD   . HZP A 1 4  ? 3.896  2.733  -4.347  1.00 1.48 ? 4  HZP A HD   7  
HETATM 1324 H HDA  . HZP A 1 4  ? 3.496  1.159  -5.068  1.00 1.08 ? 4  HZP A HDA  7  
HETATM 1325 H HOD1 . HZP A 1 4  ? 2.857  1.652  -7.646  1.00 1.29 ? 4  HZP A HOD1 7  
ATOM   1326 N N    . THR A 1 5  ? -0.381 0.913  -4.934  1.00 0.66 ? 5  THR A N    7  
ATOM   1327 C CA   . THR A 1 5  ? -1.434 0.090  -5.503  1.00 0.83 ? 5  THR A CA   7  
ATOM   1328 C C    . THR A 1 5  ? -2.123 -0.744 -4.422  1.00 0.76 ? 5  THR A C    7  
ATOM   1329 O O    . THR A 1 5  ? -1.510 -1.637 -3.838  1.00 0.75 ? 5  THR A O    7  
ATOM   1330 C CB   . THR A 1 5  ? -0.862 -0.841 -6.589  1.00 1.01 ? 5  THR A CB   7  
ATOM   1331 O OG1  . THR A 1 5  ? -0.003 -0.092 -7.460  1.00 1.87 ? 5  THR A OG1  7  
ATOM   1332 C CG2  . THR A 1 5  ? -1.977 -1.477 -7.406  1.00 1.28 ? 5  THR A CG2  7  
ATOM   1333 H H    . THR A 1 5  ? 0.311  0.491  -4.378  1.00 0.45 ? 5  THR A H    7  
ATOM   1334 H HA   . THR A 1 5  ? -2.161 0.744  -5.962  1.00 1.19 ? 5  THR A HA   7  
ATOM   1335 H HB   . THR A 1 5  ? -0.290 -1.623 -6.112  1.00 1.57 ? 5  THR A HB   7  
ATOM   1336 H HG1  . THR A 1 5  ? 0.501  0.547  -6.941  1.00 2.23 ? 5  THR A HG1  7  
ATOM   1337 H HG21 . THR A 1 5  ? -2.524 -0.705 -7.927  1.00 1.52 ? 5  THR A HG21 7  
ATOM   1338 H HG22 . THR A 1 5  ? -2.646 -2.010 -6.747  1.00 1.80 ? 5  THR A HG22 7  
ATOM   1339 H HG23 . THR A 1 5  ? -1.552 -2.165 -8.122  1.00 1.80 ? 5  THR A HG23 7  
ATOM   1340 N N    . ALA A 1 6  ? -3.395 -0.432 -4.164  1.00 0.97 ? 6  ALA A N    7  
ATOM   1341 C CA   . ALA A 1 6  ? -4.205 -1.148 -3.173  1.00 1.16 ? 6  ALA A CA   7  
ATOM   1342 C C    . ALA A 1 6  ? -3.574 -1.110 -1.779  1.00 1.23 ? 6  ALA A C    7  
ATOM   1343 O O    . ALA A 1 6  ? -3.050 -2.111 -1.303  1.00 1.28 ? 6  ALA A O    7  
ATOM   1344 C CB   . ALA A 1 6  ? -4.440 -2.589 -3.613  1.00 1.15 ? 6  ALA A CB   7  
ATOM   1345 H H    . ALA A 1 6  ? -3.810 0.303  -4.665  1.00 1.14 ? 6  ALA A H    7  
ATOM   1346 H HA   . ALA A 1 6  ? -5.167 -0.659 -3.123  1.00 1.41 ? 6  ALA A HA   7  
ATOM   1347 H HB1  . ALA A 1 6  ? -4.904 -2.598 -4.588  1.00 1.43 ? 6  ALA A HB1  7  
ATOM   1348 H HB2  . ALA A 1 6  ? -5.087 -3.082 -2.902  1.00 1.43 ? 6  ALA A HB2  7  
ATOM   1349 H HB3  . ALA A 1 6  ? -3.495 -3.110 -3.658  1.00 1.49 ? 6  ALA A HB3  7  
ATOM   1350 N N    . PRO A 1 7  ? -3.633 0.052  -1.106  1.00 1.41 ? 7  PRO A N    7  
ATOM   1351 C CA   . PRO A 1 7  ? -3.082 0.239  0.246   1.00 1.60 ? 7  PRO A CA   7  
ATOM   1352 C C    . PRO A 1 7  ? -3.505 -0.849 1.234   1.00 1.74 ? 7  PRO A C    7  
ATOM   1353 O O    . PRO A 1 7  ? -4.631 -1.347 1.183   1.00 2.42 ? 7  PRO A O    7  
ATOM   1354 C CB   . PRO A 1 7  ? -3.661 1.588  0.694   1.00 1.84 ? 7  PRO A CB   7  
ATOM   1355 C CG   . PRO A 1 7  ? -4.663 1.972  -0.345  1.00 1.77 ? 7  PRO A CG   7  
ATOM   1356 C CD   . PRO A 1 7  ? -4.240 1.288  -1.605  1.00 1.54 ? 7  PRO A CD   7  
ATOM   1357 H HA   . PRO A 1 7  ? -2.005 0.303  0.225   1.00 1.56 ? 7  PRO A HA   7  
ATOM   1358 H HB2  . PRO A 1 7  ? -4.126 1.473  1.660   1.00 2.13 ? 7  PRO A HB2  7  
ATOM   1359 H HB3  . PRO A 1 7  ? -2.870 2.317  0.760   1.00 1.93 ? 7  PRO A HB3  7  
ATOM   1360 H HG2  . PRO A 1 7  ? -5.645 1.636  -0.052  1.00 2.10 ? 7  PRO A HG2  7  
ATOM   1361 H HG3  . PRO A 1 7  ? -4.654 3.043  -0.481  1.00 1.81 ? 7  PRO A HG3  7  
ATOM   1362 H HD2  . PRO A 1 7  ? -5.097 1.078  -2.226  1.00 1.84 ? 7  PRO A HD2  7  
ATOM   1363 H HD3  . PRO A 1 7  ? -3.518 1.886  -2.139  1.00 1.40 ? 7  PRO A HD3  7  
ATOM   1364 N N    . GLY A 1 8  ? -2.593 -1.212 2.130   1.00 1.21 ? 8  GLY A N    7  
ATOM   1365 C CA   . GLY A 1 8  ? -2.907 -2.185 3.152   1.00 1.29 ? 8  GLY A CA   7  
ATOM   1366 C C    . GLY A 1 8  ? -1.730 -2.478 4.063   1.00 1.06 ? 8  GLY A C    7  
ATOM   1367 O O    . GLY A 1 8  ? -1.290 -1.606 4.816   1.00 1.73 ? 8  GLY A O    7  
ATOM   1368 H H    . GLY A 1 8  ? -1.694 -0.816 2.098   1.00 0.98 ? 8  GLY A H    7  
ATOM   1369 H HA2  . GLY A 1 8  ? -3.719 -1.797 3.745   1.00 1.77 ? 8  GLY A HA2  7  
ATOM   1370 H HA3  . GLY A 1 8  ? -3.223 -3.102 2.679   1.00 1.47 ? 8  GLY A HA3  7  
ATOM   1371 N N    . HIS A 1 9  ? -1.210 -3.699 3.988   1.00 1.09 ? 9  HIS A N    7  
ATOM   1372 C CA   . HIS A 1 9  ? -0.109 -4.117 4.850   1.00 1.69 ? 9  HIS A CA   7  
ATOM   1373 C C    . HIS A 1 9  ? 1.230  -3.640 4.293   1.00 1.81 ? 9  HIS A C    7  
ATOM   1374 O O    . HIS A 1 9  ? 1.861  -2.754 4.863   1.00 2.36 ? 9  HIS A O    7  
ATOM   1375 C CB   . HIS A 1 9  ? -0.107 -5.641 5.019   1.00 2.23 ? 9  HIS A CB   7  
ATOM   1376 C CG   . HIS A 1 9  ? 0.871  -6.146 6.041   1.00 2.86 ? 9  HIS A CG   7  
ATOM   1377 N ND1  . HIS A 1 9  ? 0.494  -6.551 7.303   1.00 3.59 ? 9  HIS A ND1  7  
ATOM   1378 C CD2  . HIS A 1 9  ? 2.213  -6.330 5.977   1.00 3.41 ? 9  HIS A CD2  7  
ATOM   1379 C CE1  . HIS A 1 9  ? 1.557  -6.958 7.970   1.00 4.30 ? 9  HIS A CE1  7  
ATOM   1380 N NE2  . HIS A 1 9  ? 2.611  -6.835 7.188   1.00 4.18 ? 9  HIS A NE2  7  
ATOM   1381 H H    . HIS A 1 9  ? -1.579 -4.336 3.340   1.00 1.37 ? 9  HIS A H    7  
ATOM   1382 H HA   . HIS A 1 9  ? -0.260 -3.660 5.816   1.00 2.18 ? 9  HIS A HA   7  
ATOM   1383 H HB2  . HIS A 1 9  ? -1.092 -5.962 5.320   1.00 2.30 ? 9  HIS A HB2  7  
ATOM   1384 H HB3  . HIS A 1 9  ? 0.138  -6.096 4.072   1.00 2.72 ? 9  HIS A HB3  7  
ATOM   1385 H HD1  . HIS A 1 9  ? -0.424 -6.546 7.660   1.00 3.85 ? 9  HIS A HD1  7  
ATOM   1386 H HD2  . HIS A 1 9  ? 2.850  -6.117 5.131   1.00 3.60 ? 9  HIS A HD2  7  
ATOM   1387 H HE1  . HIS A 1 9  ? 1.562  -7.328 8.984   1.00 5.09 ? 9  HIS A HE1  7  
ATOM   1388 H HE2  . HIS A 1 9  ? 3.514  -7.161 7.401   1.00 4.80 ? 9  HIS A HE2  7  
ATOM   1389 N N    . SER A 1 10 ? 1.675  -4.232 3.191   1.00 1.82 ? 10 SER A N    7  
ATOM   1390 C CA   . SER A 1 10 ? 2.911  -3.792 2.556   1.00 2.36 ? 10 SER A CA   7  
ATOM   1391 C C    . SER A 1 10 ? 2.706  -2.426 1.883   1.00 2.06 ? 10 SER A C    7  
ATOM   1392 O O    . SER A 1 10 ? 3.468  -1.492 2.146   1.00 2.00 ? 10 SER A O    7  
ATOM   1393 C CB   . SER A 1 10 ? 3.447  -4.857 1.575   1.00 3.00 ? 10 SER A CB   7  
ATOM   1394 O OG   . SER A 1 10 ? 4.508  -4.354 0.778   1.00 3.75 ? 10 SER A OG   7  
ATOM   1395 H H    . SER A 1 10 ? 1.163  -4.967 2.793   1.00 1.80 ? 10 SER A H    7  
ATOM   1396 H HA   . SER A 1 10 ? 3.638  -3.662 3.346   1.00 2.77 ? 10 SER A HA   7  
ATOM   1397 H HB2  . SER A 1 10 ? 3.815  -5.699 2.139   1.00 3.09 ? 10 SER A HB2  7  
ATOM   1398 H HB3  . SER A 1 10 ? 2.655  -5.190 0.928   1.00 3.32 ? 10 SER A HB3  7  
ATOM   1399 H HG   . SER A 1 10 ? 5.280  -4.195 1.340   1.00 4.03 ? 10 SER A HG   7  
HETATM 1400 N N    . HZP A 1 11 ? 1.675  -2.263 1.021   1.00 2.01 ? 11 HZP A N    7  
HETATM 1401 C CA   . HZP A 1 11 ? 1.315  -0.949 0.471   1.00 1.78 ? 11 HZP A CA   7  
HETATM 1402 C C    . HZP A 1 11 ? 0.651  -0.072 1.526   1.00 1.66 ? 11 HZP A C    7  
HETATM 1403 O O    . HZP A 1 11 ? 0.066  -0.579 2.480   1.00 2.33 ? 11 HZP A O    7  
HETATM 1404 C CB   . HZP A 1 11 ? 0.325  -1.292 -0.657  1.00 1.72 ? 11 HZP A CB   7  
HETATM 1405 C CG   . HZP A 1 11 ? 0.496  -2.761 -0.879  1.00 2.09 ? 11 HZP A CG   7  
HETATM 1406 C CD   . HZP A 1 11 ? 0.805  -3.310 0.472   1.00 2.34 ? 11 HZP A CD   7  
HETATM 1407 O OD1  . HZP A 1 11 ? -0.691 -3.349 -1.403  1.00 2.23 ? 11 HZP A OD1  7  
HETATM 1408 H HA   . HZP A 1 11 ? 2.175  -0.439 0.069   1.00 1.87 ? 11 HZP A HA   7  
HETATM 1409 H HB   . HZP A 1 11 ? -0.685 -1.060 -0.342  1.00 1.63 ? 11 HZP A HB   7  
HETATM 1410 H HBA  . HZP A 1 11 ? 0.574  -0.750 -1.553  1.00 1.65 ? 11 HZP A HBA  7  
HETATM 1411 H HG   . HZP A 1 11 ? 1.313  -2.947 -1.561  1.00 2.18 ? 11 HZP A HG   7  
HETATM 1412 H HD   . HZP A 1 11 ? 1.320  -4.246 0.386   1.00 2.79 ? 11 HZP A HD   7  
HETATM 1413 H HDA  . HZP A 1 11 ? -0.101 -3.417 1.052   1.00 2.45 ? 11 HZP A HDA  7  
HETATM 1414 H HOD1 . HZP A 1 11 ? -1.003 -4.030 -0.799  1.00 2.38 ? 11 HZP A HOD1 7  
ATOM   1415 N N    . GLY A 1 12 ? 0.724  1.237  1.358   1.00 1.10 ? 12 GLY A N    7  
ATOM   1416 C CA   . GLY A 1 12 ? 0.197  2.121  2.372   1.00 1.23 ? 12 GLY A CA   7  
ATOM   1417 C C    . GLY A 1 12 ? 0.011  3.532  1.879   1.00 1.34 ? 12 GLY A C    7  
ATOM   1418 O O    . GLY A 1 12 ? 0.714  4.444  2.310   1.00 2.06 ? 12 GLY A O    7  
ATOM   1419 H H    . GLY A 1 12 ? 1.128  1.606  0.544   1.00 1.05 ? 12 GLY A H    7  
ATOM   1420 H HA2  . GLY A 1 12 ? -0.758 1.740  2.701   1.00 1.86 ? 12 GLY A HA2  7  
ATOM   1421 H HA3  . GLY A 1 12 ? 0.876  2.132  3.212   1.00 1.56 ? 12 GLY A HA3  7  
ATOM   1422 N N    . VAL A 1 13 ? -0.936 3.710  0.969   1.00 1.72 ? 13 VAL A N    7  
ATOM   1423 C CA   . VAL A 1 13 ? -1.258 5.035  0.452   1.00 2.59 ? 13 VAL A CA   7  
ATOM   1424 C C    . VAL A 1 13 ? -1.890 5.887  1.550   1.00 2.74 ? 13 VAL A C    7  
ATOM   1425 O O    . VAL A 1 13 ? -1.582 7.070  1.693   1.00 3.50 ? 13 VAL A O    7  
ATOM   1426 C CB   . VAL A 1 13 ? -2.214 4.958  -0.759  1.00 3.44 ? 13 VAL A CB   7  
ATOM   1427 C CG1  . VAL A 1 13 ? -2.497 6.343  -1.322  1.00 4.05 ? 13 VAL A CG1  7  
ATOM   1428 C CG2  . VAL A 1 13 ? -1.636 4.054  -1.837  1.00 4.25 ? 13 VAL A CG2  7  
ATOM   1429 H H    . VAL A 1 13 ? -1.422 2.930  0.633   1.00 1.92 ? 13 VAL A H    7  
ATOM   1430 H HA   . VAL A 1 13 ? -0.338 5.503  0.132   1.00 3.05 ? 13 VAL A HA   7  
ATOM   1431 H HB   . VAL A 1 13 ? -3.149 4.531  -0.427  1.00 3.50 ? 13 VAL A HB   7  
ATOM   1432 H HG11 . VAL A 1 13 ? -1.574 6.792  -1.659  1.00 4.45 ? 13 VAL A HG11 7  
ATOM   1433 H HG12 . VAL A 1 13 ? -2.935 6.961  -0.552  1.00 4.09 ? 13 VAL A HG12 7  
ATOM   1434 H HG13 . VAL A 1 13 ? -3.183 6.264  -2.152  1.00 4.44 ? 13 VAL A HG13 7  
ATOM   1435 H HG21 . VAL A 1 13 ? -1.503 3.059  -1.439  1.00 4.42 ? 13 VAL A HG21 7  
ATOM   1436 H HG22 . VAL A 1 13 ? -0.682 4.443  -2.159  1.00 4.60 ? 13 VAL A HG22 7  
ATOM   1437 H HG23 . VAL A 1 13 ? -2.313 4.017  -2.679  1.00 4.77 ? 13 VAL A HG23 7  
ATOM   1438 N N    . GLY A 1 14 ? -2.767 5.271  2.330   1.00 2.56 ? 14 GLY A N    7  
ATOM   1439 C CA   . GLY A 1 14 ? -3.368 5.950  3.459   1.00 3.19 ? 14 GLY A CA   7  
ATOM   1440 C C    . GLY A 1 14 ? -3.202 5.157  4.738   1.00 2.98 ? 14 GLY A C    7  
ATOM   1441 O O    . GLY A 1 14 ? -3.907 5.383  5.724   1.00 3.82 ? 14 GLY A O    7  
ATOM   1442 H H    . GLY A 1 14 ? -3.020 4.346  2.132   1.00 2.45 ? 14 GLY A H    7  
ATOM   1443 H HA2  . GLY A 1 14 ? -2.902 6.916  3.578   1.00 3.79 ? 14 GLY A HA2  7  
ATOM   1444 H HA3  . GLY A 1 14 ? -4.421 6.088  3.268   1.00 3.61 ? 14 GLY A HA3  7  
ATOM   1445 N N    . HIS A 1 15 ? -2.257 4.230  4.724   1.00 2.16 ? 15 HIS A N    7  
ATOM   1446 C CA   . HIS A 1 15 ? -2.031 3.348  5.857   1.00 2.49 ? 15 HIS A CA   7  
ATOM   1447 C C    . HIS A 1 15 ? -0.539 3.238  6.138   1.00 2.62 ? 15 HIS A C    7  
ATOM   1448 O O    . HIS A 1 15 ? 0.135  2.442  5.460   1.00 2.89 ? 15 HIS A O    7  
ATOM   1449 C CB   . HIS A 1 15 ? -2.623 1.962  5.572   1.00 3.02 ? 15 HIS A CB   7  
ATOM   1450 C CG   . HIS A 1 15 ? -2.665 1.053  6.765   1.00 3.82 ? 15 HIS A CG   7  
ATOM   1451 N ND1  . HIS A 1 15 ? -3.836 0.705  7.399   1.00 4.57 ? 15 HIS A ND1  7  
ATOM   1452 C CD2  . HIS A 1 15 ? -1.677 0.410  7.432   1.00 4.40 ? 15 HIS A CD2  7  
ATOM   1453 C CE1  . HIS A 1 15 ? -3.569 -0.107 8.403   1.00 5.31 ? 15 HIS A CE1  7  
ATOM   1454 N NE2  . HIS A 1 15 ? -2.266 -0.302 8.443   1.00 5.25 ? 15 HIS A NE2  7  
ATOM   1455 O OXT  . HIS A 1 15 ? -0.046 3.943  7.037   1.00 3.16 ? 15 HIS A OXT  7  
ATOM   1456 H H    . HIS A 1 15 ? -1.682 4.148  3.937   1.00 1.62 ? 15 HIS A H    7  
ATOM   1457 H HA   . HIS A 1 15 ? -2.523 3.774  6.718   1.00 3.10 ? 15 HIS A HA   7  
ATOM   1458 H HB2  . HIS A 1 15 ? -3.634 2.079  5.215   1.00 3.53 ? 15 HIS A HB2  7  
ATOM   1459 H HB3  . HIS A 1 15 ? -2.032 1.479  4.807   1.00 2.94 ? 15 HIS A HB3  7  
ATOM   1460 H HD1  . HIS A 1 15 ? -4.739 1.005  7.146   1.00 4.78 ? 15 HIS A HD1  7  
ATOM   1461 H HD2  . HIS A 1 15 ? -0.621 0.454  7.211   1.00 4.49 ? 15 HIS A HD2  7  
ATOM   1462 H HE1  . HIS A 1 15 ? -4.293 -0.541 9.074   1.00 6.06 ? 15 HIS A HE1  7  
ATOM   1463 H HE2  . HIS A 1 15 ? -1.790 -0.794 9.146   1.00 5.92 ? 15 HIS A HE2  7  
ATOM   1464 N N    . ALA A 1 1  ? 7.526  -1.572 -5.330  1.00 4.02 ? 1  ALA A N    8  
ATOM   1465 C CA   . ALA A 1 1  ? 6.877  -0.803 -4.246  1.00 3.27 ? 1  ALA A CA   8  
ATOM   1466 C C    . ALA A 1 1  ? 5.402  -1.172 -4.124  1.00 2.38 ? 1  ALA A C    8  
ATOM   1467 O O    . ALA A 1 1  ? 5.010  -1.854 -3.179  1.00 2.67 ? 1  ALA A O    8  
ATOM   1468 C CB   . ALA A 1 1  ? 7.036  0.688  -4.495  1.00 3.84 ? 1  ALA A CB   8  
ATOM   1469 H H1   . ALA A 1 1  ? 8.528  -1.310 -5.406  1.00 4.36 ? 1  ALA A H1   8  
ATOM   1470 H H2   . ALA A 1 1  ? 7.060  -1.376 -6.237  1.00 4.56 ? 1  ALA A H2   8  
ATOM   1471 H H3   . ALA A 1 1  ? 7.460  -2.589 -5.134  1.00 4.11 ? 1  ALA A H3   8  
ATOM   1472 H HA   . ALA A 1 1  ? 7.374  -1.042 -3.317  1.00 3.54 ? 1  ALA A HA   8  
ATOM   1473 H HB1  . ALA A 1 1  ? 8.084  0.923  -4.615  1.00 3.89 ? 1  ALA A HB1  8  
ATOM   1474 H HB2  . ALA A 1 1  ? 6.637  1.238  -3.657  1.00 4.24 ? 1  ALA A HB2  8  
ATOM   1475 H HB3  . ALA A 1 1  ? 6.501  0.962  -5.392  1.00 4.31 ? 1  ALA A HB3  8  
ATOM   1476 N N    . PHE A 1 2  ? 4.595  -0.733 -5.092  1.00 1.89 ? 2  PHE A N    8  
ATOM   1477 C CA   . PHE A 1 2  ? 3.152  -0.981 -5.087  1.00 1.21 ? 2  PHE A CA   8  
ATOM   1478 C C    . PHE A 1 2  ? 2.507  -0.413 -3.824  1.00 1.11 ? 2  PHE A C    8  
ATOM   1479 O O    . PHE A 1 2  ? 1.731  -1.086 -3.147  1.00 1.07 ? 2  PHE A O    8  
ATOM   1480 C CB   . PHE A 1 2  ? 2.853  -2.482 -5.209  1.00 1.44 ? 2  PHE A CB   8  
ATOM   1481 C CG   . PHE A 1 2  ? 3.378  -3.105 -6.474  1.00 1.96 ? 2  PHE A CG   8  
ATOM   1482 C CD1  . PHE A 1 2  ? 2.753  -2.872 -7.686  1.00 2.45 ? 2  PHE A CD1  8  
ATOM   1483 C CD2  . PHE A 1 2  ? 4.498  -3.921 -6.447  1.00 2.37 ? 2  PHE A CD2  8  
ATOM   1484 C CE1  . PHE A 1 2  ? 3.233  -3.440 -8.850  1.00 3.14 ? 2  PHE A CE1  8  
ATOM   1485 C CE2  . PHE A 1 2  ? 4.983  -4.491 -7.607  1.00 2.92 ? 2  PHE A CE2  8  
ATOM   1486 C CZ   . PHE A 1 2  ? 4.348  -4.261 -8.807  1.00 3.26 ? 2  PHE A CZ   8  
ATOM   1487 H H    . PHE A 1 2  ? 4.981  -0.224 -5.838  1.00 2.46 ? 2  PHE A H    8  
ATOM   1488 H HA   . PHE A 1 2  ? 2.732  -0.474 -5.944  1.00 1.39 ? 2  PHE A HA   8  
ATOM   1489 H HB2  . PHE A 1 2  ? 3.303  -3.000 -4.377  1.00 1.76 ? 2  PHE A HB2  8  
ATOM   1490 H HB3  . PHE A 1 2  ? 1.784  -2.633 -5.184  1.00 1.70 ? 2  PHE A HB3  8  
ATOM   1491 H HD1  . PHE A 1 2  ? 1.880  -2.237 -7.718  1.00 2.50 ? 2  PHE A HD1  8  
ATOM   1492 H HD2  . PHE A 1 2  ? 4.995  -4.108 -5.506  1.00 2.50 ? 2  PHE A HD2  8  
ATOM   1493 H HE1  . PHE A 1 2  ? 2.735  -3.252 -9.790  1.00 3.72 ? 2  PHE A HE1  8  
ATOM   1494 H HE2  . PHE A 1 2  ? 5.858  -5.124 -7.574  1.00 3.27 ? 2  PHE A HE2  8  
ATOM   1495 H HZ   . PHE A 1 2  ? 4.726  -4.709 -9.713  1.00 3.81 ? 2  PHE A HZ   8  
ATOM   1496 N N    . ARG A 1 3  ? 2.825  0.840  -3.530  1.00 1.22 ? 3  ARG A N    8  
ATOM   1497 C CA   . ARG A 1 3  ? 2.343  1.499  -2.319  1.00 1.28 ? 3  ARG A CA   8  
ATOM   1498 C C    . ARG A 1 3  ? 0.867  1.920  -2.424  1.00 1.06 ? 3  ARG A C    8  
ATOM   1499 O O    . ARG A 1 3  ? 0.103  1.708  -1.486  1.00 1.01 ? 3  ARG A O    8  
ATOM   1500 C CB   . ARG A 1 3  ? 3.220  2.708  -1.989  1.00 1.68 ? 3  ARG A CB   8  
ATOM   1501 C CG   . ARG A 1 3  ? 4.671  2.342  -1.722  1.00 2.02 ? 3  ARG A CG   8  
ATOM   1502 C CD   . ARG A 1 3  ? 5.530  3.576  -1.515  1.00 2.47 ? 3  ARG A CD   8  
ATOM   1503 N NE   . ARG A 1 3  ? 6.934  3.238  -1.272  1.00 3.13 ? 3  ARG A NE   8  
ATOM   1504 C CZ   . ARG A 1 3  ? 7.899  4.144  -1.104  1.00 3.82 ? 3  ARG A CZ   8  
ATOM   1505 N NH1  . ARG A 1 3  ? 7.609  5.439  -1.128  1.00 3.89 ? 3  ARG A NH1  8  
ATOM   1506 N NH2  . ARG A 1 3  ? 9.151  3.754  -0.902  1.00 4.74 ? 3  ARG A NH2  8  
ATOM   1507 H H    . ARG A 1 3  ? 3.396  1.343  -4.151  1.00 1.34 ? 3  ARG A H    8  
ATOM   1508 H HA   . ARG A 1 3  ? 2.432  0.785  -1.514  1.00 1.33 ? 3  ARG A HA   8  
ATOM   1509 H HB2  . ARG A 1 3  ? 3.193  3.397  -2.820  1.00 1.75 ? 3  ARG A HB2  8  
ATOM   1510 H HB3  . ARG A 1 3  ? 2.827  3.198  -1.111  1.00 1.76 ? 3  ARG A HB3  8  
ATOM   1511 H HG2  . ARG A 1 3  ? 4.719  1.732  -0.832  1.00 2.05 ? 3  ARG A HG2  8  
ATOM   1512 H HG3  . ARG A 1 3  ? 5.051  1.785  -2.564  1.00 2.00 ? 3  ARG A HG3  8  
ATOM   1513 H HD2  . ARG A 1 3  ? 5.468  4.195  -2.398  1.00 2.56 ? 3  ARG A HD2  8  
ATOM   1514 H HD3  . ARG A 1 3  ? 5.150  4.125  -0.666  1.00 2.86 ? 3  ARG A HD3  8  
ATOM   1515 H HE   . ARG A 1 3  ? 7.169  2.282  -1.237  1.00 3.36 ? 3  ARG A HE   8  
ATOM   1516 H HH11 . ARG A 1 3  ? 6.662  5.744  -1.273  1.00 3.61 ? 3  ARG A HH11 8  
ATOM   1517 H HH12 . ARG A 1 3  ? 8.334  6.122  -1.009  1.00 4.47 ? 3  ARG A HH12 8  
ATOM   1518 H HH21 . ARG A 1 3  ? 9.380  2.777  -0.871  1.00 5.04 ? 3  ARG A HH21 8  
ATOM   1519 H HH22 . ARG A 1 3  ? 9.879  4.435  -0.780  1.00 5.29 ? 3  ARG A HH22 8  
HETATM 1520 N N    . HZP A 1 4  ? 0.423  2.536  -3.539  1.00 1.10 ? 4  HZP A N    8  
HETATM 1521 C CA   . HZP A 1 4  ? -0.984 2.926  -3.687  1.00 1.24 ? 4  HZP A CA   8  
HETATM 1522 C C    . HZP A 1 4  ? -1.874 1.788  -4.185  1.00 1.10 ? 4  HZP A C    8  
HETATM 1523 O O    . HZP A 1 4  ? -3.051 1.992  -4.476  1.00 1.54 ? 4  HZP A O    8  
HETATM 1524 C CB   . HZP A 1 4  ? -0.913 4.032  -4.733  1.00 1.56 ? 4  HZP A CB   8  
HETATM 1525 C CG   . HZP A 1 4  ? 0.239  3.640  -5.607  1.00 1.41 ? 4  HZP A CG   8  
HETATM 1526 C CD   . HZP A 1 4  ? 1.230  2.949  -4.711  1.00 1.23 ? 4  HZP A CD   8  
HETATM 1527 O OD1  . HZP A 1 4  ? -0.204 2.755  -6.641  1.00 1.27 ? 4  HZP A OD1  8  
HETATM 1528 H HA   . HZP A 1 4  ? -1.382 3.319  -2.766  1.00 1.38 ? 4  HZP A HA   8  
HETATM 1529 H HB   . HZP A 1 4  ? -1.840 4.068  -5.296  1.00 1.70 ? 4  HZP A HB   8  
HETATM 1530 H HBA  . HZP A 1 4  ? -0.715 4.980  -4.267  1.00 1.81 ? 4  HZP A HBA  8  
HETATM 1531 H HG   . HZP A 1 4  ? 0.689  4.512  -6.053  1.00 1.66 ? 4  HZP A HG   8  
HETATM 1532 H HD   . HZP A 1 4  ? 2.009  3.637  -4.420  1.00 1.48 ? 4  HZP A HD   8  
HETATM 1533 H HDA  . HZP A 1 4  ? 1.651  2.091  -5.214  1.00 1.08 ? 4  HZP A HDA  8  
HETATM 1534 H HOD1 . HZP A 1 4  ? 0.367  2.849  -7.413  1.00 1.29 ? 4  HZP A HOD1 8  
ATOM   1535 N N    . THR A 1 5  ? -1.322 0.586  -4.268  1.00 0.66 ? 5  THR A N    8  
ATOM   1536 C CA   . THR A 1 5  ? -2.052 -0.533 -4.840  1.00 0.83 ? 5  THR A CA   8  
ATOM   1537 C C    . THR A 1 5  ? -1.793 -1.832 -4.074  1.00 0.76 ? 5  THR A C    8  
ATOM   1538 O O    . THR A 1 5  ? -1.035 -2.699 -4.516  1.00 0.75 ? 5  THR A O    8  
ATOM   1539 C CB   . THR A 1 5  ? -1.727 -0.700 -6.346  1.00 1.01 ? 5  THR A CB   8  
ATOM   1540 O OG1  . THR A 1 5  ? -2.342 -1.889 -6.866  1.00 1.87 ? 5  THR A OG1  8  
ATOM   1541 C CG2  . THR A 1 5  ? -0.225 -0.741 -6.599  1.00 1.28 ? 5  THR A CG2  8  
ATOM   1542 H H    . THR A 1 5  ? -0.411 0.449  -3.933  1.00 0.45 ? 5  THR A H    8  
ATOM   1543 H HA   . THR A 1 5  ? -3.104 -0.299 -4.757  1.00 1.19 ? 5  THR A HA   8  
ATOM   1544 H HB   . THR A 1 5  ? -2.135 0.152  -6.872  1.00 1.57 ? 5  THR A HB   8  
ATOM   1545 H HG1  . THR A 1 5  ? -1.928 -2.664 -6.457  1.00 2.23 ? 5  THR A HG1  8  
ATOM   1546 H HG21 . THR A 1 5  ? -0.041 -0.850 -7.658  1.00 1.52 ? 5  THR A HG21 8  
ATOM   1547 H HG22 . THR A 1 5  ? 0.206  -1.578 -6.071  1.00 1.80 ? 5  THR A HG22 8  
ATOM   1548 H HG23 . THR A 1 5  ? 0.224  0.177  -6.247  1.00 1.80 ? 5  THR A HG23 8  
ATOM   1549 N N    . ALA A 1 6  ? -2.453 -1.950 -2.925  1.00 0.97 ? 6  ALA A N    8  
ATOM   1550 C CA   . ALA A 1 6  ? -2.371 -3.140 -2.076  1.00 1.16 ? 6  ALA A CA   8  
ATOM   1551 C C    . ALA A 1 6  ? -0.927 -3.535 -1.757  1.00 1.23 ? 6  ALA A C    8  
ATOM   1552 O O    . ALA A 1 6  ? -0.409 -4.522 -2.284  1.00 1.28 ? 6  ALA A O    8  
ATOM   1553 C CB   . ALA A 1 6  ? -3.116 -4.303 -2.723  1.00 1.15 ? 6  ALA A CB   8  
ATOM   1554 H H    . ALA A 1 6  ? -3.030 -1.212 -2.643  1.00 1.14 ? 6  ALA A H    8  
ATOM   1555 H HA   . ALA A 1 6  ? -2.870 -2.906 -1.147  1.00 1.41 ? 6  ALA A HA   8  
ATOM   1556 H HB1  . ALA A 1 6  ? -3.129 -5.143 -2.043  1.00 1.43 ? 6  ALA A HB1  8  
ATOM   1557 H HB2  . ALA A 1 6  ? -2.616 -4.588 -3.636  1.00 1.43 ? 6  ALA A HB2  8  
ATOM   1558 H HB3  . ALA A 1 6  ? -4.129 -4.003 -2.944  1.00 1.49 ? 6  ALA A HB3  8  
ATOM   1559 N N    . PRO A 1 7  ? -0.266 -2.770 -0.882  1.00 1.41 ? 7  PRO A N    8  
ATOM   1560 C CA   . PRO A 1 7  ? 1.093  -3.055 -0.440  1.00 1.60 ? 7  PRO A CA   8  
ATOM   1561 C C    . PRO A 1 7  ? 1.097  -4.051 0.714   1.00 1.74 ? 7  PRO A C    8  
ATOM   1562 O O    . PRO A 1 7  ? 1.767  -5.083 0.669   1.00 2.42 ? 7  PRO A O    8  
ATOM   1563 C CB   . PRO A 1 7  ? 1.618  -1.690 0.032   1.00 1.84 ? 7  PRO A CB   8  
ATOM   1564 C CG   . PRO A 1 7  ? 0.446  -0.754 0.020   1.00 1.77 ? 7  PRO A CG   8  
ATOM   1565 C CD   . PRO A 1 7  ? -0.788 -1.569 -0.246  1.00 1.54 ? 7  PRO A CD   8  
ATOM   1566 H HA   . PRO A 1 7  ? 1.706  -3.428 -1.246  1.00 1.56 ? 7  PRO A HA   8  
ATOM   1567 H HB2  . PRO A 1 7  ? 2.021  -1.789 1.029   1.00 2.13 ? 7  PRO A HB2  8  
ATOM   1568 H HB3  . PRO A 1 7  ? 2.395  -1.354 -0.637  1.00 1.93 ? 7  PRO A HB3  8  
ATOM   1569 H HG2  . PRO A 1 7  ? 0.365  -0.265 0.978   1.00 2.10 ? 7  PRO A HG2  8  
ATOM   1570 H HG3  . PRO A 1 7  ? 0.576  -0.018 -0.761  1.00 1.81 ? 7  PRO A HG3  8  
ATOM   1571 H HD2  . PRO A 1 7  ? -1.289 -1.809 0.681   1.00 1.84 ? 7  PRO A HD2  8  
ATOM   1572 H HD3  . PRO A 1 7  ? -1.455 -1.039 -0.910  1.00 1.40 ? 7  PRO A HD3  8  
ATOM   1573 N N    . GLY A 1 8  ? 0.337  -3.714 1.743   1.00 1.21 ? 8  GLY A N    8  
ATOM   1574 C CA   . GLY A 1 8  ? 0.140  -4.592 2.871   1.00 1.29 ? 8  GLY A CA   8  
ATOM   1575 C C    . GLY A 1 8  ? -1.271 -4.461 3.385   1.00 1.06 ? 8  GLY A C    8  
ATOM   1576 O O    . GLY A 1 8  ? -1.495 -3.919 4.468   1.00 1.73 ? 8  GLY A O    8  
ATOM   1577 H H    . GLY A 1 8  ? -0.105 -2.842 1.736   1.00 0.98 ? 8  GLY A H    8  
ATOM   1578 H HA2  . GLY A 1 8  ? 0.319  -5.612 2.565   1.00 1.77 ? 8  GLY A HA2  8  
ATOM   1579 H HA3  . GLY A 1 8  ? 0.831  -4.325 3.656   1.00 1.47 ? 8  GLY A HA3  8  
ATOM   1580 N N    . HIS A 1 9  ? -2.221 -4.932 2.575   1.00 1.09 ? 9  HIS A N    8  
ATOM   1581 C CA   . HIS A 1 9  ? -3.658 -4.782 2.836   1.00 1.69 ? 9  HIS A CA   8  
ATOM   1582 C C    . HIS A 1 9  ? -4.098 -3.332 2.634   1.00 1.81 ? 9  HIS A C    8  
ATOM   1583 O O    . HIS A 1 9  ? -4.920 -3.041 1.765   1.00 2.36 ? 9  HIS A O    8  
ATOM   1584 C CB   . HIS A 1 9  ? -4.045 -5.260 4.243   1.00 2.23 ? 9  HIS A CB   8  
ATOM   1585 C CG   . HIS A 1 9  ? -3.786 -6.715 4.490   1.00 2.86 ? 9  HIS A CG   8  
ATOM   1586 N ND1  . HIS A 1 9  ? -4.498 -7.723 3.882   1.00 3.59 ? 9  HIS A ND1  8  
ATOM   1587 C CD2  . HIS A 1 9  ? -2.887 -7.326 5.295   1.00 3.41 ? 9  HIS A CD2  8  
ATOM   1588 C CE1  . HIS A 1 9  ? -4.049 -8.891 4.304   1.00 4.30 ? 9  HIS A CE1  8  
ATOM   1589 N NE2  . HIS A 1 9  ? -3.071 -8.679 5.163   1.00 4.18 ? 9  HIS A NE2  8  
ATOM   1590 H H    . HIS A 1 9  ? -1.942 -5.403 1.759   1.00 1.37 ? 9  HIS A H    8  
ATOM   1591 H HA   . HIS A 1 9  ? -4.176 -5.393 2.111   1.00 2.18 ? 9  HIS A HA   8  
ATOM   1592 H HB2  . HIS A 1 9  ? -3.481 -4.698 4.973   1.00 2.30 ? 9  HIS A HB2  8  
ATOM   1593 H HB3  . HIS A 1 9  ? -5.098 -5.079 4.398   1.00 2.72 ? 9  HIS A HB3  8  
ATOM   1594 H HD1  . HIS A 1 9  ? -5.226 -7.603 3.231   1.00 3.85 ? 9  HIS A HD1  8  
ATOM   1595 H HD2  . HIS A 1 9  ? -2.157 -6.838 5.922   1.00 3.60 ? 9  HIS A HD2  8  
ATOM   1596 H HE1  . HIS A 1 9  ? -4.418 -9.858 3.994   1.00 5.09 ? 9  HIS A HE1  8  
ATOM   1597 H HE2  . HIS A 1 9  ? -2.723 -9.354 5.789   1.00 4.80 ? 9  HIS A HE2  8  
ATOM   1598 N N    . SER A 1 10 ? -3.540 -2.425 3.422   1.00 1.82 ? 10 SER A N    8  
ATOM   1599 C CA   . SER A 1 10 ? -3.872 -1.012 3.319   1.00 2.36 ? 10 SER A CA   8  
ATOM   1600 C C    . SER A 1 10 ? -2.858 -0.279 2.441   1.00 2.06 ? 10 SER A C    8  
ATOM   1601 O O    . SER A 1 10 ? -1.654 -0.322 2.703   1.00 2.00 ? 10 SER A O    8  
ATOM   1602 C CB   . SER A 1 10 ? -3.916 -0.384 4.713   1.00 3.00 ? 10 SER A CB   8  
ATOM   1603 O OG   . SER A 1 10 ? -4.820 -1.085 5.554   1.00 3.75 ? 10 SER A OG   8  
ATOM   1604 H H    . SER A 1 10 ? -2.880 -2.713 4.093   1.00 1.80 ? 10 SER A H    8  
ATOM   1605 H HA   . SER A 1 10 ? -4.848 -0.934 2.868   1.00 2.77 ? 10 SER A HA   8  
ATOM   1606 H HB2  . SER A 1 10 ? -2.930 -0.423 5.152   1.00 3.09 ? 10 SER A HB2  8  
ATOM   1607 H HB3  . SER A 1 10 ? -4.238 0.642  4.633   1.00 3.32 ? 10 SER A HB3  8  
ATOM   1608 H HG   . SER A 1 10 ? -5.469 -1.549 5.007   1.00 4.03 ? 10 SER A HG   8  
HETATM 1609 N N    . HZP A 1 11 ? -3.327 0.379  1.364   1.00 2.01 ? 11 HZP A N    8  
HETATM 1610 C CA   . HZP A 1 11 ? -2.470 1.189  0.495   1.00 1.78 ? 11 HZP A CA   8  
HETATM 1611 C C    . HZP A 1 11 ? -2.031 2.479  1.176   1.00 1.66 ? 11 HZP A C    8  
HETATM 1612 O O    . HZP A 1 11 ? -2.588 3.551  0.924   1.00 2.33 ? 11 HZP A O    8  
HETATM 1613 C CB   . HZP A 1 11 ? -3.341 1.503  -0.726  1.00 1.72 ? 11 HZP A CB   8  
HETATM 1614 C CG   . HZP A 1 11 ? -4.619 0.737  -0.543  1.00 2.09 ? 11 HZP A CG   8  
HETATM 1615 C CD   . HZP A 1 11 ? -4.722 0.376  0.909   1.00 2.34 ? 11 HZP A CD   8  
HETATM 1616 O OD1  . HZP A 1 11 ? -5.734 1.544  -0.929  1.00 2.23 ? 11 HZP A OD1  8  
HETATM 1617 H HA   . HZP A 1 11 ? -1.597 0.638  0.184   1.00 1.87 ? 11 HZP A HA   8  
HETATM 1618 H HB   . HZP A 1 11 ? -3.533 2.569  -0.773  1.00 1.63 ? 11 HZP A HB   8  
HETATM 1619 H HBA  . HZP A 1 11 ? -2.845 1.176  -1.627  1.00 1.65 ? 11 HZP A HBA  8  
HETATM 1620 H HG   . HZP A 1 11 ? -4.604 -0.156 -1.149  1.00 2.18 ? 11 HZP A HG   8  
HETATM 1621 H HD   . HZP A 1 11 ? -5.162 -0.605 1.016   1.00 2.79 ? 11 HZP A HD   8  
HETATM 1622 H HDA  . HZP A 1 11 ? -5.306 1.115  1.439   1.00 2.45 ? 11 HZP A HDA  8  
HETATM 1623 H HOD1 . HZP A 1 11 ? -6.422 0.974  -1.298  1.00 2.38 ? 11 HZP A HOD1 8  
ATOM   1624 N N    . GLY A 1 12 ? -1.043 2.366  2.046   1.00 1.10 ? 12 GLY A N    8  
ATOM   1625 C CA   . GLY A 1 12 ? -0.572 3.520  2.784   1.00 1.23 ? 12 GLY A CA   8  
ATOM   1626 C C    . GLY A 1 12 ? 0.671  3.216  3.579   1.00 1.34 ? 12 GLY A C    8  
ATOM   1627 O O    . GLY A 1 12 ? 1.390  4.129  3.981   1.00 2.06 ? 12 GLY A O    8  
ATOM   1628 H H    . GLY A 1 12 ? -0.628 1.487  2.189   1.00 1.05 ? 12 GLY A H    8  
ATOM   1629 H HA2  . GLY A 1 12 ? -0.349 4.315  2.087   1.00 1.86 ? 12 GLY A HA2  8  
ATOM   1630 H HA3  . GLY A 1 12 ? -1.349 3.848  3.459   1.00 1.56 ? 12 GLY A HA3  8  
ATOM   1631 N N    . VAL A 1 13 ? 0.924  1.937  3.824   1.00 1.72 ? 13 VAL A N    8  
ATOM   1632 C CA   . VAL A 1 13 ? 2.172  1.521  4.445   1.00 2.59 ? 13 VAL A CA   8  
ATOM   1633 C C    . VAL A 1 13 ? 3.342  1.765  3.488   1.00 2.74 ? 13 VAL A C    8  
ATOM   1634 O O    . VAL A 1 13 ? 3.784  0.871  2.765   1.00 3.50 ? 13 VAL A O    8  
ATOM   1635 C CB   . VAL A 1 13 ? 2.133  0.037  4.890   1.00 3.44 ? 13 VAL A CB   8  
ATOM   1636 C CG1  . VAL A 1 13 ? 1.272  -0.119 6.134   1.00 4.05 ? 13 VAL A CG1  8  
ATOM   1637 C CG2  . VAL A 1 13 ? 1.608  -0.861 3.776   1.00 4.25 ? 13 VAL A CG2  8  
ATOM   1638 H H    . VAL A 1 13 ? 0.252  1.263  3.602   1.00 1.92 ? 13 VAL A H    8  
ATOM   1639 H HA   . VAL A 1 13 ? 2.317  2.133  5.325   1.00 3.05 ? 13 VAL A HA   8  
ATOM   1640 H HB   . VAL A 1 13 ? 3.140  -0.275 5.133   1.00 3.50 ? 13 VAL A HB   8  
ATOM   1641 H HG11 . VAL A 1 13 ? 1.256  -1.155 6.435   1.00 4.45 ? 13 VAL A HG11 8  
ATOM   1642 H HG12 . VAL A 1 13 ? 0.265  0.208  5.916   1.00 4.09 ? 13 VAL A HG12 8  
ATOM   1643 H HG13 . VAL A 1 13 ? 1.680  0.483  6.933   1.00 4.44 ? 13 VAL A HG13 8  
ATOM   1644 H HG21 . VAL A 1 13 ? 2.236  -0.758 2.904   1.00 4.42 ? 13 VAL A HG21 8  
ATOM   1645 H HG22 . VAL A 1 13 ? 0.596  -0.575 3.529   1.00 4.60 ? 13 VAL A HG22 8  
ATOM   1646 H HG23 . VAL A 1 13 ? 1.620  -1.888 4.109   1.00 4.77 ? 13 VAL A HG23 8  
ATOM   1647 N N    . GLY A 1 14 ? 3.824  2.997  3.484   1.00 2.56 ? 14 GLY A N    8  
ATOM   1648 C CA   . GLY A 1 14 ? 4.840  3.407  2.543   1.00 3.19 ? 14 GLY A CA   8  
ATOM   1649 C C    . GLY A 1 14 ? 4.469  4.706  1.861   1.00 2.98 ? 14 GLY A C    8  
ATOM   1650 O O    . GLY A 1 14 ? 5.312  5.363  1.255   1.00 3.82 ? 14 GLY A O    8  
ATOM   1651 H H    . GLY A 1 14 ? 3.481  3.645  4.141   1.00 2.45 ? 14 GLY A H    8  
ATOM   1652 H HA2  . GLY A 1 14 ? 5.776  3.535  3.066   1.00 3.79 ? 14 GLY A HA2  8  
ATOM   1653 H HA3  . GLY A 1 14 ? 4.956  2.637  1.793   1.00 3.61 ? 14 GLY A HA3  8  
ATOM   1654 N N    . HIS A 1 15 ? 3.197  5.079  1.961   1.00 2.16 ? 15 HIS A N    8  
ATOM   1655 C CA   . HIS A 1 15 ? 2.715  6.324  1.390   1.00 2.49 ? 15 HIS A CA   8  
ATOM   1656 C C    . HIS A 1 15 ? 1.687  6.950  2.324   1.00 2.62 ? 15 HIS A C    8  
ATOM   1657 O O    . HIS A 1 15 ? 0.493  6.618  2.209   1.00 2.89 ? 15 HIS A O    8  
ATOM   1658 C CB   . HIS A 1 15 ? 2.107  6.079  0.002   1.00 3.02 ? 15 HIS A CB   8  
ATOM   1659 C CG   . HIS A 1 15 ? 1.660  7.332  -0.698  1.00 3.82 ? 15 HIS A CG   8  
ATOM   1660 N ND1  . HIS A 1 15 ? 2.519  8.150  -1.398  1.00 4.57 ? 15 HIS A ND1  8  
ATOM   1661 C CD2  . HIS A 1 15 ? 0.436  7.900  -0.808  1.00 4.40 ? 15 HIS A CD2  8  
ATOM   1662 C CE1  . HIS A 1 15 ? 1.844  9.164  -1.908  1.00 5.31 ? 15 HIS A CE1  8  
ATOM   1663 N NE2  . HIS A 1 15 ? 0.577  9.035  -1.565  1.00 5.25 ? 15 HIS A NE2  8  
ATOM   1664 O OXT  . HIS A 1 15 ? 2.086  7.754  3.189   1.00 3.16 ? 15 HIS A OXT  8  
ATOM   1665 H H    . HIS A 1 15 ? 2.563  4.502  2.445   1.00 1.62 ? 15 HIS A H    8  
ATOM   1666 H HA   . HIS A 1 15 ? 3.555  6.994  1.295   1.00 3.10 ? 15 HIS A HA   8  
ATOM   1667 H HB2  . HIS A 1 15 ? 2.843  5.597  -0.623  1.00 3.53 ? 15 HIS A HB2  8  
ATOM   1668 H HB3  . HIS A 1 15 ? 1.248  5.432  0.103   1.00 2.94 ? 15 HIS A HB3  8  
ATOM   1669 H HD1  . HIS A 1 15 ? 3.485  8.005  -1.512  1.00 4.78 ? 15 HIS A HD1  8  
ATOM   1670 H HD2  . HIS A 1 15 ? -0.484 7.525  -0.379  1.00 4.49 ? 15 HIS A HD2  8  
ATOM   1671 H HE1  . HIS A 1 15 ? 2.257  9.962  -2.505  1.00 6.06 ? 15 HIS A HE1  8  
ATOM   1672 H HE2  . HIS A 1 15 ? -0.166 9.555  -1.950  1.00 5.92 ? 15 HIS A HE2  8  
ATOM   1673 N N    . ALA A 1 1  ? 6.908  -5.968 -7.165  1.00 4.02 ? 1  ALA A N    9  
ATOM   1674 C CA   . ALA A 1 1  ? 6.754  -5.260 -5.876  1.00 3.27 ? 1  ALA A CA   9  
ATOM   1675 C C    . ALA A 1 1  ? 6.132  -3.886 -6.094  1.00 2.38 ? 1  ALA A C    9  
ATOM   1676 O O    . ALA A 1 1  ? 6.838  -2.890 -6.262  1.00 2.67 ? 1  ALA A O    9  
ATOM   1677 C CB   . ALA A 1 1  ? 8.094  -5.132 -5.171  1.00 3.84 ? 1  ALA A CB   9  
ATOM   1678 H H1   . ALA A 1 1  ? 7.379  -6.883 -7.017  1.00 4.36 ? 1  ALA A H1   9  
ATOM   1679 H H2   . ALA A 1 1  ? 7.477  -5.401 -7.821  1.00 4.56 ? 1  ALA A H2   9  
ATOM   1680 H H3   . ALA A 1 1  ? 5.974  -6.139 -7.593  1.00 4.11 ? 1  ALA A H3   9  
ATOM   1681 H HA   . ALA A 1 1  ? 6.100  -5.841 -5.246  1.00 3.54 ? 1  ALA A HA   9  
ATOM   1682 H HB1  . ALA A 1 1  ? 8.529  -6.111 -5.043  1.00 3.89 ? 1  ALA A HB1  9  
ATOM   1683 H HB2  . ALA A 1 1  ? 7.950  -4.673 -4.204  1.00 4.24 ? 1  ALA A HB2  9  
ATOM   1684 H HB3  . ALA A 1 1  ? 8.756  -4.520 -5.764  1.00 4.31 ? 1  ALA A HB3  9  
ATOM   1685 N N    . PHE A 1 2  ? 4.810  -3.840 -6.107  1.00 1.89 ? 2  PHE A N    9  
ATOM   1686 C CA   . PHE A 1 2  ? 4.092  -2.590 -6.291  1.00 1.21 ? 2  PHE A CA   9  
ATOM   1687 C C    . PHE A 1 2  ? 3.345  -2.214 -5.023  1.00 1.11 ? 2  PHE A C    9  
ATOM   1688 O O    . PHE A 1 2  ? 2.401  -2.892 -4.620  1.00 1.07 ? 2  PHE A O    9  
ATOM   1689 C CB   . PHE A 1 2  ? 3.112  -2.698 -7.461  1.00 1.44 ? 2  PHE A CB   9  
ATOM   1690 C CG   . PHE A 1 2  ? 3.774  -2.705 -8.808  1.00 1.96 ? 2  PHE A CG   9  
ATOM   1691 C CD1  . PHE A 1 2  ? 4.175  -3.899 -9.386  1.00 2.37 ? 2  PHE A CD1  9  
ATOM   1692 C CD2  . PHE A 1 2  ? 3.994  -1.524 -9.498  1.00 2.45 ? 2  PHE A CD2  9  
ATOM   1693 C CE1  . PHE A 1 2  ? 4.784  -3.915 -10.626 1.00 2.92 ? 2  PHE A CE1  9  
ATOM   1694 C CE2  . PHE A 1 2  ? 4.604  -1.533 -10.738 1.00 3.14 ? 2  PHE A CE2  9  
ATOM   1695 C CZ   . PHE A 1 2  ? 4.997  -2.706 -11.303 1.00 3.26 ? 2  PHE A CZ   9  
ATOM   1696 H H    . PHE A 1 2  ? 4.299  -4.670 -5.981  1.00 2.46 ? 2  PHE A H    9  
ATOM   1697 H HA   . PHE A 1 2  ? 4.817  -1.822 -6.508  1.00 1.39 ? 2  PHE A HA   9  
ATOM   1698 H HB2  . PHE A 1 2  ? 2.549  -3.615 -7.365  1.00 1.76 ? 2  PHE A HB2  9  
ATOM   1699 H HB3  . PHE A 1 2  ? 2.432  -1.859 -7.427  1.00 1.70 ? 2  PHE A HB3  9  
ATOM   1700 H HD1  . PHE A 1 2  ? 4.006  -4.826 -8.858  1.00 2.50 ? 2  PHE A HD1  9  
ATOM   1701 H HD2  . PHE A 1 2  ? 3.687  -0.586 -9.057  1.00 2.50 ? 2  PHE A HD2  9  
ATOM   1702 H HE1  . PHE A 1 2  ? 5.092  -4.852 -11.066 1.00 3.27 ? 2  PHE A HE1  9  
ATOM   1703 H HE2  . PHE A 1 2  ? 4.770  -0.606 -11.266 1.00 3.72 ? 2  PHE A HE2  9  
ATOM   1704 H HZ   . PHE A 1 2  ? 5.471  -2.706 -12.272 1.00 3.81 ? 2  PHE A HZ   9  
ATOM   1705 N N    . ARG A 1 3  ? 3.777  -1.140 -4.386  1.00 1.22 ? 3  ARG A N    9  
ATOM   1706 C CA   . ARG A 1 3  ? 3.097  -0.641 -3.203  1.00 1.28 ? 3  ARG A CA   9  
ATOM   1707 C C    . ARG A 1 3  ? 1.890  0.232  -3.569  1.00 1.06 ? 3  ARG A C    9  
ATOM   1708 O O    . ARG A 1 3  ? 0.799  -0.012 -3.058  1.00 1.01 ? 3  ARG A O    9  
ATOM   1709 C CB   . ARG A 1 3  ? 4.059  0.115  -2.283  1.00 1.68 ? 3  ARG A CB   9  
ATOM   1710 C CG   . ARG A 1 3  ? 5.051  -0.788 -1.573  1.00 2.02 ? 3  ARG A CG   9  
ATOM   1711 C CD   . ARG A 1 3  ? 5.831  -0.035 -0.509  1.00 2.47 ? 3  ARG A CD   9  
ATOM   1712 N NE   . ARG A 1 3  ? 6.704  -0.921 0.257   1.00 3.13 ? 3  ARG A NE   9  
ATOM   1713 C CZ   . ARG A 1 3  ? 7.173  -0.644 1.471   1.00 3.82 ? 3  ARG A CZ   9  
ATOM   1714 N NH1  . ARG A 1 3  ? 6.855  0.498  2.064   1.00 3.89 ? 3  ARG A NH1  9  
ATOM   1715 N NH2  . ARG A 1 3  ? 7.959  -1.514 2.094   1.00 4.74 ? 3  ARG A NH2  9  
ATOM   1716 H H    . ARG A 1 3  ? 4.571  -0.671 -4.718  1.00 1.34 ? 3  ARG A H    9  
ATOM   1717 H HA   . ARG A 1 3  ? 2.727  -1.505 -2.668  1.00 1.33 ? 3  ARG A HA   9  
ATOM   1718 H HB2  . ARG A 1 3  ? 4.612  0.832  -2.870  1.00 1.75 ? 3  ARG A HB2  9  
ATOM   1719 H HB3  . ARG A 1 3  ? 3.485  0.641  -1.536  1.00 1.76 ? 3  ARG A HB3  9  
ATOM   1720 H HG2  . ARG A 1 3  ? 4.514  -1.597 -1.104  1.00 2.05 ? 3  ARG A HG2  9  
ATOM   1721 H HG3  . ARG A 1 3  ? 5.742  -1.187 -2.299  1.00 2.00 ? 3  ARG A HG3  9  
ATOM   1722 H HD2  . ARG A 1 3  ? 6.432  0.723  -0.988  1.00 2.56 ? 3  ARG A HD2  9  
ATOM   1723 H HD3  . ARG A 1 3  ? 5.130  0.435  0.165   1.00 2.86 ? 3  ARG A HD3  9  
ATOM   1724 H HE   . ARG A 1 3  ? 6.953  -1.778 -0.161  1.00 3.36 ? 3  ARG A HE   9  
ATOM   1725 H HH11 . ARG A 1 3  ? 6.258  1.160  1.602   1.00 3.61 ? 3  ARG A HH11 9  
ATOM   1726 H HH12 . ARG A 1 3  ? 7.208  0.706  2.980   1.00 4.47 ? 3  ARG A HH12 9  
ATOM   1727 H HH21 . ARG A 1 3  ? 8.196  -2.385 1.651   1.00 5.04 ? 3  ARG A HH21 9  
ATOM   1728 H HH22 . ARG A 1 3  ? 8.321  -1.307 3.006   1.00 5.29 ? 3  ARG A HH22 9  
HETATM 1729 N N    . HZP A 1 4  ? 2.037  1.250  -4.455  1.00 1.10 ? 4  HZP A N    9  
HETATM 1730 C CA   . HZP A 1 4  ? 0.908  2.115  -4.855  1.00 1.24 ? 4  HZP A CA   9  
HETATM 1731 C C    . HZP A 1 4  ? -0.149 1.381  -5.692  1.00 1.10 ? 4  HZP A C    9  
HETATM 1732 O O    . HZP A 1 4  ? -0.549 1.849  -6.763  1.00 1.54 ? 4  HZP A O    9  
HETATM 1733 C CB   . HZP A 1 4  ? 1.572  3.216  -5.688  1.00 1.56 ? 4  HZP A CB   9  
HETATM 1734 C CG   . HZP A 1 4  ? 2.854  2.620  -6.173  1.00 1.41 ? 4  HZP A CG   9  
HETATM 1735 C CD   . HZP A 1 4  ? 3.300  1.667  -5.105  1.00 1.23 ? 4  HZP A CD   9  
HETATM 1736 O OD1  . HZP A 1 4  ? 2.651  1.929  -7.409  1.00 1.27 ? 4  HZP A OD1  9  
HETATM 1737 H HA   . HZP A 1 4  ? 0.429  2.555  -3.992  1.00 1.38 ? 4  HZP A HA   9  
HETATM 1738 H HB   . HZP A 1 4  ? 0.929  3.487  -6.518  1.00 1.70 ? 4  HZP A HB   9  
HETATM 1739 H HBA  . HZP A 1 4  ? 1.776  4.076  -5.075  1.00 1.81 ? 4  HZP A HBA  9  
HETATM 1740 H HG   . HZP A 1 4  ? 3.596  3.394  -6.319  1.00 1.66 ? 4  HZP A HG   9  
HETATM 1741 H HD   . HZP A 1 4  ? 3.948  2.169  -4.404  1.00 1.48 ? 4  HZP A HD   9  
HETATM 1742 H HDA  . HZP A 1 4  ? 3.803  0.823  -5.551  1.00 1.08 ? 4  HZP A HDA  9  
HETATM 1743 H HOD1 . HZP A 1 4  ? 3.442  2.014  -7.952  1.00 1.29 ? 4  HZP A HOD1 9  
ATOM   1744 N N    . THR A 1 5  ? -0.599 0.242  -5.193  1.00 0.66 ? 5  THR A N    9  
ATOM   1745 C CA   . THR A 1 5  ? -1.641 -0.542 -5.840  1.00 0.83 ? 5  THR A CA   9  
ATOM   1746 C C    . THR A 1 5  ? -2.536 -1.181 -4.784  1.00 0.76 ? 5  THR A C    9  
ATOM   1747 O O    . THR A 1 5  ? -2.312 -2.323 -4.372  1.00 0.75 ? 5  THR A O    9  
ATOM   1748 C CB   . THR A 1 5  ? -1.058 -1.642 -6.761  1.00 1.01 ? 5  THR A CB   9  
ATOM   1749 O OG1  . THR A 1 5  ? 0.022  -2.322 -6.107  1.00 1.87 ? 5  THR A OG1  9  
ATOM   1750 C CG2  . THR A 1 5  ? -0.569 -1.061 -8.081  1.00 1.28 ? 5  THR A CG2  9  
ATOM   1751 H H    . THR A 1 5  ? -0.230 -0.073 -4.330  1.00 0.45 ? 5  THR A H    9  
ATOM   1752 H HA   . THR A 1 5  ? -2.234 0.129  -6.442  1.00 1.19 ? 5  THR A HA   9  
ATOM   1753 H HB   . THR A 1 5  ? -1.841 -2.357 -6.972  1.00 1.57 ? 5  THR A HB   9  
ATOM   1754 H HG1  . THR A 1 5  ? 0.371  -1.764 -5.405  1.00 2.23 ? 5  THR A HG1  9  
ATOM   1755 H HG21 . THR A 1 5  ? -1.389 -0.566 -8.580  1.00 1.52 ? 5  THR A HG21 9  
ATOM   1756 H HG22 . THR A 1 5  ? -0.193 -1.858 -8.706  1.00 1.80 ? 5  THR A HG22 9  
ATOM   1757 H HG23 . THR A 1 5  ? 0.220  -0.349 -7.890  1.00 1.80 ? 5  THR A HG23 9  
ATOM   1758 N N    . ALA A 1 6  ? -3.526 -0.412 -4.330  1.00 0.97 ? 6  ALA A N    9  
ATOM   1759 C CA   . ALA A 1 6  ? -4.450 -0.843 -3.284  1.00 1.16 ? 6  ALA A CA   9  
ATOM   1760 C C    . ALA A 1 6  ? -3.719 -1.014 -1.954  1.00 1.23 ? 6  ALA A C    9  
ATOM   1761 O O    . ALA A 1 6  ? -3.124 -2.058 -1.687  1.00 1.28 ? 6  ALA A O    9  
ATOM   1762 C CB   . ALA A 1 6  ? -5.165 -2.130 -3.677  1.00 1.15 ? 6  ALA A CB   9  
ATOM   1763 H H    . ALA A 1 6  ? -3.629 0.489  -4.707  1.00 1.14 ? 6  ALA A H    9  
ATOM   1764 H HA   . ALA A 1 6  ? -5.196 -0.067 -3.168  1.00 1.41 ? 6  ALA A HA   9  
ATOM   1765 H HB1  . ALA A 1 6  ? -4.441 -2.922 -3.794  1.00 1.43 ? 6  ALA A HB1  9  
ATOM   1766 H HB2  . ALA A 1 6  ? -5.688 -1.981 -4.609  1.00 1.43 ? 6  ALA A HB2  9  
ATOM   1767 H HB3  . ALA A 1 6  ? -5.872 -2.400 -2.906  1.00 1.49 ? 6  ALA A HB3  9  
ATOM   1768 N N    . PRO A 1 7  ? -3.736 0.023  -1.106  1.00 1.41 ? 7  PRO A N    9  
ATOM   1769 C CA   . PRO A 1 7  ? -3.065 -0.007 0.195   1.00 1.60 ? 7  PRO A CA   9  
ATOM   1770 C C    . PRO A 1 7  ? -3.676 -1.035 1.138   1.00 1.74 ? 7  PRO A C    9  
ATOM   1771 O O    . PRO A 1 7  ? -4.746 -0.815 1.709   1.00 2.42 ? 7  PRO A O    9  
ATOM   1772 C CB   . PRO A 1 7  ? -3.267 1.411  0.742   1.00 1.84 ? 7  PRO A CB   9  
ATOM   1773 C CG   . PRO A 1 7  ? -3.643 2.234  -0.437  1.00 1.77 ? 7  PRO A CG   9  
ATOM   1774 C CD   . PRO A 1 7  ? -4.402 1.313  -1.343  1.00 1.54 ? 7  PRO A CD   9  
ATOM   1775 H HA   . PRO A 1 7  ? -2.009 -0.205 0.087   1.00 1.56 ? 7  PRO A HA   9  
ATOM   1776 H HB2  . PRO A 1 7  ? -4.053 1.403  1.482   1.00 2.13 ? 7  PRO A HB2  9  
ATOM   1777 H HB3  . PRO A 1 7  ? -2.349 1.760  1.189   1.00 1.93 ? 7  PRO A HB3  9  
ATOM   1778 H HG2  . PRO A 1 7  ? -4.267 3.057  -0.124  1.00 2.10 ? 7  PRO A HG2  9  
ATOM   1779 H HG3  . PRO A 1 7  ? -2.755 2.599  -0.933  1.00 1.81 ? 7  PRO A HG3  9  
ATOM   1780 H HD2  . PRO A 1 7  ? -5.442 1.271  -1.060  1.00 1.84 ? 7  PRO A HD2  9  
ATOM   1781 H HD3  . PRO A 1 7  ? -4.296 1.619  -2.373  1.00 1.40 ? 7  PRO A HD3  9  
ATOM   1782 N N    . GLY A 1 8  ? -2.995 -2.161 1.285   1.00 1.21 ? 8  GLY A N    9  
ATOM   1783 C CA   . GLY A 1 8  ? -3.476 -3.215 2.156   1.00 1.29 ? 8  GLY A CA   9  
ATOM   1784 C C    . GLY A 1 8  ? -2.379 -4.183 2.544   1.00 1.06 ? 8  GLY A C    9  
ATOM   1785 O O    . GLY A 1 8  ? -2.532 -5.393 2.396   1.00 1.73 ? 8  GLY A O    9  
ATOM   1786 H H    . GLY A 1 8  ? -2.160 -2.286 0.782   1.00 0.98 ? 8  GLY A H    9  
ATOM   1787 H HA2  . GLY A 1 8  ? -3.883 -2.767 3.052   1.00 1.77 ? 8  GLY A HA2  9  
ATOM   1788 H HA3  . GLY A 1 8  ? -4.259 -3.756 1.649   1.00 1.47 ? 8  GLY A HA3  9  
ATOM   1789 N N    . HIS A 1 9  ? -1.270 -3.645 3.034   1.00 1.09 ? 9  HIS A N    9  
ATOM   1790 C CA   . HIS A 1 9  ? -0.125 -4.458 3.438   1.00 1.69 ? 9  HIS A CA   9  
ATOM   1791 C C    . HIS A 1 9  ? 0.929  -3.575 4.087   1.00 1.81 ? 9  HIS A C    9  
ATOM   1792 O O    . HIS A 1 9  ? 1.448  -3.883 5.157   1.00 2.36 ? 9  HIS A O    9  
ATOM   1793 C CB   . HIS A 1 9  ? 0.481  -5.182 2.227   1.00 2.23 ? 9  HIS A CB   9  
ATOM   1794 C CG   . HIS A 1 9  ? 1.587  -6.134 2.578   1.00 2.86 ? 9  HIS A CG   9  
ATOM   1795 N ND1  . HIS A 1 9  ? 2.903  -5.931 2.226   1.00 3.59 ? 9  HIS A ND1  9  
ATOM   1796 C CD2  . HIS A 1 9  ? 1.558  -7.309 3.246   1.00 3.41 ? 9  HIS A CD2  9  
ATOM   1797 C CE1  . HIS A 1 9  ? 3.633  -6.938 2.659   1.00 4.30 ? 9  HIS A CE1  9  
ATOM   1798 N NE2  . HIS A 1 9  ? 2.842  -7.787 3.283   1.00 4.18 ? 9  HIS A NE2  9  
ATOM   1799 H H    . HIS A 1 9  ? -1.224 -2.675 3.146   1.00 1.37 ? 9  HIS A H    9  
ATOM   1800 H HA   . HIS A 1 9  ? -0.467 -5.188 4.156   1.00 2.18 ? 9  HIS A HA   9  
ATOM   1801 H HB2  . HIS A 1 9  ? -0.294 -5.746 1.729   1.00 2.30 ? 9  HIS A HB2  9  
ATOM   1802 H HB3  . HIS A 1 9  ? 0.879  -4.448 1.542   1.00 2.72 ? 9  HIS A HB3  9  
ATOM   1803 H HD1  . HIS A 1 9  ? 3.252  -5.166 1.715   1.00 3.85 ? 9  HIS A HD1  9  
ATOM   1804 H HD2  . HIS A 1 9  ? 0.685  -7.782 3.670   1.00 3.60 ? 9  HIS A HD2  9  
ATOM   1805 H HE1  . HIS A 1 9  ? 4.700  -7.049 2.530   1.00 5.09 ? 9  HIS A HE1  9  
ATOM   1806 H HE2  . HIS A 1 9  ? 3.103  -8.687 3.577   1.00 4.80 ? 9  HIS A HE2  9  
ATOM   1807 N N    . SER A 1 10 ? 1.220  -2.464 3.430   1.00 1.82 ? 10 SER A N    9  
ATOM   1808 C CA   . SER A 1 10 ? 2.248  -1.535 3.876   1.00 2.36 ? 10 SER A CA   9  
ATOM   1809 C C    . SER A 1 10 ? 2.136  -0.209 3.107   1.00 2.06 ? 10 SER A C    9  
ATOM   1810 O O    . SER A 1 10 ? 2.154  0.850  3.729   1.00 2.00 ? 10 SER A O    9  
ATOM   1811 C CB   . SER A 1 10 ? 3.645  -2.148 3.698   1.00 3.00 ? 10 SER A CB   9  
ATOM   1812 O OG   . SER A 1 10 ? 4.651  -1.334 4.280   1.00 3.75 ? 10 SER A OG   9  
ATOM   1813 H H    . SER A 1 10 ? 0.725  -2.258 2.611   1.00 1.80 ? 10 SER A H    9  
ATOM   1814 H HA   . SER A 1 10 ? 2.081  -1.340 4.924   1.00 2.77 ? 10 SER A HA   9  
ATOM   1815 H HB2  . SER A 1 10 ? 3.672  -3.119 4.171   1.00 3.09 ? 10 SER A HB2  9  
ATOM   1816 H HB3  . SER A 1 10 ? 3.855  -2.258 2.644   1.00 3.32 ? 10 SER A HB3  9  
ATOM   1817 H HG   . SER A 1 10 ? 4.238  -0.643 4.815   1.00 4.03 ? 10 SER A HG   9  
HETATM 1818 N N    . HZP A 1 11 ? 2.013  -0.260 1.745   1.00 2.01 ? 11 HZP A N    9  
HETATM 1819 C CA   . HZP A 1 11 ? 1.819  0.899  0.865   1.00 1.78 ? 11 HZP A CA   9  
HETATM 1820 C C    . HZP A 1 11 ? 1.222  2.135  1.537   1.00 1.66 ? 11 HZP A C    9  
HETATM 1821 O O    . HZP A 1 11 ? 1.903  3.144  1.722   1.00 2.33 ? 11 HZP A O    9  
HETATM 1822 C CB   . HZP A 1 11 ? 0.835  0.329  -0.167  1.00 1.72 ? 11 HZP A CB   9  
HETATM 1823 C CG   . HZP A 1 11 ? 1.024  -1.172 -0.136  1.00 2.09 ? 11 HZP A CG   9  
HETATM 1824 C CD   . HZP A 1 11 ? 2.080  -1.456 0.900   1.00 2.34 ? 11 HZP A CD   9  
HETATM 1825 O OD1  . HZP A 1 11 ? -0.196 -1.831 0.223   1.00 2.23 ? 11 HZP A OD1  9  
HETATM 1826 H HA   . HZP A 1 11 ? 2.734  1.170  0.366   1.00 1.87 ? 11 HZP A HA   9  
HETATM 1827 H HB   . HZP A 1 11 ? -0.176 0.597  0.111   1.00 1.63 ? 11 HZP A HB   9  
HETATM 1828 H HBA  . HZP A 1 11 ? 1.063  0.704  -1.155  1.00 1.65 ? 11 HZP A HBA  9  
HETATM 1829 H HG   . HZP A 1 11 ? 1.339  -1.522 -1.110  1.00 2.18 ? 11 HZP A HG   9  
HETATM 1830 H HD   . HZP A 1 11 ? 3.048  -1.549 0.434   1.00 2.79 ? 11 HZP A HD   9  
HETATM 1831 H HDA  . HZP A 1 11 ? 1.831  -2.347 1.455   1.00 2.45 ? 11 HZP A HDA  9  
HETATM 1832 H HOD1 . HZP A 1 11 ? -0.289 -2.625 -0.324  1.00 2.38 ? 11 HZP A HOD1 9  
ATOM   1833 N N    . GLY A 1 12 ? -0.046 2.047  1.910   1.00 1.10 ? 12 GLY A N    9  
ATOM   1834 C CA   . GLY A 1 12 ? -0.715 3.179  2.506   1.00 1.23 ? 12 GLY A CA   9  
ATOM   1835 C C    . GLY A 1 12 ? -1.741 2.762  3.533   1.00 1.34 ? 12 GLY A C    9  
ATOM   1836 O O    . GLY A 1 12 ? -2.863 3.264  3.533   1.00 2.06 ? 12 GLY A O    9  
ATOM   1837 H H    . GLY A 1 12 ? -0.528 1.210  1.782   1.00 1.05 ? 12 GLY A H    9  
ATOM   1838 H HA2  . GLY A 1 12 ? 0.021  3.807  2.983   1.00 1.86 ? 12 GLY A HA2  9  
ATOM   1839 H HA3  . GLY A 1 12 ? -1.209 3.744  1.729   1.00 1.56 ? 12 GLY A HA3  9  
ATOM   1840 N N    . VAL A 1 13 ? -1.356 1.838  4.407   1.00 1.72 ? 13 VAL A N    9  
ATOM   1841 C CA   . VAL A 1 13 ? -2.243 1.375  5.468   1.00 2.59 ? 13 VAL A CA   9  
ATOM   1842 C C    . VAL A 1 13 ? -2.587 2.540  6.386   1.00 2.74 ? 13 VAL A C    9  
ATOM   1843 O O    . VAL A 1 13 ? -3.756 2.842  6.624   1.00 3.50 ? 13 VAL A O    9  
ATOM   1844 C CB   . VAL A 1 13 ? -1.602 0.234  6.287   1.00 3.44 ? 13 VAL A CB   9  
ATOM   1845 C CG1  . VAL A 1 13 ? -2.532 -0.228 7.400   1.00 4.05 ? 13 VAL A CG1  9  
ATOM   1846 C CG2  . VAL A 1 13 ? -1.235 -0.930 5.381   1.00 4.25 ? 13 VAL A CG2  9  
ATOM   1847 H H    . VAL A 1 13 ? -0.446 1.477  4.351   1.00 1.92 ? 13 VAL A H    9  
ATOM   1848 H HA   . VAL A 1 13 ? -3.151 1.006  5.011   1.00 3.05 ? 13 VAL A HA   9  
ATOM   1849 H HB   . VAL A 1 13 ? -0.695 0.608  6.740   1.00 3.50 ? 13 VAL A HB   9  
ATOM   1850 H HG11 . VAL A 1 13 ? -2.056 -1.016 7.962   1.00 4.45 ? 13 VAL A HG11 9  
ATOM   1851 H HG12 . VAL A 1 13 ? -3.451 -0.597 6.969   1.00 4.09 ? 13 VAL A HG12 9  
ATOM   1852 H HG13 . VAL A 1 13 ? -2.749 0.602  8.055   1.00 4.44 ? 13 VAL A HG13 9  
ATOM   1853 H HG21 . VAL A 1 13 ? -2.125 -1.307 4.902   1.00 4.42 ? 13 VAL A HG21 9  
ATOM   1854 H HG22 . VAL A 1 13 ? -0.780 -1.716 5.967   1.00 4.60 ? 13 VAL A HG22 9  
ATOM   1855 H HG23 . VAL A 1 13 ? -0.536 -0.593 4.629   1.00 4.77 ? 13 VAL A HG23 9  
ATOM   1856 N N    . GLY A 1 14 ? -1.551 3.207  6.869   1.00 2.56 ? 14 GLY A N    9  
ATOM   1857 C CA   . GLY A 1 14 ? -1.733 4.423  7.624   1.00 3.19 ? 14 GLY A CA   9  
ATOM   1858 C C    . GLY A 1 14 ? -1.321 5.625  6.810   1.00 2.98 ? 14 GLY A C    9  
ATOM   1859 O O    . GLY A 1 14 ? -0.993 6.678  7.356   1.00 3.82 ? 14 GLY A O    9  
ATOM   1860 H H    . GLY A 1 14 ? -0.644 2.867  6.709   1.00 2.45 ? 14 GLY A H    9  
ATOM   1861 H HA2  . GLY A 1 14 ? -2.774 4.518  7.899   1.00 3.79 ? 14 GLY A HA2  9  
ATOM   1862 H HA3  . GLY A 1 14 ? -1.131 4.380  8.518   1.00 3.61 ? 14 GLY A HA3  9  
ATOM   1863 N N    . HIS A 1 15 ? -1.351 5.450  5.487   1.00 2.16 ? 15 HIS A N    9  
ATOM   1864 C CA   . HIS A 1 15 ? -0.917 6.470  4.539   1.00 2.49 ? 15 HIS A CA   9  
ATOM   1865 C C    . HIS A 1 15 ? 0.556  6.798  4.749   1.00 2.62 ? 15 HIS A C    9  
ATOM   1866 O O    . HIS A 1 15 ? 0.865  7.860  5.331   1.00 2.89 ? 15 HIS A O    9  
ATOM   1867 C CB   . HIS A 1 15 ? -1.778 7.732  4.654   1.00 3.02 ? 15 HIS A CB   9  
ATOM   1868 C CG   . HIS A 1 15 ? -3.223 7.498  4.334   1.00 3.82 ? 15 HIS A CG   9  
ATOM   1869 N ND1  . HIS A 1 15 ? -4.237 7.685  5.246   1.00 4.57 ? 15 HIS A ND1  9  
ATOM   1870 C CD2  . HIS A 1 15 ? -3.817 7.076  3.195   1.00 4.40 ? 15 HIS A CD2  9  
ATOM   1871 C CE1  . HIS A 1 15 ? -5.394 7.384  4.682   1.00 5.31 ? 15 HIS A CE1  9  
ATOM   1872 N NE2  . HIS A 1 15 ? -5.165 7.013  3.438   1.00 5.25 ? 15 HIS A NE2  9  
ATOM   1873 O OXT  . HIS A 1 15 ? 1.404  5.974  4.346   1.00 3.16 ? 15 HIS A OXT  9  
ATOM   1874 H H    . HIS A 1 15 ? -1.679 4.595  5.137   1.00 1.62 ? 15 HIS A H    9  
ATOM   1875 H HA   . HIS A 1 15 ? -1.035 6.059  3.547   1.00 3.10 ? 15 HIS A HA   9  
ATOM   1876 H HB2  . HIS A 1 15 ? -1.718 8.111  5.662   1.00 3.53 ? 15 HIS A HB2  9  
ATOM   1877 H HB3  . HIS A 1 15 ? -1.402 8.479  3.971   1.00 2.94 ? 15 HIS A HB3  9  
ATOM   1878 H HD1  . HIS A 1 15 ? -4.130 8.003  6.171   1.00 4.78 ? 15 HIS A HD1  9  
ATOM   1879 H HD2  . HIS A 1 15 ? -3.322 6.840  2.263   1.00 4.49 ? 15 HIS A HD2  9  
ATOM   1880 H HE1  . HIS A 1 15 ? -6.361 7.435  5.157   1.00 6.06 ? 15 HIS A HE1  9  
ATOM   1881 H HE2  . HIS A 1 15 ? -5.836 6.615  2.834   1.00 5.92 ? 15 HIS A HE2  9  
ATOM   1882 N N    . ALA A 1 1  ? 5.294  -6.680 -7.443  1.00 4.02 ? 1  ALA A N    10 
ATOM   1883 C CA   . ALA A 1 1  ? 5.871  -5.319 -7.448  1.00 3.27 ? 1  ALA A CA   10 
ATOM   1884 C C    . ALA A 1 1  ? 4.785  -4.273 -7.677  1.00 2.38 ? 1  ALA A C    10 
ATOM   1885 O O    . ALA A 1 1  ? 4.907  -3.412 -8.548  1.00 2.67 ? 1  ALA A O    10 
ATOM   1886 C CB   . ALA A 1 1  ? 6.959  -5.208 -8.509  1.00 3.84 ? 1  ALA A CB   10 
ATOM   1887 H H1   . ALA A 1 1  ? 6.043  -7.387 -7.329  1.00 4.36 ? 1  ALA A H1   10 
ATOM   1888 H H2   . ALA A 1 1  ? 4.792  -6.863 -8.333  1.00 4.56 ? 1  ALA A H2   10 
ATOM   1889 H H3   . ALA A 1 1  ? 4.622  -6.779 -6.657  1.00 4.11 ? 1  ALA A H3   10 
ATOM   1890 H HA   . ALA A 1 1  ? 6.326  -5.141 -6.483  1.00 3.54 ? 1  ALA A HA   10 
ATOM   1891 H HB1  . ALA A 1 1  ? 7.722  -5.950 -8.322  1.00 3.89 ? 1  ALA A HB1  10 
ATOM   1892 H HB2  . ALA A 1 1  ? 7.400  -4.222 -8.470  1.00 4.24 ? 1  ALA A HB2  10 
ATOM   1893 H HB3  . ALA A 1 1  ? 6.528  -5.372 -9.484  1.00 4.31 ? 1  ALA A HB3  10 
ATOM   1894 N N    . PHE A 1 2  ? 3.709  -4.368 -6.904  1.00 1.89 ? 2  PHE A N    10 
ATOM   1895 C CA   . PHE A 1 2  ? 2.631  -3.396 -6.964  1.00 1.21 ? 2  PHE A CA   10 
ATOM   1896 C C    . PHE A 1 2  ? 2.239  -2.977 -5.555  1.00 1.11 ? 2  PHE A C    10 
ATOM   1897 O O    . PHE A 1 2  ? 1.131  -3.251 -5.092  1.00 1.07 ? 2  PHE A O    10 
ATOM   1898 C CB   . PHE A 1 2  ? 1.424  -3.980 -7.699  1.00 1.44 ? 2  PHE A CB   10 
ATOM   1899 C CG   . PHE A 1 2  ? 1.638  -4.135 -9.178  1.00 1.96 ? 2  PHE A CG   10 
ATOM   1900 C CD1  . PHE A 1 2  ? 1.523  -3.048 -10.028 1.00 2.45 ? 2  PHE A CD1  10 
ATOM   1901 C CD2  . PHE A 1 2  ? 1.950  -5.371 -9.714  1.00 2.37 ? 2  PHE A CD2  10 
ATOM   1902 C CE1  . PHE A 1 2  ? 1.719  -3.192 -11.387 1.00 3.14 ? 2  PHE A CE1  10 
ATOM   1903 C CE2  . PHE A 1 2  ? 2.149  -5.521 -11.071 1.00 2.92 ? 2  PHE A CE2  10 
ATOM   1904 C CZ   . PHE A 1 2  ? 2.033  -4.411 -11.910 1.00 3.26 ? 2  PHE A CZ   10 
ATOM   1905 H H    . PHE A 1 2  ? 3.632  -5.115 -6.276  1.00 2.46 ? 2  PHE A H    10 
ATOM   1906 H HA   . PHE A 1 2  ? 2.989  -2.531 -7.500  1.00 1.39 ? 2  PHE A HA   10 
ATOM   1907 H HB2  . PHE A 1 2  ? 1.201  -4.955 -7.294  1.00 1.76 ? 2  PHE A HB2  10 
ATOM   1908 H HB3  . PHE A 1 2  ? 0.577  -3.334 -7.549  1.00 1.70 ? 2  PHE A HB3  10 
ATOM   1909 H HD1  . PHE A 1 2  ? 1.279  -2.079 -9.620  1.00 2.50 ? 2  PHE A HD1  10 
ATOM   1910 H HD2  . PHE A 1 2  ? 2.041  -6.225 -9.059  1.00 2.50 ? 2  PHE A HD2  10 
ATOM   1911 H HE1  . PHE A 1 2  ? 1.627  -2.336 -12.039 1.00 3.72 ? 2  PHE A HE1  10 
ATOM   1912 H HE2  . PHE A 1 2  ? 2.391  -6.489 -11.476 1.00 3.27 ? 2  PHE A HE2  10 
ATOM   1913 H HZ   . PHE A 1 2  ? 2.187  -4.517 -12.973 1.00 3.81 ? 2  PHE A HZ   10 
ATOM   1914 N N    . ARG A 1 3  ? 3.162  -2.316 -4.871  1.00 1.22 ? 3  ARG A N    10 
ATOM   1915 C CA   . ARG A 1 3  ? 2.942  -1.932 -3.485  1.00 1.28 ? 3  ARG A CA   10 
ATOM   1916 C C    . ARG A 1 3  ? 2.246  -0.568 -3.370  1.00 1.06 ? 3  ARG A C    10 
ATOM   1917 O O    . ARG A 1 3  ? 1.169  -0.494 -2.787  1.00 1.01 ? 3  ARG A O    10 
ATOM   1918 C CB   . ARG A 1 3  ? 4.257  -1.951 -2.697  1.00 1.68 ? 3  ARG A CB   10 
ATOM   1919 C CG   . ARG A 1 3  ? 4.938  -3.310 -2.693  1.00 2.02 ? 3  ARG A CG   10 
ATOM   1920 C CD   . ARG A 1 3  ? 6.210  -3.302 -1.860  1.00 2.47 ? 3  ARG A CD   10 
ATOM   1921 N NE   . ARG A 1 3  ? 7.167  -2.298 -2.319  1.00 3.13 ? 3  ARG A NE   10 
ATOM   1922 C CZ   . ARG A 1 3  ? 8.344  -2.583 -2.883  1.00 3.82 ? 3  ARG A CZ   10 
ATOM   1923 N NH1  . ARG A 1 3  ? 8.681  -3.841 -3.144  1.00 3.89 ? 3  ARG A NH1  10 
ATOM   1924 N NH2  . ARG A 1 3  ? 9.179  -1.606 -3.203  1.00 4.74 ? 3  ARG A NH2  10 
ATOM   1925 H H    . ARG A 1 3  ? 4.006  -2.075 -5.310  1.00 1.34 ? 3  ARG A H    10 
ATOM   1926 H HA   . ARG A 1 3  ? 2.284  -2.675 -3.058  1.00 1.33 ? 3  ARG A HA   10 
ATOM   1927 H HB2  . ARG A 1 3  ? 4.935  -1.233 -3.129  1.00 1.75 ? 3  ARG A HB2  10 
ATOM   1928 H HB3  . ARG A 1 3  ? 4.055  -1.671 -1.674  1.00 1.76 ? 3  ARG A HB3  10 
ATOM   1929 H HG2  . ARG A 1 3  ? 4.258  -4.041 -2.282  1.00 2.05 ? 3  ARG A HG2  10 
ATOM   1930 H HG3  . ARG A 1 3  ? 5.188  -3.578 -3.710  1.00 2.00 ? 3  ARG A HG3  10 
ATOM   1931 H HD2  . ARG A 1 3  ? 5.949  -3.091 -0.832  1.00 2.56 ? 3  ARG A HD2  10 
ATOM   1932 H HD3  . ARG A 1 3  ? 6.667  -4.278 -1.918  1.00 2.86 ? 3  ARG A HD3  10 
ATOM   1933 H HE   . ARG A 1 3  ? 6.931  -1.354 -2.173  1.00 3.36 ? 3  ARG A HE   10 
ATOM   1934 H HH11 . ARG A 1 3  ? 8.056  -4.590 -2.919  1.00 3.61 ? 3  ARG A HH11 10 
ATOM   1935 H HH12 . ARG A 1 3  ? 9.564  -4.047 -3.578  1.00 4.47 ? 3  ARG A HH12 10 
ATOM   1936 H HH21 . ARG A 1 3  ? 8.931  -0.648 -3.025  1.00 5.04 ? 3  ARG A HH21 10 
ATOM   1937 H HH22 . ARG A 1 3  ? 10.070 -1.817 -3.616  1.00 5.29 ? 3  ARG A HH22 10 
HETATM 1938 N N    . HZP A 1 4  ? 2.810  0.529  -3.934  1.00 1.10 ? 4  HZP A N    10 
HETATM 1939 C CA   . HZP A 1 4  ? 2.224  1.874  -3.781  1.00 1.24 ? 4  HZP A CA   10 
HETATM 1940 C C    . HZP A 1 4  ? 0.978  2.085  -4.643  1.00 1.10 ? 4  HZP A C    10 
HETATM 1941 O O    . HZP A 1 4  ? 0.830  3.109  -5.312  1.00 1.54 ? 4  HZP A O    10 
HETATM 1942 C CB   . HZP A 1 4  ? 3.347  2.803  -4.237  1.00 1.56 ? 4  HZP A CB   10 
HETATM 1943 C CG   . HZP A 1 4  ? 4.143  1.991  -5.210  1.00 1.41 ? 4  HZP A CG   10 
HETATM 1944 C CD   . HZP A 1 4  ? 4.041  0.563  -4.756  1.00 1.23 ? 4  HZP A CD   10 
HETATM 1945 O OD1  . HZP A 1 4  ? 3.618  2.132  -6.536  1.00 1.27 ? 4  HZP A OD1  10 
HETATM 1946 H HA   . HZP A 1 4  ? 1.980  2.080  -2.746  1.00 1.38 ? 4  HZP A HA   10 
HETATM 1947 H HB   . HZP A 1 4  ? 2.926  3.682  -4.712  1.00 1.70 ? 4  HZP A HB   10 
HETATM 1948 H HBA  . HZP A 1 4  ? 3.964  3.083  -3.401  1.00 1.81 ? 4  HZP A HBA  10 
HETATM 1949 H HG   . HZP A 1 4  ? 5.174  2.315  -5.206  1.00 1.66 ? 4  HZP A HG   10 
HETATM 1950 H HD   . HZP A 1 4  ? 4.908  0.304  -4.167  1.00 1.48 ? 4  HZP A HD   10 
HETATM 1951 H HDA  . HZP A 1 4  ? 3.951  -0.091 -5.609  1.00 1.08 ? 4  HZP A HDA  10 
HETATM 1952 H HOD1 . HZP A 1 4  ? 4.349  2.111  -7.168  1.00 1.29 ? 4  HZP A HOD1 10 
ATOM   1953 N N    . THR A 1 5  ? 0.091  1.109  -4.616  1.00 0.66 ? 5  THR A N    10 
ATOM   1954 C CA   . THR A 1 5  ? -1.166 1.173  -5.334  1.00 0.83 ? 5  THR A CA   10 
ATOM   1955 C C    . THR A 1 5  ? -2.137 0.188  -4.694  1.00 0.76 ? 5  THR A C    10 
ATOM   1956 O O    . THR A 1 5  ? -1.766 -0.954 -4.419  1.00 0.75 ? 5  THR A O    10 
ATOM   1957 C CB   . THR A 1 5  ? -0.988 0.870  -6.843  1.00 1.01 ? 5  THR A CB   10 
ATOM   1958 O OG1  . THR A 1 5  ? -2.238 1.012  -7.526  1.00 1.87 ? 5  THR A OG1  10 
ATOM   1959 C CG2  . THR A 1 5  ? -0.429 -0.528 -7.078  1.00 1.28 ? 5  THR A CG2  10 
ATOM   1960 H H    . THR A 1 5  ? 0.285  0.310  -4.070  1.00 0.45 ? 5  THR A H    10 
ATOM   1961 H HA   . THR A 1 5  ? -1.561 2.174  -5.226  1.00 1.19 ? 5  THR A HA   10 
ATOM   1962 H HB   . THR A 1 5  ? -0.288 1.587  -7.250  1.00 1.57 ? 5  THR A HB   10 
ATOM   1963 H HG1  . THR A 1 5  ? -2.362 1.938  -7.769  1.00 2.23 ? 5  THR A HG1  10 
ATOM   1964 H HG21 . THR A 1 5  ? -1.100 -1.259 -6.650  1.00 1.52 ? 5  THR A HG21 10 
ATOM   1965 H HG22 . THR A 1 5  ? 0.541  -0.613 -6.610  1.00 1.80 ? 5  THR A HG22 10 
ATOM   1966 H HG23 . THR A 1 5  ? -0.335 -0.704 -8.139  1.00 1.80 ? 5  THR A HG23 10 
ATOM   1967 N N    . ALA A 1 6  ? -3.362 0.642  -4.432  1.00 0.97 ? 6  ALA A N    10 
ATOM   1968 C CA   . ALA A 1 6  ? -4.320 -0.131 -3.644  1.00 1.16 ? 6  ALA A CA   10 
ATOM   1969 C C    . ALA A 1 6  ? -3.666 -0.589 -2.338  1.00 1.23 ? 6  ALA A C    10 
ATOM   1970 O O    . ALA A 1 6  ? -3.509 -1.787 -2.095  1.00 1.28 ? 6  ALA A O    10 
ATOM   1971 C CB   . ALA A 1 6  ? -4.845 -1.322 -4.439  1.00 1.15 ? 6  ALA A CB   10 
ATOM   1972 H H    . ALA A 1 6  ? -3.628 1.521  -4.779  1.00 1.14 ? 6  ALA A H    10 
ATOM   1973 H HA   . ALA A 1 6  ? -5.154 0.515  -3.408  1.00 1.41 ? 6  ALA A HA   10 
ATOM   1974 H HB1  . ALA A 1 6  ? -5.571 -1.858 -3.846  1.00 1.43 ? 6  ALA A HB1  10 
ATOM   1975 H HB2  . ALA A 1 6  ? -4.026 -1.980 -4.687  1.00 1.43 ? 6  ALA A HB2  10 
ATOM   1976 H HB3  . ALA A 1 6  ? -5.312 -0.970 -5.347  1.00 1.49 ? 6  ALA A HB3  10 
ATOM   1977 N N    . PRO A 1 7  ? -3.275 0.373  -1.484  1.00 1.41 ? 7  PRO A N    10 
ATOM   1978 C CA   . PRO A 1 7  ? -2.464 0.107  -0.288  1.00 1.60 ? 7  PRO A CA   10 
ATOM   1979 C C    . PRO A 1 7  ? -3.129 -0.855 0.689   1.00 1.74 ? 7  PRO A C    10 
ATOM   1980 O O    . PRO A 1 7  ? -4.341 -0.798 0.907   1.00 2.42 ? 7  PRO A O    10 
ATOM   1981 C CB   . PRO A 1 7  ? -2.307 1.491  0.355   1.00 1.84 ? 7  PRO A CB   10 
ATOM   1982 C CG   . PRO A 1 7  ? -2.578 2.457  -0.740  1.00 1.77 ? 7  PRO A CG   10 
ATOM   1983 C CD   . PRO A 1 7  ? -3.612 1.800  -1.602  1.00 1.54 ? 7  PRO A CD   10 
ATOM   1984 H HA   . PRO A 1 7  ? -1.491 -0.277 -0.555  1.00 1.56 ? 7  PRO A HA   10 
ATOM   1985 H HB2  . PRO A 1 7  ? -3.019 1.598  1.158   1.00 2.13 ? 7  PRO A HB2  10 
ATOM   1986 H HB3  . PRO A 1 7  ? -1.305 1.605  0.740   1.00 1.93 ? 7  PRO A HB3  10 
ATOM   1987 H HG2  . PRO A 1 7  ? -2.961 3.377  -0.329  1.00 2.10 ? 7  PRO A HG2  10 
ATOM   1988 H HG3  . PRO A 1 7  ? -1.677 2.638  -1.307  1.00 1.81 ? 7  PRO A HG3  10 
ATOM   1989 H HD2  . PRO A 1 7  ? -4.604 1.996  -1.222  1.00 1.84 ? 7  PRO A HD2  10 
ATOM   1990 H HD3  . PRO A 1 7  ? -3.522 2.134  -2.624  1.00 1.40 ? 7  PRO A HD3  10 
ATOM   1991 N N    . GLY A 1 8  ? -2.330 -1.737 1.275   1.00 1.21 ? 8  GLY A N    10 
ATOM   1992 C CA   . GLY A 1 8  ? -2.851 -2.683 2.239   1.00 1.29 ? 8  GLY A CA   10 
ATOM   1993 C C    . GLY A 1 8  ? -1.866 -2.977 3.351   1.00 1.06 ? 8  GLY A C    10 
ATOM   1994 O O    . GLY A 1 8  ? -2.200 -2.854 4.530   1.00 1.73 ? 8  GLY A O    10 
ATOM   1995 H H    . GLY A 1 8  ? -1.374 -1.748 1.045   1.00 0.98 ? 8  GLY A H    10 
ATOM   1996 H HA2  . GLY A 1 8  ? -3.753 -2.278 2.671   1.00 1.77 ? 8  GLY A HA2  10 
ATOM   1997 H HA3  . GLY A 1 8  ? -3.089 -3.605 1.730   1.00 1.47 ? 8  GLY A HA3  10 
ATOM   1998 N N    . HIS A 1 9  ? -0.653 -3.368 2.983   1.00 1.09 ? 9  HIS A N    10 
ATOM   1999 C CA   . HIS A 1 9  ? 0.369  -3.711 3.967   1.00 1.69 ? 9  HIS A CA   10 
ATOM   2000 C C    . HIS A 1 9  ? 1.308  -2.533 4.227   1.00 1.81 ? 9  HIS A C    10 
ATOM   2001 O O    . HIS A 1 9  ? 0.930  -1.562 4.886   1.00 2.36 ? 9  HIS A O    10 
ATOM   2002 C CB   . HIS A 1 9  ? 1.170  -4.936 3.517   1.00 2.23 ? 9  HIS A CB   10 
ATOM   2003 C CG   . HIS A 1 9  ? 0.399  -6.219 3.559   1.00 2.86 ? 9  HIS A CG   10 
ATOM   2004 N ND1  . HIS A 1 9  ? -0.156 -6.809 2.443   1.00 3.59 ? 9  HIS A ND1  10 
ATOM   2005 C CD2  . HIS A 1 9  ? 0.102  -7.037 4.598   1.00 3.41 ? 9  HIS A CD2  10 
ATOM   2006 C CE1  . HIS A 1 9  ? -0.759 -7.930 2.793   1.00 4.30 ? 9  HIS A CE1  10 
ATOM   2007 N NE2  . HIS A 1 9  ? -0.619 -8.091 4.094   1.00 4.18 ? 9  HIS A NE2  10 
ATOM   2008 H H    . HIS A 1 9  ? -0.440 -3.430 2.027   1.00 1.37 ? 9  HIS A H    10 
ATOM   2009 H HA   . HIS A 1 9  ? -0.139 -3.951 4.890   1.00 2.18 ? 9  HIS A HA   10 
ATOM   2010 H HB2  . HIS A 1 9  ? 1.502  -4.786 2.501   1.00 2.30 ? 9  HIS A HB2  10 
ATOM   2011 H HB3  . HIS A 1 9  ? 2.034  -5.048 4.156   1.00 2.72 ? 9  HIS A HB3  10 
ATOM   2012 H HD1  . HIS A 1 9  ? -0.108 -6.460 1.522   1.00 3.85 ? 9  HIS A HD1  10 
ATOM   2013 H HD2  . HIS A 1 9  ? 0.384  -6.887 5.630   1.00 3.60 ? 9  HIS A HD2  10 
ATOM   2014 H HE1  . HIS A 1 9  ? -1.279 -8.602 2.128   1.00 5.09 ? 9  HIS A HE1  10 
ATOM   2015 H HE2  . HIS A 1 9  ? -0.824 -8.919 4.582   1.00 4.80 ? 9  HIS A HE2  10 
ATOM   2016 N N    . SER A 1 10 ? 2.524  -2.618 3.695   1.00 1.82 ? 10 SER A N    10 
ATOM   2017 C CA   . SER A 1 10 ? 3.525  -1.570 3.873   1.00 2.36 ? 10 SER A CA   10 
ATOM   2018 C C    . SER A 1 10 ? 3.117  -0.264 3.172   1.00 2.06 ? 10 SER A C    10 
ATOM   2019 O O    . SER A 1 10 ? 3.270  0.808  3.758   1.00 2.00 ? 10 SER A O    10 
ATOM   2020 C CB   . SER A 1 10 ? 4.892  -2.050 3.370   1.00 3.00 ? 10 SER A CB   10 
ATOM   2021 O OG   . SER A 1 10 ? 5.888  -1.055 3.536   1.00 3.75 ? 10 SER A OG   10 
ATOM   2022 H H    . SER A 1 10 ? 2.758  -3.411 3.170   1.00 1.80 ? 10 SER A H    10 
ATOM   2023 H HA   . SER A 1 10 ? 3.600  -1.373 4.931   1.00 2.77 ? 10 SER A HA   10 
ATOM   2024 H HB2  . SER A 1 10 ? 5.187  -2.926 3.926   1.00 3.09 ? 10 SER A HB2  10 
ATOM   2025 H HB3  . SER A 1 10 ? 4.821  -2.296 2.321   1.00 3.32 ? 10 SER A HB3  10 
ATOM   2026 H HG   . SER A 1 10 ? 6.484  -1.073 2.777   1.00 4.03 ? 10 SER A HG   10 
HETATM 2027 N N    . HZP A 1 11 ? 2.631  -0.325 1.900   1.00 2.01 ? 11 HZP A N    10 
HETATM 2028 C CA   . HZP A 1 11 ? 2.098  0.840  1.183   1.00 1.78 ? 11 HZP A CA   10 
HETATM 2029 C C    . HZP A 1 11 ? 1.329  1.802  2.086   1.00 1.66 ? 11 HZP A C    10 
HETATM 2030 O O    . HZP A 1 11 ? 1.587  3.006  2.093   1.00 2.33 ? 11 HZP A O    10 
HETATM 2031 C CB   . HZP A 1 11 ? 1.140  0.221  0.169   1.00 1.72 ? 11 HZP A CB   10 
HETATM 2032 C CG   . HZP A 1 11 ? 1.501  -1.235 0.064   1.00 2.09 ? 11 HZP A CG   10 
HETATM 2033 C CD   . HZP A 1 11 ? 2.618  -1.509 1.032   1.00 2.34 ? 11 HZP A CD   10 
HETATM 2034 O OD1  . HZP A 1 11 ? 0.362  -2.049 0.373   1.00 2.23 ? 11 HZP A OD1  10 
HETATM 2035 H HA   . HZP A 1 11 ? 2.876  1.372  0.661   1.00 1.87 ? 11 HZP A HA   10 
HETATM 2036 H HB   . HZP A 1 11 ? 0.123  0.337  0.520   1.00 1.63 ? 11 HZP A HB   10 
HETATM 2037 H HBA  . HZP A 1 11 ? 1.257  0.696  -0.793  1.00 1.65 ? 11 HZP A HBA  10 
HETATM 2038 H HG   . HZP A 1 11 ? 1.823  -1.455 -0.940  1.00 2.18 ? 11 HZP A HG   10 
HETATM 2039 H HD   . HZP A 1 11 ? 3.552  -1.610 0.500   1.00 2.79 ? 11 HZP A HD   10 
HETATM 2040 H HDA  . HZP A 1 11 ? 2.405  -2.402 1.600   1.00 2.45 ? 11 HZP A HDA  10 
HETATM 2041 H HOD1 . HZP A 1 11 ? 0.408  -2.860 -0.152  1.00 2.38 ? 11 HZP A HOD1 10 
ATOM   2042 N N    . GLY A 1 12 ? 0.387  1.257  2.844   1.00 1.10 ? 12 GLY A N    10 
ATOM   2043 C CA   . GLY A 1 12 ? -0.365 2.059  3.781   1.00 1.23 ? 12 GLY A CA   10 
ATOM   2044 C C    . GLY A 1 12 ? -1.641 1.382  4.226   1.00 1.34 ? 12 GLY A C    10 
ATOM   2045 O O    . GLY A 1 12 ? -2.269 0.655  3.457   1.00 2.06 ? 12 GLY A O    10 
ATOM   2046 H H    . GLY A 1 12 ? 0.200  0.301  2.762   1.00 1.05 ? 12 GLY A H    10 
ATOM   2047 H HA2  . GLY A 1 12 ? 0.250  2.249  4.648   1.00 1.86 ? 12 GLY A HA2  10 
ATOM   2048 H HA3  . GLY A 1 12 ? -0.615 3.001  3.316   1.00 1.56 ? 12 GLY A HA3  10 
ATOM   2049 N N    . VAL A 1 13 ? -2.013 1.603  5.475   1.00 1.72 ? 13 VAL A N    10 
ATOM   2050 C CA   . VAL A 1 13 ? -3.275 1.104  5.999   1.00 2.59 ? 13 VAL A CA   10 
ATOM   2051 C C    . VAL A 1 13 ? -4.312 2.229  5.990   1.00 2.74 ? 13 VAL A C    10 
ATOM   2052 O O    . VAL A 1 13 ? -5.516 1.991  5.858   1.00 3.50 ? 13 VAL A O    10 
ATOM   2053 C CB   . VAL A 1 13 ? -3.108 0.530  7.427   1.00 3.44 ? 13 VAL A CB   10 
ATOM   2054 C CG1  . VAL A 1 13 ? -2.585 1.587  8.390   1.00 4.05 ? 13 VAL A CG1  10 
ATOM   2055 C CG2  . VAL A 1 13 ? -4.416 -0.065 7.934   1.00 4.25 ? 13 VAL A CG2  10 
ATOM   2056 H H    . VAL A 1 13 ? -1.420 2.116  6.064   1.00 1.92 ? 13 VAL A H    10 
ATOM   2057 H HA   . VAL A 1 13 ? -3.615 0.311  5.348   1.00 3.05 ? 13 VAL A HA   10 
ATOM   2058 H HB   . VAL A 1 13 ? -2.377 -0.266 7.382   1.00 3.50 ? 13 VAL A HB   10 
ATOM   2059 H HG11 . VAL A 1 13 ? -2.482 1.157  9.375   1.00 4.45 ? 13 VAL A HG11 10 
ATOM   2060 H HG12 . VAL A 1 13 ? -3.279 2.414  8.429   1.00 4.09 ? 13 VAL A HG12 10 
ATOM   2061 H HG13 . VAL A 1 13 ? -1.623 1.941  8.050   1.00 4.44 ? 13 VAL A HG13 10 
ATOM   2062 H HG21 . VAL A 1 13 ? -4.727 -0.864 7.276   1.00 4.42 ? 13 VAL A HG21 10 
ATOM   2063 H HG22 . VAL A 1 13 ? -5.175 0.703  7.952   1.00 4.60 ? 13 VAL A HG22 10 
ATOM   2064 H HG23 . VAL A 1 13 ? -4.273 -0.455 8.929   1.00 4.77 ? 13 VAL A HG23 10 
ATOM   2065 N N    . GLY A 1 14 ? -3.825 3.457  6.108   1.00 2.56 ? 14 GLY A N    10 
ATOM   2066 C CA   . GLY A 1 14 ? -4.689 4.618  6.048   1.00 3.19 ? 14 GLY A CA   10 
ATOM   2067 C C    . GLY A 1 14 ? -4.100 5.713  5.180   1.00 2.98 ? 14 GLY A C    10 
ATOM   2068 O O    . GLY A 1 14 ? -4.691 6.781  5.022   1.00 3.82 ? 14 GLY A O    10 
ATOM   2069 H H    . GLY A 1 14 ? -2.861 3.576  6.248   1.00 2.45 ? 14 GLY A H    10 
ATOM   2070 H HA2  . GLY A 1 14 ? -5.645 4.324  5.641   1.00 3.79 ? 14 GLY A HA2  10 
ATOM   2071 H HA3  . GLY A 1 14 ? -4.834 5.002  7.045   1.00 3.61 ? 14 GLY A HA3  10 
ATOM   2072 N N    . HIS A 1 15 ? -2.932 5.440  4.618   1.00 2.16 ? 15 HIS A N    10 
ATOM   2073 C CA   . HIS A 1 15 ? -2.252 6.394  3.757   1.00 2.49 ? 15 HIS A CA   10 
ATOM   2074 C C    . HIS A 1 15 ? -2.612 6.126  2.305   1.00 2.62 ? 15 HIS A C    10 
ATOM   2075 O O    . HIS A 1 15 ? -2.158 5.102  1.761   1.00 2.89 ? 15 HIS A O    10 
ATOM   2076 C CB   . HIS A 1 15 ? -0.735 6.311  3.951   1.00 3.02 ? 15 HIS A CB   10 
ATOM   2077 C CG   . HIS A 1 15 ? 0.043  7.248  3.078   1.00 3.82 ? 15 HIS A CG   10 
ATOM   2078 N ND1  . HIS A 1 15 ? 0.182  8.592  3.350   1.00 4.57 ? 15 HIS A ND1  10 
ATOM   2079 C CD2  . HIS A 1 15 ? 0.733  7.027  1.932   1.00 4.40 ? 15 HIS A CD2  10 
ATOM   2080 C CE1  . HIS A 1 15 ? 0.920  9.155  2.412   1.00 5.31 ? 15 HIS A CE1  10 
ATOM   2081 N NE2  . HIS A 1 15 ? 1.267  8.229  1.542   1.00 5.25 ? 15 HIS A NE2  10 
ATOM   2082 O OXT  . HIS A 1 15 ? -3.350 6.936  1.717   1.00 3.16 ? 15 HIS A OXT  10 
ATOM   2083 H H    . HIS A 1 15 ? -2.520 4.566  4.774   1.00 1.62 ? 15 HIS A H    10 
ATOM   2084 H HA   . HIS A 1 15 ? -2.591 7.384  4.024   1.00 3.10 ? 15 HIS A HA   10 
ATOM   2085 H HB2  . HIS A 1 15 ? -0.499 6.546  4.978   1.00 3.53 ? 15 HIS A HB2  10 
ATOM   2086 H HB3  . HIS A 1 15 ? -0.408 5.305  3.735   1.00 2.94 ? 15 HIS A HB3  10 
ATOM   2087 H HD1  . HIS A 1 15 ? -0.213 9.067  4.117   1.00 4.78 ? 15 HIS A HD1  10 
ATOM   2088 H HD2  . HIS A 1 15 ? 0.842  6.080  1.423   1.00 4.49 ? 15 HIS A HD2  10 
ATOM   2089 H HE1  . HIS A 1 15 ? 1.195  10.199 2.366   1.00 6.06 ? 15 HIS A HE1  10 
ATOM   2090 H HE2  . HIS A 1 15 ? 1.731  8.395  0.693   1.00 5.92 ? 15 HIS A HE2  10 
# 
